data_9N71
#
_entry.id   9N71
#
_entity_poly.entity_id   1
_entity_poly.type   'polypeptide(L)'
_entity_poly.pdbx_seq_one_letter_code
;MQQNFGTALGDGFVLNEATLMIGALGSALDLTEEEHSVGLFKNLAIANDKTFQDLNQGVTQDTVHSQKTGDNWTISGNGY
EYNPRTIMYALGQAGFTADPTAARTRAVVSAPAAVGVSEISVQSATGLAVGDWVILYNKLGDNNGLAYKIDAIATNTITL
DRDLVAPVAVGDELVKSTLINTNNPNSCSGAEYFSAKIVSADVNCNPIVVIVPKVQITSGLNLAFGATDYANIAYQMKAM
ALTRKDAGYDLYVQHGKSKVFLLT
;
_entity_poly.pdbx_strand_id   B,A,C,D,E,F
#
# COMPACT_ATOMS: atom_id res chain seq x y z
N MET A 1 2.39 -15.61 43.25
CA MET A 1 1.29 -14.65 43.48
C MET A 1 0.75 -14.16 42.14
N GLN A 2 1.34 -14.63 41.04
CA GLN A 2 0.92 -14.16 39.69
C GLN A 2 -0.49 -14.68 39.38
N GLN A 3 -1.32 -13.86 38.74
CA GLN A 3 -2.72 -14.27 38.47
C GLN A 3 -2.93 -14.26 36.96
N ASN A 4 -3.72 -15.20 36.45
CA ASN A 4 -3.92 -15.31 34.98
C ASN A 4 -5.26 -14.70 34.61
N PHE A 5 -5.31 -13.88 33.56
CA PHE A 5 -6.54 -13.17 33.18
C PHE A 5 -6.94 -13.59 31.78
N GLY A 6 -8.24 -13.65 31.50
CA GLY A 6 -8.76 -14.07 30.22
C GLY A 6 -8.54 -15.55 29.94
N THR A 7 -8.82 -16.39 30.93
CA THR A 7 -8.64 -17.83 30.82
C THR A 7 -9.91 -18.48 30.28
N ALA A 8 -9.75 -19.71 29.80
CA ALA A 8 -10.83 -20.44 29.15
C ALA A 8 -11.83 -20.97 30.18
N LEU A 9 -13.10 -21.09 29.80
CA LEU A 9 -14.16 -21.57 30.72
C LEU A 9 -14.75 -22.87 30.19
N GLY A 10 -14.38 -23.28 28.98
CA GLY A 10 -14.88 -24.53 28.38
C GLY A 10 -13.88 -25.16 27.44
N ASP A 11 -14.34 -26.06 26.57
CA ASP A 11 -13.42 -26.73 25.59
C ASP A 11 -13.94 -26.61 24.16
N GLY A 12 -14.82 -25.66 23.86
CA GLY A 12 -15.39 -25.59 22.51
C GLY A 12 -14.52 -24.78 21.59
N PHE A 13 -13.46 -25.39 21.07
CA PHE A 13 -12.54 -24.68 20.16
C PHE A 13 -12.70 -25.31 18.78
N VAL A 14 -12.41 -24.60 17.69
CA VAL A 14 -12.66 -25.16 16.33
C VAL A 14 -11.40 -25.14 15.49
N LEU A 15 -10.85 -26.30 15.13
CA LEU A 15 -9.75 -26.41 14.18
C LEU A 15 -10.08 -27.53 13.20
N ASN A 16 -10.70 -27.19 12.08
CA ASN A 16 -11.17 -28.18 11.12
C ASN A 16 -11.63 -27.45 9.87
N GLU A 17 -12.01 -28.23 8.86
CA GLU A 17 -12.62 -27.71 7.65
C GLU A 17 -14.12 -27.99 7.69
N ALA A 18 -14.84 -27.41 6.72
CA ALA A 18 -16.28 -27.53 6.66
C ALA A 18 -16.73 -27.98 5.28
N THR A 19 -17.88 -28.64 5.23
CA THR A 19 -18.47 -29.16 4.00
C THR A 19 -19.63 -28.25 3.60
N LEU A 20 -19.65 -27.83 2.35
CA LEU A 20 -20.69 -26.95 1.83
C LEU A 20 -21.57 -27.74 0.86
N MET A 21 -22.87 -27.75 1.12
CA MET A 21 -23.86 -28.43 0.29
C MET A 21 -24.82 -27.41 -0.29
N ILE A 22 -25.04 -27.48 -1.60
CA ILE A 22 -25.98 -26.61 -2.28
C ILE A 22 -27.01 -27.47 -3.00
N GLY A 23 -28.29 -27.15 -2.80
CA GLY A 23 -29.38 -27.92 -3.36
C GLY A 23 -30.52 -27.03 -3.79
N ALA A 24 -31.65 -27.68 -4.09
CA ALA A 24 -32.81 -26.96 -4.59
C ALA A 24 -33.46 -26.15 -3.47
N LEU A 25 -34.20 -25.11 -3.88
CA LEU A 25 -34.90 -24.25 -2.93
C LEU A 25 -36.01 -25.04 -2.23
N GLY A 26 -36.05 -24.95 -0.91
CA GLY A 26 -37.07 -25.60 -0.11
C GLY A 26 -36.60 -26.83 0.63
N SER A 27 -35.45 -27.39 0.28
CA SER A 27 -34.93 -28.61 0.91
C SER A 27 -33.61 -28.34 1.62
N ALA A 28 -33.54 -27.26 2.38
CA ALA A 28 -32.30 -26.89 3.07
C ALA A 28 -31.91 -27.88 4.16
N LEU A 29 -32.87 -28.52 4.81
CA LEU A 29 -32.59 -29.43 5.91
C LEU A 29 -32.31 -30.86 5.48
N ASP A 30 -32.57 -31.20 4.21
CA ASP A 30 -32.46 -32.57 3.74
C ASP A 30 -31.39 -32.71 2.67
N LEU A 31 -30.30 -31.95 2.79
CA LEU A 31 -29.20 -32.05 1.85
C LEU A 31 -28.24 -33.15 2.27
N THR A 32 -27.79 -33.95 1.30
CA THR A 32 -26.88 -35.09 1.56
C THR A 32 -25.57 -34.82 0.83
N GLU A 33 -24.44 -35.31 1.34
CA GLU A 33 -23.12 -35.01 0.73
C GLU A 33 -23.00 -35.60 -0.67
N GLU A 34 -23.40 -36.84 -0.87
CA GLU A 34 -23.19 -37.48 -2.19
C GLU A 34 -23.91 -36.70 -3.29
N GLU A 35 -25.15 -36.29 -3.05
CA GLU A 35 -25.95 -35.67 -4.14
C GLU A 35 -25.79 -34.16 -4.18
N HIS A 36 -25.49 -33.50 -3.07
CA HIS A 36 -25.48 -32.02 -3.10
C HIS A 36 -24.14 -31.37 -2.77
N SER A 37 -23.09 -32.11 -2.41
CA SER A 37 -21.83 -31.46 -1.99
C SER A 37 -21.09 -30.88 -3.18
N VAL A 38 -20.19 -29.95 -2.92
CA VAL A 38 -19.39 -29.36 -3.98
C VAL A 38 -18.15 -30.20 -4.27
N GLY A 39 -17.48 -30.68 -3.24
CA GLY A 39 -16.27 -31.46 -3.42
C GLY A 39 -15.16 -31.01 -2.49
N LEU A 40 -13.93 -30.93 -3.01
CA LEU A 40 -12.79 -30.46 -2.23
C LEU A 40 -12.92 -28.95 -2.04
N PHE A 41 -13.28 -28.55 -0.83
CA PHE A 41 -13.53 -27.15 -0.50
C PHE A 41 -12.56 -26.73 0.61
N LYS A 42 -11.92 -25.59 0.44
CA LYS A 42 -10.93 -25.11 1.38
C LYS A 42 -11.21 -23.65 1.75
N ASN A 43 -10.89 -23.31 3.00
CA ASN A 43 -10.99 -21.95 3.52
C ASN A 43 -12.42 -21.40 3.43
N LEU A 44 -13.35 -22.13 4.04
CA LEU A 44 -14.73 -21.68 4.11
C LEU A 44 -14.87 -20.64 5.21
N ALA A 45 -15.46 -19.49 4.87
CA ALA A 45 -15.59 -18.38 5.80
C ALA A 45 -17.01 -17.83 5.75
N ILE A 46 -17.54 -17.48 6.92
CA ILE A 46 -18.86 -16.86 7.04
C ILE A 46 -18.68 -15.48 7.67
N ALA A 47 -19.28 -14.47 7.05
CA ALA A 47 -19.10 -13.10 7.50
C ALA A 47 -20.45 -12.43 7.69
N ASN A 48 -20.56 -11.62 8.74
CA ASN A 48 -21.76 -10.85 9.03
C ASN A 48 -21.38 -9.39 9.19
N ASP A 49 -22.12 -8.50 8.52
CA ASP A 49 -21.91 -7.07 8.60
C ASP A 49 -23.24 -6.40 8.90
N LYS A 50 -23.28 -5.60 9.96
CA LYS A 50 -24.49 -4.93 10.40
C LYS A 50 -24.30 -3.42 10.34
N THR A 51 -25.37 -2.71 9.98
CA THR A 51 -25.36 -1.26 9.86
C THR A 51 -26.44 -0.66 10.74
N PHE A 52 -26.11 0.44 11.40
CA PHE A 52 -27.02 1.11 12.33
C PHE A 52 -27.17 2.58 11.94
N GLN A 53 -28.31 3.14 12.30
CA GLN A 53 -28.61 4.55 12.12
C GLN A 53 -28.89 5.18 13.48
N ASP A 54 -28.14 6.21 13.82
CA ASP A 54 -28.18 6.81 15.16
C ASP A 54 -28.76 8.22 15.10
N LEU A 55 -29.56 8.55 16.11
CA LEU A 55 -30.04 9.91 16.33
C LEU A 55 -29.29 10.52 17.51
N ASN A 56 -28.71 11.70 17.29
CA ASN A 56 -27.82 12.32 18.26
C ASN A 56 -28.38 13.68 18.68
N GLN A 57 -28.05 14.08 19.90
CA GLN A 57 -28.45 15.38 20.42
C GLN A 57 -27.27 16.01 21.16
N GLY A 58 -27.27 17.34 21.22
CA GLY A 58 -26.27 18.07 21.96
C GLY A 58 -24.99 18.29 21.15
N VAL A 59 -24.10 19.08 21.75
CA VAL A 59 -22.81 19.37 21.11
C VAL A 59 -21.95 18.11 21.08
N THR A 60 -21.99 17.31 22.15
CA THR A 60 -21.19 16.10 22.24
C THR A 60 -21.82 14.91 21.53
N GLN A 61 -23.00 15.08 20.93
CA GLN A 61 -23.67 14.06 20.14
C GLN A 61 -23.95 12.79 20.95
N ASP A 62 -24.80 12.90 21.97
CA ASP A 62 -25.23 11.76 22.76
C ASP A 62 -26.34 11.02 22.01
N THR A 63 -26.13 9.73 21.77
CA THR A 63 -27.10 8.94 21.03
C THR A 63 -28.34 8.69 21.89
N VAL A 64 -29.52 8.94 21.31
CA VAL A 64 -30.78 8.72 22.01
C VAL A 64 -31.45 7.47 21.46
N HIS A 65 -31.19 7.15 20.20
CA HIS A 65 -31.80 5.99 19.57
C HIS A 65 -30.86 5.43 18.52
N SER A 66 -30.96 4.12 18.29
CA SER A 66 -30.17 3.45 17.25
C SER A 66 -31.05 2.40 16.59
N GLN A 67 -31.08 2.42 15.26
CA GLN A 67 -31.96 1.54 14.49
C GLN A 67 -31.13 0.75 13.49
N LYS A 68 -31.30 -0.57 13.48
CA LYS A 68 -30.62 -1.39 12.50
C LYS A 68 -31.21 -1.17 11.12
N THR A 69 -30.33 -1.04 10.12
CA THR A 69 -30.74 -0.80 8.75
C THR A 69 -30.42 -1.95 7.81
N GLY A 70 -29.72 -2.98 8.28
CA GLY A 70 -29.48 -4.14 7.46
C GLY A 70 -28.34 -5.03 7.95
N ASP A 71 -28.53 -6.35 7.85
CA ASP A 71 -27.47 -7.31 8.12
C ASP A 71 -27.27 -8.18 6.89
N ASN A 72 -26.01 -8.54 6.62
CA ASN A 72 -25.65 -9.24 5.41
C ASN A 72 -24.78 -10.45 5.76
N TRP A 73 -25.05 -11.56 5.09
CA TRP A 73 -24.29 -12.81 5.29
C TRP A 73 -23.61 -13.17 3.98
N THR A 74 -22.34 -13.56 4.07
CA THR A 74 -21.53 -13.89 2.90
C THR A 74 -20.75 -15.17 3.16
N ILE A 75 -20.73 -16.05 2.16
CA ILE A 75 -20.04 -17.34 2.24
C ILE A 75 -19.03 -17.40 1.10
N SER A 76 -17.79 -17.76 1.42
CA SER A 76 -16.72 -17.81 0.43
C SER A 76 -15.84 -19.02 0.69
N GLY A 77 -15.12 -19.43 -0.35
CA GLY A 77 -14.23 -20.58 -0.25
C GLY A 77 -13.52 -20.83 -1.57
N ASN A 78 -12.74 -21.90 -1.59
CA ASN A 78 -11.97 -22.31 -2.76
C ASN A 78 -12.28 -23.75 -3.09
N GLY A 79 -12.59 -24.04 -4.35
CA GLY A 79 -12.89 -25.38 -4.81
C GLY A 79 -11.83 -25.87 -5.78
N TYR A 80 -11.41 -27.13 -5.59
CA TYR A 80 -10.28 -27.71 -6.32
C TYR A 80 -10.73 -28.86 -7.21
N GLU A 81 -11.88 -28.72 -7.88
CA GLU A 81 -12.41 -29.78 -8.74
C GLU A 81 -13.12 -29.16 -9.92
N TYR A 82 -12.76 -29.61 -11.13
CA TYR A 82 -13.33 -29.10 -12.37
C TYR A 82 -14.11 -30.22 -13.05
N ASN A 83 -15.39 -30.30 -12.73
CA ASN A 83 -16.31 -31.26 -13.35
C ASN A 83 -17.58 -30.51 -13.71
N PRO A 84 -18.51 -31.11 -14.47
CA PRO A 84 -19.73 -30.36 -14.84
C PRO A 84 -20.50 -29.80 -13.65
N ARG A 85 -20.57 -30.52 -12.53
CA ARG A 85 -21.33 -30.04 -11.39
C ARG A 85 -20.73 -28.76 -10.82
N THR A 86 -19.42 -28.74 -10.60
CA THR A 86 -18.79 -27.57 -10.01
C THR A 86 -18.79 -26.39 -10.97
N ILE A 87 -18.60 -26.63 -12.27
CA ILE A 87 -18.67 -25.55 -13.24
C ILE A 87 -20.07 -24.95 -13.29
N MET A 88 -21.10 -25.80 -13.27
CA MET A 88 -22.46 -25.31 -13.25
C MET A 88 -22.75 -24.51 -11.98
N TYR A 89 -22.21 -24.98 -10.84
CA TYR A 89 -22.36 -24.22 -9.60
C TYR A 89 -21.71 -22.85 -9.70
N ALA A 90 -20.49 -22.81 -10.24
CA ALA A 90 -19.76 -21.55 -10.38
C ALA A 90 -20.44 -20.60 -11.36
N LEU A 91 -21.13 -21.12 -12.36
CA LEU A 91 -21.83 -20.28 -13.33
C LEU A 91 -23.21 -19.82 -12.84
N GLY A 92 -23.62 -20.23 -11.64
CA GLY A 92 -24.92 -19.83 -11.14
C GLY A 92 -26.07 -20.68 -11.63
N GLN A 93 -25.81 -21.91 -12.04
CA GLN A 93 -26.81 -22.82 -12.55
C GLN A 93 -26.98 -24.02 -11.61
N ALA A 94 -28.03 -24.79 -11.86
CA ALA A 94 -28.36 -25.94 -11.01
C ALA A 94 -27.37 -27.06 -11.29
N GLY A 95 -26.30 -27.10 -10.51
CA GLY A 95 -25.26 -28.08 -10.68
C GLY A 95 -25.50 -29.44 -10.05
N PHE A 96 -26.54 -29.57 -9.23
CA PHE A 96 -26.80 -30.85 -8.58
C PHE A 96 -27.41 -31.86 -9.53
N THR A 97 -27.85 -31.42 -10.72
CA THR A 97 -28.40 -32.34 -11.70
C THR A 97 -27.31 -33.22 -12.30
N ALA A 98 -26.10 -32.69 -12.45
CA ALA A 98 -24.99 -33.44 -13.01
C ALA A 98 -24.34 -34.31 -11.94
N ASP A 99 -23.35 -35.10 -12.36
CA ASP A 99 -22.65 -36.01 -11.46
C ASP A 99 -21.14 -35.85 -11.61
N PRO A 100 -20.39 -35.86 -10.51
CA PRO A 100 -18.93 -35.72 -10.61
C PRO A 100 -18.20 -37.02 -10.88
N THR A 101 -18.84 -38.18 -10.69
CA THR A 101 -18.20 -39.47 -10.86
C THR A 101 -18.63 -40.17 -12.14
N ALA A 102 -19.06 -39.41 -13.15
CA ALA A 102 -19.48 -39.99 -14.41
C ALA A 102 -18.28 -40.53 -15.17
N ALA A 103 -18.55 -41.40 -16.14
CA ALA A 103 -17.51 -42.02 -16.95
C ALA A 103 -17.36 -41.31 -18.27
N ARG A 104 -16.21 -41.51 -18.95
CA ARG A 104 -15.97 -40.98 -20.33
C ARG A 104 -15.77 -42.19 -21.24
N THR A 105 -16.53 -42.33 -22.33
CA THR A 105 -16.52 -43.59 -23.14
C THR A 105 -15.21 -44.01 -23.84
N ARG A 106 -14.50 -43.13 -24.55
CA ARG A 106 -13.29 -43.52 -25.35
C ARG A 106 -13.52 -44.65 -26.37
N ALA A 107 -13.97 -44.36 -27.60
CA ALA A 107 -14.17 -45.33 -28.70
C ALA A 107 -12.88 -45.39 -29.51
N VAL A 108 -12.65 -46.44 -30.30
CA VAL A 108 -11.42 -46.65 -31.04
C VAL A 108 -11.73 -46.63 -32.53
N VAL A 109 -10.91 -45.91 -33.29
CA VAL A 109 -11.11 -45.80 -34.74
C VAL A 109 -10.45 -46.99 -35.42
N SER A 110 -11.19 -47.64 -36.31
CA SER A 110 -10.71 -48.83 -37.01
C SER A 110 -10.50 -48.60 -38.50
N ALA A 111 -10.65 -47.36 -38.98
CA ALA A 111 -10.46 -47.07 -40.39
C ALA A 111 -9.98 -45.63 -40.55
N PRO A 112 -8.93 -45.39 -41.34
CA PRO A 112 -8.42 -44.02 -41.48
C PRO A 112 -9.41 -43.13 -42.20
N ALA A 113 -9.38 -41.85 -41.84
CA ALA A 113 -10.24 -40.84 -42.45
C ALA A 113 -9.37 -39.68 -42.93
N ALA A 114 -9.67 -39.19 -44.12
CA ALA A 114 -8.92 -38.11 -44.74
C ALA A 114 -9.61 -36.78 -44.49
N VAL A 115 -8.95 -35.69 -44.92
CA VAL A 115 -9.51 -34.36 -44.77
C VAL A 115 -10.66 -34.18 -45.77
N GLY A 116 -11.78 -33.63 -45.30
CA GLY A 116 -12.92 -33.37 -46.15
C GLY A 116 -14.07 -34.34 -45.97
N VAL A 117 -13.89 -35.43 -45.25
CA VAL A 117 -14.96 -36.39 -44.99
C VAL A 117 -15.66 -36.00 -43.70
N SER A 118 -16.88 -36.52 -43.53
CA SER A 118 -17.66 -36.28 -42.32
C SER A 118 -18.20 -37.58 -41.73
N GLU A 119 -17.58 -38.70 -42.08
CA GLU A 119 -17.98 -40.01 -41.56
C GLU A 119 -16.75 -40.73 -41.03
N ILE A 120 -16.95 -41.51 -39.98
CA ILE A 120 -15.85 -42.23 -39.34
C ILE A 120 -16.35 -43.60 -38.90
N SER A 121 -15.44 -44.56 -38.87
CA SER A 121 -15.74 -45.94 -38.49
C SER A 121 -15.06 -46.26 -37.17
N VAL A 122 -15.82 -46.77 -36.21
CA VAL A 122 -15.31 -47.07 -34.89
C VAL A 122 -15.47 -48.56 -34.60
N GLN A 123 -14.83 -49.01 -33.52
CA GLN A 123 -14.91 -50.42 -33.14
C GLN A 123 -16.32 -50.79 -32.70
N SER A 124 -16.92 -50.00 -31.81
CA SER A 124 -18.24 -50.29 -31.31
C SER A 124 -18.86 -49.00 -30.77
N ALA A 125 -20.11 -48.74 -31.14
CA ALA A 125 -20.82 -47.54 -30.73
C ALA A 125 -21.61 -47.77 -29.45
N THR A 126 -20.93 -48.22 -28.40
CA THR A 126 -21.56 -48.46 -27.10
C THR A 126 -21.29 -47.28 -26.19
N GLY A 127 -22.34 -46.67 -25.66
CA GLY A 127 -22.24 -45.49 -24.83
C GLY A 127 -22.34 -44.18 -25.57
N LEU A 128 -22.31 -44.23 -26.91
CA LEU A 128 -22.42 -43.03 -27.73
C LEU A 128 -23.81 -43.00 -28.37
N ALA A 129 -24.47 -41.85 -28.28
CA ALA A 129 -25.80 -41.67 -28.83
C ALA A 129 -25.83 -40.44 -29.74
N VAL A 130 -26.97 -40.27 -30.41
CA VAL A 130 -27.14 -39.10 -31.29
C VAL A 130 -27.21 -37.83 -30.46
N GLY A 131 -26.49 -36.81 -30.90
CA GLY A 131 -26.44 -35.54 -30.19
C GLY A 131 -25.34 -35.42 -29.17
N ASP A 132 -24.50 -36.45 -29.00
CA ASP A 132 -23.41 -36.37 -28.05
C ASP A 132 -22.24 -35.59 -28.65
N TRP A 133 -21.36 -35.14 -27.77
CA TRP A 133 -20.16 -34.42 -28.16
C TRP A 133 -18.93 -35.27 -27.88
N VAL A 134 -18.01 -35.32 -28.84
CA VAL A 134 -16.80 -36.12 -28.73
C VAL A 134 -15.61 -35.24 -29.09
N ILE A 135 -14.50 -35.45 -28.41
CA ILE A 135 -13.25 -34.74 -28.68
C ILE A 135 -12.24 -35.73 -29.24
N LEU A 136 -11.70 -35.42 -30.42
CA LEU A 136 -10.77 -36.31 -31.09
C LEU A 136 -9.43 -36.32 -30.36
N TYR A 137 -8.91 -37.52 -30.11
CA TYR A 137 -7.61 -37.70 -29.45
C TYR A 137 -6.68 -38.40 -30.42
N ASN A 138 -5.59 -37.73 -30.79
CA ASN A 138 -4.62 -38.26 -31.74
C ASN A 138 -3.38 -38.72 -30.98
N LYS A 139 -2.92 -39.93 -31.28
CA LYS A 139 -1.74 -40.47 -30.59
C LYS A 139 -0.48 -39.70 -30.97
N LEU A 140 -0.33 -39.35 -32.24
CA LEU A 140 0.84 -38.65 -32.72
C LEU A 140 0.41 -37.33 -33.36
N GLY A 141 1.18 -36.27 -33.10
CA GLY A 141 0.90 -34.95 -33.62
C GLY A 141 0.46 -34.01 -32.52
N ASP A 142 0.31 -32.74 -32.92
CA ASP A 142 -0.11 -31.71 -31.99
C ASP A 142 -1.59 -31.86 -31.65
N ASN A 143 -1.96 -31.34 -30.47
CA ASN A 143 -3.33 -31.42 -29.99
C ASN A 143 -4.04 -30.11 -30.35
N ASN A 144 -4.89 -30.17 -31.38
CA ASN A 144 -5.65 -29.01 -31.81
C ASN A 144 -6.97 -28.85 -31.07
N GLY A 145 -7.36 -29.84 -30.26
CA GLY A 145 -8.60 -29.77 -29.50
C GLY A 145 -9.82 -29.60 -30.38
N LEU A 146 -10.15 -30.62 -31.16
CA LEU A 146 -11.27 -30.57 -32.09
C LEU A 146 -12.44 -31.36 -31.52
N ALA A 147 -13.61 -30.70 -31.46
CA ALA A 147 -14.82 -31.31 -30.91
C ALA A 147 -15.88 -31.41 -31.99
N TYR A 148 -16.58 -32.54 -32.01
CA TYR A 148 -17.59 -32.82 -33.01
C TYR A 148 -18.87 -33.31 -32.34
N LYS A 149 -20.00 -33.04 -32.97
CA LYS A 149 -21.30 -33.49 -32.50
C LYS A 149 -21.79 -34.65 -33.38
N ILE A 150 -22.22 -35.73 -32.74
CA ILE A 150 -22.70 -36.89 -33.48
C ILE A 150 -24.08 -36.60 -34.02
N ASP A 151 -24.26 -36.78 -35.33
CA ASP A 151 -25.52 -36.52 -36.00
C ASP A 151 -26.34 -37.78 -36.25
N ALA A 152 -25.70 -38.86 -36.66
CA ALA A 152 -26.41 -40.11 -36.91
C ALA A 152 -25.45 -41.27 -36.73
N ILE A 153 -25.93 -42.35 -36.13
CA ILE A 153 -25.16 -43.57 -35.92
C ILE A 153 -25.84 -44.70 -36.67
N ALA A 154 -25.17 -45.24 -37.67
CA ALA A 154 -25.63 -46.40 -38.42
C ALA A 154 -24.54 -47.46 -38.41
N THR A 155 -24.88 -48.65 -37.91
CA THR A 155 -23.90 -49.73 -37.72
C THR A 155 -22.70 -49.22 -36.94
N ASN A 156 -21.51 -49.30 -37.54
CA ASN A 156 -20.28 -48.81 -36.93
C ASN A 156 -19.83 -47.48 -37.50
N THR A 157 -20.67 -46.81 -38.28
CA THR A 157 -20.32 -45.56 -38.95
C THR A 157 -20.95 -44.40 -38.19
N ILE A 158 -20.13 -43.41 -37.83
CA ILE A 158 -20.58 -42.22 -37.12
C ILE A 158 -20.44 -41.02 -38.05
N THR A 159 -21.52 -40.26 -38.21
CA THR A 159 -21.54 -39.07 -39.05
C THR A 159 -21.42 -37.84 -38.15
N LEU A 160 -20.35 -37.08 -38.34
CA LEU A 160 -20.12 -35.88 -37.56
C LEU A 160 -20.83 -34.67 -38.18
N ASP A 161 -20.98 -33.62 -37.39
CA ASP A 161 -21.77 -32.45 -37.84
C ASP A 161 -21.07 -31.68 -38.95
N ARG A 162 -19.74 -31.63 -38.94
CA ARG A 162 -19.02 -30.81 -39.95
C ARG A 162 -17.84 -31.59 -40.49
N ASP A 163 -17.35 -31.19 -41.66
CA ASP A 163 -16.23 -31.90 -42.32
C ASP A 163 -14.95 -31.80 -41.50
N LEU A 164 -14.06 -32.77 -41.65
CA LEU A 164 -12.78 -32.84 -40.95
C LEU A 164 -11.80 -31.84 -41.54
N VAL A 165 -10.96 -31.26 -40.68
CA VAL A 165 -9.86 -30.39 -41.10
C VAL A 165 -8.51 -31.02 -40.83
N ALA A 166 -8.45 -32.10 -40.07
CA ALA A 166 -7.22 -32.84 -39.83
C ALA A 166 -7.51 -34.33 -40.00
N PRO A 167 -6.56 -35.09 -40.54
CA PRO A 167 -6.79 -36.51 -40.75
C PRO A 167 -6.81 -37.30 -39.45
N VAL A 168 -7.60 -38.37 -39.43
CA VAL A 168 -7.68 -39.30 -38.32
C VAL A 168 -7.14 -40.64 -38.79
N ALA A 169 -6.13 -41.15 -38.09
CA ALA A 169 -5.49 -42.41 -38.43
C ALA A 169 -6.12 -43.54 -37.63
N VAL A 170 -5.58 -44.74 -37.80
CA VAL A 170 -6.06 -45.92 -37.08
C VAL A 170 -5.40 -45.95 -35.70
N GLY A 171 -6.21 -46.14 -34.67
CA GLY A 171 -5.76 -46.11 -33.30
C GLY A 171 -6.14 -44.86 -32.54
N ASP A 172 -6.66 -43.84 -33.23
CA ASP A 172 -7.12 -42.64 -32.56
C ASP A 172 -8.39 -42.93 -31.76
N GLU A 173 -8.69 -42.06 -30.82
CA GLU A 173 -9.80 -42.25 -29.90
C GLU A 173 -10.74 -41.06 -29.94
N LEU A 174 -12.02 -41.32 -29.70
CA LEU A 174 -13.05 -40.28 -29.59
C LEU A 174 -13.51 -40.25 -28.13
N VAL A 175 -13.13 -39.21 -27.41
CA VAL A 175 -13.43 -39.10 -25.99
C VAL A 175 -14.74 -38.34 -25.83
N LYS A 176 -15.69 -38.93 -25.12
CA LYS A 176 -16.97 -38.29 -24.88
C LYS A 176 -16.80 -37.10 -23.94
N SER A 177 -17.62 -36.08 -24.15
CA SER A 177 -17.54 -34.85 -23.39
C SER A 177 -18.94 -34.30 -23.15
N THR A 178 -19.03 -33.29 -22.30
CA THR A 178 -20.28 -32.63 -21.95
C THR A 178 -20.19 -31.16 -22.31
N LEU A 179 -21.25 -30.63 -22.89
CA LEU A 179 -21.29 -29.24 -23.33
C LEU A 179 -21.93 -28.38 -22.25
N ILE A 180 -21.23 -27.32 -21.84
CA ILE A 180 -21.71 -26.38 -20.83
C ILE A 180 -21.81 -25.01 -21.48
N ASN A 181 -22.99 -24.41 -21.42
CA ASN A 181 -23.22 -23.08 -21.96
C ASN A 181 -23.29 -22.06 -20.84
N THR A 182 -22.54 -20.97 -20.99
CA THR A 182 -22.43 -19.96 -19.93
C THR A 182 -23.69 -19.12 -19.78
N ASN A 183 -24.57 -19.13 -20.77
CA ASN A 183 -25.80 -18.34 -20.73
C ASN A 183 -27.00 -19.28 -20.65
N ASN A 184 -27.84 -19.06 -19.65
CA ASN A 184 -29.07 -19.84 -19.52
C ASN A 184 -30.21 -19.10 -20.18
N PRO A 185 -30.80 -19.62 -21.25
CA PRO A 185 -31.86 -18.89 -21.95
C PRO A 185 -33.24 -19.04 -21.33
N ASN A 186 -33.43 -19.95 -20.38
CA ASN A 186 -34.72 -20.15 -19.74
C ASN A 186 -34.90 -19.29 -18.49
N SER A 187 -33.91 -18.47 -18.14
CA SER A 187 -34.00 -17.57 -17.00
C SER A 187 -34.25 -16.16 -17.52
N CYS A 188 -35.41 -15.59 -17.15
CA CYS A 188 -35.75 -14.26 -17.63
C CYS A 188 -34.80 -13.20 -17.09
N SER A 189 -34.45 -13.31 -15.81
CA SER A 189 -33.61 -12.31 -15.14
C SER A 189 -32.14 -12.69 -15.12
N GLY A 190 -31.82 -13.97 -14.99
CA GLY A 190 -30.45 -14.41 -14.86
C GLY A 190 -30.01 -14.72 -13.44
N ALA A 191 -30.90 -14.58 -12.47
CA ALA A 191 -30.59 -14.87 -11.07
C ALA A 191 -31.38 -16.10 -10.65
N GLU A 192 -30.67 -17.10 -10.12
CA GLU A 192 -31.29 -18.34 -9.66
C GLU A 192 -30.90 -18.57 -8.20
N TYR A 193 -31.87 -19.04 -7.42
CA TYR A 193 -31.72 -19.16 -5.98
C TYR A 193 -31.69 -20.63 -5.56
N PHE A 194 -30.91 -20.91 -4.52
CA PHE A 194 -30.72 -22.26 -4.02
C PHE A 194 -30.77 -22.25 -2.50
N SER A 195 -30.59 -23.44 -1.92
CA SER A 195 -30.43 -23.61 -0.48
C SER A 195 -29.03 -24.13 -0.17
N ALA A 196 -28.58 -23.86 1.05
CA ALA A 196 -27.22 -24.22 1.44
C ALA A 196 -27.22 -24.83 2.83
N LYS A 197 -26.17 -25.61 3.11
CA LYS A 197 -25.96 -26.22 4.41
C LYS A 197 -24.47 -26.38 4.64
N ILE A 198 -24.02 -26.11 5.86
CA ILE A 198 -22.61 -26.19 6.22
C ILE A 198 -22.48 -27.10 7.44
N VAL A 199 -21.56 -28.06 7.36
CA VAL A 199 -21.36 -29.06 8.41
C VAL A 199 -19.90 -29.03 8.84
N SER A 200 -19.69 -29.01 10.16
CA SER A 200 -18.34 -29.07 10.73
C SER A 200 -18.42 -29.74 12.09
N ALA A 201 -17.33 -29.65 12.85
CA ALA A 201 -17.27 -30.25 14.17
C ALA A 201 -16.25 -29.52 15.02
N ASP A 202 -16.38 -29.68 16.34
CA ASP A 202 -15.45 -29.10 17.29
C ASP A 202 -14.23 -30.00 17.45
N VAL A 203 -13.37 -29.66 18.41
CA VAL A 203 -12.22 -30.51 18.71
C VAL A 203 -12.67 -31.79 19.40
N ASN A 204 -13.76 -31.73 20.18
CA ASN A 204 -14.31 -32.90 20.86
C ASN A 204 -15.34 -33.63 20.02
N CYS A 205 -15.32 -33.44 18.70
CA CYS A 205 -16.23 -34.11 17.77
C CYS A 205 -17.69 -33.80 18.10
N ASN A 206 -17.97 -32.52 18.33
CA ASN A 206 -19.33 -32.03 18.51
C ASN A 206 -19.80 -31.35 17.23
N PRO A 207 -20.83 -31.88 16.57
CA PRO A 207 -21.20 -31.37 15.24
C PRO A 207 -21.68 -29.92 15.28
N ILE A 208 -21.40 -29.20 14.19
CA ILE A 208 -21.88 -27.85 13.96
C ILE A 208 -22.61 -27.85 12.62
N VAL A 209 -23.85 -27.37 12.61
CA VAL A 209 -24.67 -27.32 11.40
C VAL A 209 -25.16 -25.88 11.21
N VAL A 210 -24.94 -25.34 10.02
CA VAL A 210 -25.42 -24.02 9.64
C VAL A 210 -26.32 -24.17 8.43
N ILE A 211 -27.52 -23.61 8.49
CA ILE A 211 -28.54 -23.80 7.46
C ILE A 211 -28.94 -22.43 6.91
N VAL A 212 -28.82 -22.26 5.60
CA VAL A 212 -29.20 -21.02 4.92
C VAL A 212 -30.31 -21.34 3.93
N PRO A 213 -31.56 -20.97 4.21
CA PRO A 213 -32.67 -21.36 3.31
C PRO A 213 -32.54 -20.82 1.88
N LYS A 214 -32.02 -19.61 1.68
CA LYS A 214 -31.87 -19.05 0.35
C LYS A 214 -30.50 -18.40 0.20
N VAL A 215 -29.83 -18.71 -0.91
CA VAL A 215 -28.53 -18.13 -1.24
C VAL A 215 -28.54 -17.72 -2.71
N GLN A 216 -27.66 -16.79 -3.06
CA GLN A 216 -27.41 -16.41 -4.44
C GLN A 216 -25.91 -16.41 -4.68
N ILE A 217 -25.47 -17.06 -5.76
CA ILE A 217 -24.05 -17.13 -6.10
C ILE A 217 -23.70 -15.93 -6.94
N THR A 218 -22.93 -15.00 -6.37
CA THR A 218 -22.60 -13.74 -7.03
C THR A 218 -21.25 -13.76 -7.72
N SER A 219 -20.52 -14.88 -7.68
CA SER A 219 -19.23 -14.97 -8.33
C SER A 219 -19.38 -15.48 -9.76
N GLY A 220 -18.24 -15.75 -10.41
CA GLY A 220 -18.24 -16.29 -11.75
C GLY A 220 -17.15 -17.33 -11.91
N LEU A 221 -17.12 -17.93 -13.10
CA LEU A 221 -16.12 -18.95 -13.39
C LEU A 221 -14.74 -18.33 -13.51
N ASN A 222 -13.79 -18.84 -12.73
CA ASN A 222 -12.42 -18.34 -12.72
C ASN A 222 -11.48 -19.53 -12.88
N LEU A 223 -10.77 -19.58 -13.99
CA LEU A 223 -9.83 -20.66 -14.29
C LEU A 223 -8.48 -20.04 -14.65
N ALA A 224 -7.46 -20.40 -13.88
CA ALA A 224 -6.10 -19.88 -14.08
C ALA A 224 -5.16 -21.07 -14.25
N PHE A 225 -4.39 -21.06 -15.34
CA PHE A 225 -3.49 -22.15 -15.68
C PHE A 225 -2.06 -21.79 -15.30
N GLY A 226 -1.35 -22.76 -14.73
CA GLY A 226 0.03 -22.53 -14.35
C GLY A 226 0.65 -23.82 -13.84
N ALA A 227 1.97 -23.84 -13.83
CA ALA A 227 2.73 -25.00 -13.40
C ALA A 227 3.18 -24.92 -11.95
N THR A 228 2.78 -23.87 -11.22
CA THR A 228 3.25 -23.71 -9.85
C THR A 228 2.40 -24.49 -8.87
N ASP A 229 1.08 -24.30 -8.91
CA ASP A 229 0.18 -24.94 -7.97
C ASP A 229 -1.13 -25.28 -8.66
N TYR A 230 -1.97 -26.04 -7.95
CA TYR A 230 -3.23 -26.50 -8.51
C TYR A 230 -4.22 -25.34 -8.66
N ALA A 231 -4.95 -25.35 -9.77
CA ALA A 231 -5.96 -24.34 -10.03
C ALA A 231 -7.19 -24.56 -9.17
N ASN A 232 -7.83 -23.48 -8.76
CA ASN A 232 -9.01 -23.53 -7.92
C ASN A 232 -9.99 -22.44 -8.33
N ILE A 233 -11.25 -22.61 -7.90
CA ILE A 233 -12.32 -21.67 -8.22
C ILE A 233 -12.73 -20.96 -6.92
N ALA A 234 -12.75 -19.64 -6.96
CA ALA A 234 -13.18 -18.85 -5.81
C ALA A 234 -14.70 -18.71 -5.84
N TYR A 235 -15.35 -19.03 -4.71
CA TYR A 235 -16.79 -19.00 -4.60
C TYR A 235 -17.21 -17.83 -3.71
N GLN A 236 -18.40 -17.28 -3.98
CA GLN A 236 -18.98 -16.26 -3.14
C GLN A 236 -20.49 -16.37 -3.19
N MET A 237 -21.12 -16.33 -2.02
CA MET A 237 -22.56 -16.46 -1.90
C MET A 237 -23.09 -15.41 -0.94
N LYS A 238 -24.36 -15.05 -1.10
CA LYS A 238 -25.01 -14.11 -0.21
C LYS A 238 -26.38 -14.66 0.18
N ALA A 239 -26.77 -14.43 1.43
CA ALA A 239 -28.05 -14.90 1.94
C ALA A 239 -29.11 -13.82 1.75
N MET A 240 -30.33 -14.27 1.44
CA MET A 240 -31.42 -13.36 1.14
C MET A 240 -32.66 -13.78 1.93
N ALA A 241 -33.58 -12.83 2.08
CA ALA A 241 -34.82 -13.08 2.80
C ALA A 241 -35.88 -13.64 1.85
N LEU A 242 -36.63 -14.62 2.35
CA LEU A 242 -37.65 -15.29 1.56
C LEU A 242 -38.93 -14.47 1.50
N THR A 243 -39.71 -14.71 0.45
CA THR A 243 -40.99 -14.06 0.24
C THR A 243 -42.11 -15.10 0.31
N ARG A 244 -43.34 -14.63 0.10
CA ARG A 244 -44.51 -15.50 0.20
C ARG A 244 -44.46 -16.60 -0.86
N LYS A 245 -44.08 -16.25 -2.08
CA LYS A 245 -44.09 -17.20 -3.18
C LYS A 245 -42.89 -18.14 -3.14
N ASP A 246 -41.85 -17.81 -2.38
CA ASP A 246 -40.65 -18.64 -2.33
C ASP A 246 -40.91 -19.92 -1.56
N ALA A 247 -40.33 -21.02 -2.04
CA ALA A 247 -40.43 -22.28 -1.33
C ALA A 247 -39.64 -22.22 -0.02
N GLY A 248 -40.15 -22.90 1.00
CA GLY A 248 -39.54 -22.84 2.31
C GLY A 248 -39.88 -21.63 3.14
N TYR A 249 -40.94 -20.89 2.77
CA TYR A 249 -41.32 -19.72 3.55
C TYR A 249 -41.80 -20.10 4.94
N ASP A 250 -42.39 -21.29 5.08
CA ASP A 250 -42.86 -21.74 6.38
C ASP A 250 -41.69 -21.92 7.34
N LEU A 251 -40.57 -22.47 6.87
CA LEU A 251 -39.39 -22.59 7.70
C LEU A 251 -38.81 -21.22 8.04
N TYR A 252 -38.94 -20.25 7.13
CA TYR A 252 -38.39 -18.92 7.35
C TYR A 252 -39.11 -18.21 8.50
N VAL A 253 -40.44 -18.22 8.48
CA VAL A 253 -41.20 -17.53 9.52
C VAL A 253 -41.25 -18.31 10.82
N GLN A 254 -41.02 -19.63 10.77
CA GLN A 254 -41.04 -20.42 12.00
C GLN A 254 -39.85 -20.08 12.89
N HIS A 255 -38.71 -19.74 12.29
CA HIS A 255 -37.49 -19.41 13.03
C HIS A 255 -37.29 -17.90 13.16
N GLY A 256 -38.37 -17.15 13.31
CA GLY A 256 -38.25 -15.72 13.55
C GLY A 256 -37.74 -14.91 12.38
N LYS A 257 -38.00 -15.35 11.15
CA LYS A 257 -37.56 -14.65 9.95
C LYS A 257 -36.04 -14.46 9.93
N SER A 258 -35.31 -15.52 10.24
CA SER A 258 -33.86 -15.50 10.27
C SER A 258 -33.29 -15.99 8.94
N LYS A 259 -32.32 -15.24 8.42
CA LYS A 259 -31.62 -15.67 7.21
C LYS A 259 -30.75 -16.88 7.47
N VAL A 260 -30.10 -16.94 8.63
CA VAL A 260 -29.22 -18.02 9.02
C VAL A 260 -29.49 -18.41 10.47
N PHE A 261 -29.62 -19.71 10.71
CA PHE A 261 -29.72 -20.20 12.08
C PHE A 261 -28.77 -21.37 12.26
N LEU A 262 -28.25 -21.49 13.48
CA LEU A 262 -27.18 -22.44 13.80
C LEU A 262 -27.69 -23.50 14.76
N LEU A 263 -27.09 -24.68 14.70
CA LEU A 263 -27.37 -25.76 15.65
C LEU A 263 -26.04 -26.22 16.25
N THR A 264 -25.63 -25.58 17.33
CA THR A 264 -24.37 -25.92 17.98
C THR A 264 -24.60 -26.58 19.34
N MET B 1 1.97 -40.74 -21.36
CA MET B 1 0.72 -40.26 -22.02
C MET B 1 0.54 -38.77 -21.74
N GLN B 2 1.45 -38.17 -20.97
CA GLN B 2 1.32 -36.73 -20.60
C GLN B 2 1.52 -35.87 -21.84
N GLN B 3 0.75 -34.80 -21.97
CA GLN B 3 0.84 -33.94 -23.18
C GLN B 3 1.23 -32.54 -22.74
N ASN B 4 2.04 -31.85 -23.54
CA ASN B 4 2.52 -30.50 -23.15
C ASN B 4 1.72 -29.45 -23.90
N PHE B 5 1.28 -28.40 -23.20
CA PHE B 5 0.41 -27.37 -23.81
C PHE B 5 1.12 -26.03 -23.74
N GLY B 6 0.92 -25.17 -24.75
CA GLY B 6 1.56 -23.87 -24.81
C GLY B 6 3.05 -23.95 -25.06
N THR B 7 3.46 -24.79 -26.00
CA THR B 7 4.86 -24.99 -26.35
C THR B 7 5.29 -24.00 -27.43
N ALA B 8 6.60 -23.85 -27.56
CA ALA B 8 7.17 -22.87 -28.48
C ALA B 8 7.10 -23.35 -29.91
N LEU B 9 6.99 -22.42 -30.86
CA LEU B 9 6.88 -22.78 -32.30
C LEU B 9 8.08 -22.23 -33.06
N GLY B 10 8.91 -21.42 -32.41
CA GLY B 10 10.11 -20.85 -33.06
C GLY B 10 11.22 -20.60 -32.07
N ASP B 11 12.20 -19.76 -32.42
CA ASP B 11 13.34 -19.46 -31.52
C ASP B 11 13.53 -17.95 -31.33
N GLY B 12 12.52 -17.13 -31.58
CA GLY B 12 12.70 -15.68 -31.49
C GLY B 12 12.47 -15.19 -30.09
N PHE B 13 13.46 -15.34 -29.22
CA PHE B 13 13.33 -14.90 -27.81
C PHE B 13 14.28 -13.72 -27.62
N VAL B 14 14.03 -12.81 -26.67
CA VAL B 14 14.89 -11.61 -26.54
C VAL B 14 15.46 -11.50 -25.13
N LEU B 15 16.77 -11.61 -24.97
CA LEU B 15 17.43 -11.33 -23.69
C LEU B 15 18.68 -10.50 -23.99
N ASN B 16 18.53 -9.18 -23.93
CA ASN B 16 19.61 -8.27 -24.29
C ASN B 16 19.19 -6.86 -23.90
N GLU B 17 20.11 -5.93 -24.10
CA GLU B 17 19.84 -4.51 -23.93
C GLU B 17 19.70 -3.84 -25.30
N ALA B 18 19.27 -2.58 -25.29
CA ALA B 18 19.03 -1.85 -26.51
C ALA B 18 19.74 -0.51 -26.48
N THR B 19 20.06 -0.02 -27.68
CA THR B 19 20.73 1.26 -27.86
C THR B 19 19.73 2.30 -28.33
N LEU B 20 19.72 3.46 -27.68
CA LEU B 20 18.80 4.53 -28.02
C LEU B 20 19.58 5.68 -28.65
N MET B 21 19.16 6.09 -29.85
CA MET B 21 19.78 7.18 -30.58
C MET B 21 18.77 8.29 -30.77
N ILE B 22 19.18 9.52 -30.46
CA ILE B 22 18.34 10.70 -30.64
C ILE B 22 19.07 11.68 -31.54
N GLY B 23 18.38 12.18 -32.56
CA GLY B 23 18.98 13.08 -33.52
C GLY B 23 17.99 14.14 -33.98
N ALA B 24 18.37 14.85 -35.03
CA ALA B 24 17.56 15.94 -35.54
C ALA B 24 16.31 15.41 -36.24
N LEU B 25 15.30 16.27 -36.31
CA LEU B 25 14.04 15.91 -36.95
C LEU B 25 14.25 15.74 -38.45
N GLY B 26 13.76 14.62 -38.99
CA GLY B 26 13.86 14.33 -40.42
C GLY B 26 14.90 13.29 -40.78
N SER B 27 15.80 12.95 -39.88
CA SER B 27 16.86 11.98 -40.15
C SER B 27 16.76 10.76 -39.24
N ALA B 28 15.56 10.23 -39.09
CA ALA B 28 15.33 9.09 -38.20
C ALA B 28 16.01 7.82 -38.68
N LEU B 29 16.15 7.63 -39.98
CA LEU B 29 16.73 6.41 -40.54
C LEU B 29 18.25 6.44 -40.66
N ASP B 30 18.87 7.61 -40.48
CA ASP B 30 20.30 7.77 -40.71
C ASP B 30 21.03 8.15 -39.43
N LEU B 31 20.59 7.63 -38.29
CA LEU B 31 21.25 7.90 -37.02
C LEU B 31 22.37 6.90 -36.80
N THR B 32 23.52 7.42 -36.32
CA THR B 32 24.72 6.58 -36.10
C THR B 32 25.05 6.61 -34.61
N GLU B 33 25.63 5.55 -34.06
CA GLU B 33 25.88 5.48 -32.59
C GLU B 33 26.88 6.56 -32.14
N GLU B 34 27.97 6.74 -32.86
CA GLU B 34 29.01 7.69 -32.38
C GLU B 34 28.44 9.09 -32.25
N GLU B 35 27.66 9.55 -33.22
CA GLU B 35 27.21 10.96 -33.23
C GLU B 35 25.88 11.14 -32.51
N HIS B 36 25.02 10.13 -32.47
CA HIS B 36 23.67 10.37 -31.89
C HIS B 36 23.32 9.53 -30.66
N SER B 37 24.17 8.60 -30.22
CA SER B 37 23.78 7.72 -29.09
C SER B 37 23.80 8.47 -27.78
N VAL B 38 23.09 7.95 -26.78
CA VAL B 38 23.08 8.56 -25.46
C VAL B 38 24.27 8.10 -24.62
N GLY B 39 24.57 6.81 -24.66
CA GLY B 39 25.66 6.27 -23.86
C GLY B 39 25.25 4.99 -23.14
N LEU B 40 25.66 4.87 -21.88
CA LEU B 40 25.30 3.71 -21.07
C LEU B 40 23.83 3.81 -20.70
N PHE B 41 22.99 3.01 -21.34
CA PHE B 41 21.55 3.04 -21.16
C PHE B 41 21.08 1.68 -20.66
N LYS B 42 20.25 1.69 -19.62
CA LYS B 42 19.78 0.46 -18.99
C LYS B 42 18.26 0.49 -18.84
N ASN B 43 17.66 -0.69 -18.96
CA ASN B 43 16.23 -0.90 -18.75
C ASN B 43 15.39 -0.04 -19.70
N LEU B 44 15.63 -0.23 -20.99
CA LEU B 44 14.83 0.45 -22.01
C LEU B 44 13.50 -0.28 -22.19
N ALA B 45 12.40 0.45 -22.12
CA ALA B 45 11.07 -0.12 -22.20
C ALA B 45 10.21 0.68 -23.16
N ILE B 46 9.40 -0.01 -23.95
CA ILE B 46 8.45 0.62 -24.87
C ILE B 46 7.05 0.19 -24.45
N ALA B 47 6.14 1.15 -24.32
CA ALA B 47 4.80 0.88 -23.86
C ALA B 47 3.78 1.47 -24.82
N ASN B 48 2.69 0.73 -25.03
CA ASN B 48 1.58 1.18 -25.87
C ASN B 48 0.28 1.06 -25.08
N ASP B 49 -0.51 2.13 -25.10
CA ASP B 49 -1.80 2.16 -24.42
C ASP B 49 -2.85 2.64 -25.40
N LYS B 50 -3.91 1.87 -25.57
CA LYS B 50 -4.98 2.18 -26.51
C LYS B 50 -6.30 2.34 -25.77
N THR B 51 -7.12 3.28 -26.25
CA THR B 51 -8.40 3.59 -25.65
C THR B 51 -9.50 3.44 -26.69
N PHE B 52 -10.63 2.87 -26.28
CA PHE B 52 -11.75 2.61 -27.16
C PHE B 52 -13.03 3.23 -26.59
N GLN B 53 -13.96 3.56 -27.48
CA GLN B 53 -15.27 4.06 -27.13
C GLN B 53 -16.32 3.11 -27.69
N ASP B 54 -17.18 2.60 -26.81
CA ASP B 54 -18.14 1.56 -27.17
C ASP B 54 -19.56 2.09 -27.10
N LEU B 55 -20.39 1.65 -28.06
CA LEU B 55 -21.82 1.89 -28.05
C LEU B 55 -22.53 0.60 -27.67
N ASN B 56 -23.40 0.68 -26.66
CA ASN B 56 -24.04 -0.49 -26.09
C ASN B 56 -25.55 -0.40 -26.21
N GLN B 57 -26.20 -1.55 -26.28
CA GLN B 57 -27.66 -1.61 -26.34
C GLN B 57 -28.15 -2.73 -25.43
N GLY B 58 -29.38 -2.59 -24.97
CA GLY B 58 -30.01 -3.60 -24.15
C GLY B 58 -29.65 -3.49 -22.68
N VAL B 59 -30.32 -4.33 -21.88
CA VAL B 59 -30.05 -4.37 -20.44
C VAL B 59 -28.65 -4.93 -20.18
N THR B 60 -28.26 -5.95 -20.93
CA THR B 60 -26.97 -6.59 -20.76
C THR B 60 -25.82 -5.84 -21.44
N GLN B 61 -26.12 -4.74 -22.12
CA GLN B 61 -25.10 -3.89 -22.74
C GLN B 61 -24.27 -4.63 -23.76
N ASP B 62 -24.89 -5.08 -24.85
CA ASP B 62 -24.19 -5.72 -25.95
C ASP B 62 -23.59 -4.64 -26.84
N THR B 63 -22.27 -4.72 -27.05
CA THR B 63 -21.58 -3.72 -27.86
C THR B 63 -21.93 -3.90 -29.34
N VAL B 64 -22.30 -2.80 -29.99
CA VAL B 64 -22.63 -2.82 -31.42
C VAL B 64 -21.49 -2.20 -32.21
N HIS B 65 -20.75 -1.29 -31.60
CA HIS B 65 -19.66 -0.62 -32.28
C HIS B 65 -18.58 -0.24 -31.28
N SER B 66 -17.34 -0.19 -31.75
CA SER B 66 -16.21 0.23 -30.93
C SER B 66 -15.28 1.07 -31.77
N GLN B 67 -14.90 2.24 -31.26
CA GLN B 67 -14.09 3.20 -32.00
C GLN B 67 -12.85 3.54 -31.20
N LYS B 68 -11.68 3.44 -31.83
CA LYS B 68 -10.45 3.84 -31.17
C LYS B 68 -10.39 5.35 -31.01
N THR B 69 -9.98 5.80 -29.83
CA THR B 69 -9.90 7.22 -29.53
C THR B 69 -8.48 7.70 -29.30
N GLY B 70 -7.50 6.82 -29.30
CA GLY B 70 -6.11 7.23 -29.19
C GLY B 70 -5.16 6.14 -28.77
N ASP B 71 -3.97 6.12 -29.37
CA ASP B 71 -2.89 5.24 -28.96
C ASP B 71 -1.66 6.06 -28.61
N ASN B 72 -0.93 5.64 -27.58
CA ASN B 72 0.18 6.41 -27.04
C ASN B 72 1.40 5.53 -26.92
N TRP B 73 2.56 6.06 -27.27
CA TRP B 73 3.83 5.35 -27.18
C TRP B 73 4.75 6.08 -26.22
N THR B 74 5.41 5.34 -25.34
CA THR B 74 6.26 5.91 -24.31
C THR B 74 7.57 5.13 -24.24
N ILE B 75 8.68 5.84 -24.14
CA ILE B 75 10.01 5.26 -24.07
C ILE B 75 10.68 5.75 -22.80
N SER B 76 11.23 4.82 -22.02
CA SER B 76 11.86 5.14 -20.74
C SER B 76 13.14 4.32 -20.56
N GLY B 77 14.01 4.81 -19.69
CA GLY B 77 15.26 4.13 -19.42
C GLY B 77 16.06 4.88 -18.38
N ASN B 78 17.27 4.37 -18.12
CA ASN B 78 18.19 4.94 -17.15
C ASN B 78 19.54 5.17 -17.81
N GLY B 79 20.09 6.37 -17.66
CA GLY B 79 21.38 6.72 -18.22
C GLY B 79 22.41 6.97 -17.12
N TYR B 80 23.61 6.42 -17.32
CA TYR B 80 24.65 6.41 -16.30
C TYR B 80 25.86 7.24 -16.74
N GLU B 81 25.63 8.38 -17.37
CA GLU B 81 26.72 9.23 -17.86
C GLU B 81 26.33 10.69 -17.74
N TYR B 82 27.20 11.49 -17.12
CA TYR B 82 26.96 12.91 -16.90
C TYR B 82 27.99 13.71 -17.69
N ASN B 83 27.63 14.05 -18.93
CA ASN B 83 28.45 14.88 -19.80
C ASN B 83 27.54 15.93 -20.44
N PRO B 84 28.07 16.93 -21.12
CA PRO B 84 27.18 17.95 -21.71
C PRO B 84 26.11 17.39 -22.63
N ARG B 85 26.42 16.35 -23.42
CA ARG B 85 25.43 15.80 -24.33
C ARG B 85 24.24 15.21 -23.59
N THR B 86 24.50 14.38 -22.57
CA THR B 86 23.42 13.73 -21.85
C THR B 86 22.62 14.74 -21.02
N ILE B 87 23.28 15.73 -20.43
CA ILE B 87 22.57 16.76 -19.68
C ILE B 87 21.67 17.57 -20.62
N MET B 88 22.18 17.93 -21.81
CA MET B 88 21.35 18.65 -22.77
C MET B 88 20.17 17.80 -23.23
N TYR B 89 20.39 16.49 -23.41
CA TYR B 89 19.29 15.60 -23.76
C TYR B 89 18.23 15.57 -22.67
N ALA B 90 18.68 15.45 -21.41
CA ALA B 90 17.75 15.40 -20.28
C ALA B 90 16.99 16.71 -20.10
N LEU B 91 17.60 17.84 -20.47
CA LEU B 91 16.94 19.13 -20.35
C LEU B 91 16.00 19.44 -21.51
N GLY B 92 15.91 18.55 -22.50
CA GLY B 92 15.06 18.81 -23.65
C GLY B 92 15.68 19.67 -24.72
N GLN B 93 17.01 19.71 -24.79
CA GLN B 93 17.73 20.51 -25.77
C GLN B 93 18.50 19.61 -26.72
N ALA B 94 19.01 20.21 -27.79
CA ALA B 94 19.72 19.47 -28.83
C ALA B 94 21.10 19.07 -28.31
N GLY B 95 21.18 17.87 -27.75
CA GLY B 95 22.41 17.38 -27.18
C GLY B 95 23.39 16.75 -28.13
N PHE B 96 22.99 16.52 -29.38
CA PHE B 96 23.90 15.90 -30.34
C PHE B 96 24.95 16.88 -30.84
N THR B 97 24.80 18.18 -30.56
CA THR B 97 25.80 19.16 -30.96
C THR B 97 27.07 19.02 -30.14
N ALA B 98 26.94 18.65 -28.87
CA ALA B 98 28.07 18.48 -27.99
C ALA B 98 28.73 17.12 -28.20
N ASP B 99 29.84 16.88 -27.49
CA ASP B 99 30.58 15.64 -27.61
C ASP B 99 30.87 15.06 -26.24
N PRO B 100 30.76 13.74 -26.06
CA PRO B 100 31.04 13.15 -24.74
C PRO B 100 32.51 12.83 -24.51
N THR B 101 33.33 12.80 -25.55
CA THR B 101 34.74 12.46 -25.42
C THR B 101 35.65 13.68 -25.53
N ALA B 102 35.14 14.87 -25.20
CA ALA B 102 35.95 16.07 -25.25
C ALA B 102 37.00 16.07 -24.13
N ALA B 103 38.01 16.92 -24.30
CA ALA B 103 39.09 17.01 -23.33
C ALA B 103 38.87 18.19 -22.39
N ARG B 104 39.57 18.18 -21.24
CA ARG B 104 39.55 19.33 -20.28
C ARG B 104 40.99 19.85 -20.20
N THR B 105 41.25 21.14 -20.43
CA THR B 105 42.65 21.65 -20.56
C THR B 105 43.59 21.56 -19.34
N ARG B 106 43.18 21.96 -18.13
CA ARG B 106 44.10 21.99 -16.94
C ARG B 106 45.38 22.83 -17.15
N ALA B 107 45.36 24.15 -16.91
CA ALA B 107 46.53 25.06 -16.98
C ALA B 107 47.17 25.12 -15.60
N VAL B 108 48.43 25.54 -15.48
CA VAL B 108 49.16 25.55 -14.23
C VAL B 108 49.52 26.98 -13.88
N VAL B 109 49.30 27.35 -12.62
CA VAL B 109 49.57 28.71 -12.15
C VAL B 109 51.05 28.81 -11.77
N SER B 110 51.72 29.84 -12.27
CA SER B 110 53.14 30.04 -12.03
C SER B 110 53.44 31.26 -11.15
N ALA B 111 52.41 31.93 -10.63
CA ALA B 111 52.61 33.09 -9.79
C ALA B 111 51.47 33.20 -8.80
N PRO B 112 51.76 33.42 -7.51
CA PRO B 112 50.68 33.50 -6.52
C PRO B 112 49.82 34.73 -6.72
N ALA B 113 48.54 34.58 -6.37
CA ALA B 113 47.58 35.67 -6.46
C ALA B 113 46.88 35.84 -5.11
N ALA B 114 46.71 37.08 -4.69
CA ALA B 114 46.11 37.40 -3.41
C ALA B 114 44.63 37.72 -3.60
N VAL B 115 43.93 37.93 -2.48
CA VAL B 115 42.52 38.27 -2.51
C VAL B 115 42.36 39.70 -2.99
N GLY B 116 41.41 39.92 -3.90
CA GLY B 116 41.14 41.23 -4.43
C GLY B 116 41.67 41.51 -5.82
N VAL B 117 42.50 40.64 -6.37
CA VAL B 117 43.03 40.80 -7.71
C VAL B 117 42.10 40.08 -8.68
N SER B 118 42.20 40.43 -9.97
CA SER B 118 41.42 39.80 -11.02
C SER B 118 42.28 39.38 -12.19
N GLU B 119 43.58 39.21 -11.95
CA GLU B 119 44.52 38.77 -12.97
C GLU B 119 45.35 37.62 -12.44
N ILE B 120 45.70 36.69 -13.31
CA ILE B 120 46.45 35.50 -12.93
C ILE B 120 47.44 35.16 -14.03
N SER B 121 48.55 34.55 -13.64
CA SER B 121 49.63 34.18 -14.56
C SER B 121 49.70 32.66 -14.64
N VAL B 122 49.68 32.13 -15.86
CA VAL B 122 49.69 30.69 -16.08
C VAL B 122 50.93 30.31 -16.88
N GLN B 123 51.19 29.00 -16.95
CA GLN B 123 52.33 28.51 -17.70
C GLN B 123 52.18 28.76 -19.18
N SER B 124 51.04 28.39 -19.75
CA SER B 124 50.79 28.56 -21.18
C SER B 124 49.30 28.58 -21.43
N ALA B 125 48.85 29.54 -22.22
CA ALA B 125 47.43 29.70 -22.55
C ALA B 125 47.06 28.94 -23.81
N THR B 126 47.33 27.64 -23.84
CA THR B 126 47.00 26.80 -24.98
C THR B 126 45.70 26.05 -24.67
N GLY B 127 44.72 26.20 -25.54
CA GLY B 127 43.41 25.60 -25.37
C GLY B 127 42.41 26.48 -24.66
N LEU B 128 42.85 27.60 -24.11
CA LEU B 128 41.98 28.55 -23.43
C LEU B 128 41.77 29.78 -24.30
N ALA B 129 40.53 30.19 -24.47
CA ALA B 129 40.17 31.33 -25.29
C ALA B 129 39.31 32.30 -24.50
N VAL B 130 39.05 33.46 -25.11
CA VAL B 130 38.21 34.47 -24.48
C VAL B 130 36.79 33.96 -24.38
N GLY B 131 36.16 34.16 -23.22
CA GLY B 131 34.80 33.71 -23.00
C GLY B 131 34.67 32.31 -22.45
N ASP B 132 35.78 31.61 -22.21
CA ASP B 132 35.72 30.27 -21.64
C ASP B 132 35.47 30.33 -20.14
N TRP B 133 35.03 29.20 -19.59
CA TRP B 133 34.80 29.07 -18.17
C TRP B 133 35.82 28.11 -17.57
N VAL B 134 36.39 28.50 -16.44
CA VAL B 134 37.41 27.70 -15.75
C VAL B 134 37.02 27.56 -14.29
N ILE B 135 37.30 26.39 -13.72
CA ILE B 135 37.05 26.12 -12.30
C ILE B 135 38.39 25.99 -11.60
N LEU B 136 38.60 26.78 -10.55
CA LEU B 136 39.87 26.77 -9.83
C LEU B 136 40.01 25.50 -9.02
N TYR B 137 41.17 24.85 -9.13
CA TYR B 137 41.47 23.64 -8.39
C TYR B 137 42.65 23.92 -7.47
N ASN B 138 42.43 23.82 -6.16
CA ASN B 138 43.46 24.08 -5.16
C ASN B 138 43.97 22.76 -4.60
N LYS B 139 45.30 22.61 -4.54
CA LYS B 139 45.89 21.38 -4.05
C LYS B 139 45.63 21.20 -2.55
N LEU B 140 45.72 22.28 -1.78
CA LEU B 140 45.53 22.24 -0.34
C LEU B 140 44.40 23.18 0.05
N GLY B 141 43.56 22.74 0.98
CA GLY B 141 42.44 23.51 1.44
C GLY B 141 41.11 22.92 0.98
N ASP B 142 40.04 23.51 1.48
CA ASP B 142 38.69 23.06 1.14
C ASP B 142 38.34 23.46 -0.29
N ASN B 143 37.42 22.71 -0.88
CA ASN B 143 36.99 22.94 -2.26
C ASN B 143 35.72 23.78 -2.22
N ASN B 144 35.85 25.07 -2.53
CA ASN B 144 34.72 25.98 -2.56
C ASN B 144 34.01 26.00 -3.91
N GLY B 145 34.57 25.35 -4.92
CA GLY B 145 33.95 25.32 -6.24
C GLY B 145 33.74 26.68 -6.85
N LEU B 146 34.82 27.37 -7.18
CA LEU B 146 34.78 28.72 -7.72
C LEU B 146 35.01 28.68 -9.23
N ALA B 147 34.10 29.29 -9.98
CA ALA B 147 34.17 29.30 -11.43
C ALA B 147 34.31 30.74 -11.91
N TYR B 148 35.17 30.93 -12.92
CA TYR B 148 35.46 32.25 -13.46
C TYR B 148 35.37 32.20 -14.98
N LYS B 149 35.02 33.35 -15.57
CA LYS B 149 34.96 33.51 -17.02
C LYS B 149 36.15 34.33 -17.49
N ILE B 150 36.83 33.83 -18.51
CA ILE B 150 38.01 34.52 -19.04
C ILE B 150 37.54 35.71 -19.87
N ASP B 151 38.05 36.90 -19.55
CA ASP B 151 37.68 38.12 -20.24
C ASP B 151 38.69 38.56 -21.29
N ALA B 152 39.99 38.44 -20.99
CA ALA B 152 41.03 38.83 -21.94
C ALA B 152 42.29 38.04 -21.64
N ILE B 153 42.96 37.59 -22.70
CA ILE B 153 44.22 36.86 -22.59
C ILE B 153 45.30 37.67 -23.28
N ALA B 154 46.28 38.13 -22.50
CA ALA B 154 47.45 38.83 -23.02
C ALA B 154 48.69 38.14 -22.50
N THR B 155 49.55 37.70 -23.42
CA THR B 155 50.73 36.91 -23.09
C THR B 155 50.35 35.72 -22.21
N ASN B 156 50.92 35.66 -21.00
CA ASN B 156 50.60 34.61 -20.05
C ASN B 156 49.68 35.08 -18.93
N THR B 157 49.07 36.26 -19.08
CA THR B 157 48.22 36.84 -18.05
C THR B 157 46.75 36.66 -18.45
N ILE B 158 45.96 36.10 -17.55
CA ILE B 158 44.54 35.88 -17.78
C ILE B 158 43.75 36.78 -16.83
N THR B 159 42.82 37.55 -17.40
CA THR B 159 41.98 38.46 -16.62
C THR B 159 40.61 37.81 -16.43
N LEU B 160 40.25 37.56 -15.17
CA LEU B 160 38.97 36.94 -14.86
C LEU B 160 37.87 38.00 -14.75
N ASP B 161 36.63 37.55 -14.81
CA ASP B 161 35.48 38.48 -14.85
C ASP B 161 35.30 39.23 -13.52
N ARG B 162 35.59 38.58 -12.40
CA ARG B 162 35.33 39.20 -11.09
C ARG B 162 36.52 39.00 -10.16
N ASP B 163 36.62 39.82 -9.14
CA ASP B 163 37.76 39.75 -8.20
C ASP B 163 37.77 38.43 -7.43
N LEU B 164 38.93 38.00 -6.98
CA LEU B 164 39.12 36.77 -6.23
C LEU B 164 38.63 36.94 -4.78
N VAL B 165 38.06 35.88 -4.23
CA VAL B 165 37.68 35.84 -2.82
C VAL B 165 38.54 34.86 -2.03
N ALA B 166 39.32 34.02 -2.69
CA ALA B 166 40.24 33.11 -2.03
C ALA B 166 41.57 33.18 -2.76
N PRO B 167 42.68 33.07 -2.03
CA PRO B 167 44.00 33.17 -2.67
C PRO B 167 44.32 31.94 -3.50
N VAL B 168 45.09 32.15 -4.57
CA VAL B 168 45.58 31.09 -5.43
C VAL B 168 47.09 31.03 -5.28
N ALA B 169 47.62 29.87 -4.91
CA ALA B 169 49.05 29.68 -4.71
C ALA B 169 49.68 29.13 -5.98
N VAL B 170 50.98 28.84 -5.91
CA VAL B 170 51.71 28.28 -7.03
C VAL B 170 51.49 26.76 -7.05
N GLY B 171 51.15 26.23 -8.22
CA GLY B 171 50.82 24.84 -8.39
C GLY B 171 49.35 24.55 -8.55
N ASP B 172 48.49 25.54 -8.33
CA ASP B 172 47.07 25.36 -8.54
C ASP B 172 46.77 25.25 -10.04
N GLU B 173 45.60 24.70 -10.35
CA GLU B 173 45.21 24.43 -11.72
C GLU B 173 43.88 25.09 -12.04
N LEU B 174 43.72 25.46 -13.31
CA LEU B 174 42.47 26.00 -13.83
C LEU B 174 41.88 24.98 -14.79
N VAL B 175 40.80 24.32 -14.37
CA VAL B 175 40.19 23.26 -15.16
C VAL B 175 39.10 23.86 -16.04
N LYS B 176 39.20 23.63 -17.34
CA LYS B 176 38.20 24.13 -18.27
C LYS B 176 36.86 23.42 -18.07
N SER B 177 35.78 24.15 -18.29
CA SER B 177 34.44 23.62 -18.08
C SER B 177 33.50 24.18 -19.14
N THR B 178 32.29 23.62 -19.19
CA THR B 178 31.26 24.02 -20.13
C THR B 178 30.04 24.50 -19.35
N LEU B 179 29.45 25.60 -19.82
CA LEU B 179 28.30 26.20 -19.15
C LEU B 179 27.02 25.70 -19.80
N ILE B 180 26.10 25.17 -18.99
CA ILE B 180 24.82 24.67 -19.46
C ILE B 180 23.73 25.47 -18.77
N ASN B 181 22.85 26.08 -19.56
CA ASN B 181 21.74 26.85 -19.03
C ASN B 181 20.44 26.06 -19.17
N THR B 182 19.68 25.98 -18.08
CA THR B 182 18.48 25.18 -18.05
C THR B 182 17.33 25.77 -18.85
N ASN B 183 17.40 27.05 -19.19
CA ASN B 183 16.35 27.73 -19.93
C ASN B 183 16.87 28.10 -21.31
N ASN B 184 16.15 27.67 -22.34
CA ASN B 184 16.50 28.03 -23.72
C ASN B 184 15.72 29.27 -24.12
N PRO B 185 16.37 30.42 -24.37
CA PRO B 185 15.64 31.64 -24.71
C PRO B 185 15.22 31.75 -26.16
N ASN B 186 15.73 30.88 -27.04
CA ASN B 186 15.38 30.92 -28.45
C ASN B 186 14.16 30.06 -28.80
N SER B 187 13.57 29.40 -27.81
CA SER B 187 12.37 28.59 -28.02
C SER B 187 11.17 29.36 -27.49
N CYS B 188 10.24 29.68 -28.39
CA CYS B 188 9.07 30.46 -27.98
C CYS B 188 8.18 29.69 -27.03
N SER B 189 7.99 28.39 -27.29
CA SER B 189 7.10 27.56 -26.49
C SER B 189 7.81 26.76 -25.40
N GLY B 190 9.03 26.31 -25.67
CA GLY B 190 9.76 25.48 -24.73
C GLY B 190 9.73 23.99 -25.06
N ALA B 191 9.08 23.60 -26.15
CA ALA B 191 9.01 22.21 -26.57
C ALA B 191 9.80 22.04 -27.86
N GLU B 192 10.75 21.11 -27.85
CA GLU B 192 11.58 20.82 -29.01
C GLU B 192 11.46 19.35 -29.37
N TYR B 193 11.41 19.07 -30.67
CA TYR B 193 11.12 17.74 -31.18
C TYR B 193 12.34 17.15 -31.87
N PHE B 194 12.49 15.83 -31.74
CA PHE B 194 13.63 15.11 -32.27
C PHE B 194 13.16 13.83 -32.94
N SER B 195 14.11 13.06 -33.46
CA SER B 195 13.87 11.72 -33.98
C SER B 195 14.63 10.70 -33.13
N ALA B 196 14.14 9.48 -33.14
CA ALA B 196 14.70 8.43 -32.30
C ALA B 196 14.84 7.13 -33.09
N LYS B 197 15.75 6.27 -32.61
CA LYS B 197 15.97 4.96 -33.20
C LYS B 197 16.44 4.02 -32.10
N ILE B 198 15.94 2.78 -32.12
CA ILE B 198 16.26 1.78 -31.12
C ILE B 198 16.78 0.54 -31.84
N VAL B 199 17.92 0.02 -31.41
CA VAL B 199 18.58 -1.12 -32.03
C VAL B 199 18.80 -2.20 -30.98
N SER B 200 18.44 -3.44 -31.32
CA SER B 200 18.68 -4.58 -30.45
C SER B 200 18.85 -5.83 -31.33
N ALA B 201 18.83 -6.99 -30.69
CA ALA B 201 19.01 -8.25 -31.40
C ALA B 201 18.35 -9.38 -30.62
N ASP B 202 18.06 -10.47 -31.32
CA ASP B 202 17.49 -11.67 -30.72
C ASP B 202 18.59 -12.52 -30.09
N VAL B 203 18.20 -13.71 -29.63
CA VAL B 203 19.19 -14.65 -29.12
C VAL B 203 20.04 -15.22 -30.25
N ASN B 204 19.47 -15.35 -31.45
CA ASN B 204 20.19 -15.84 -32.62
C ASN B 204 20.84 -14.72 -33.41
N CYS B 205 21.07 -13.56 -32.79
CA CYS B 205 21.73 -12.42 -33.43
C CYS B 205 20.97 -11.95 -34.66
N ASN B 206 19.65 -11.83 -34.51
CA ASN B 206 18.79 -11.26 -35.53
C ASN B 206 18.43 -9.83 -35.16
N PRO B 207 18.83 -8.84 -35.95
CA PRO B 207 18.67 -7.44 -35.53
C PRO B 207 17.21 -7.03 -35.41
N ILE B 208 16.96 -6.12 -34.47
CA ILE B 208 15.65 -5.49 -34.28
C ILE B 208 15.87 -3.98 -34.34
N VAL B 209 15.10 -3.30 -35.19
CA VAL B 209 15.21 -1.86 -35.36
C VAL B 209 13.83 -1.25 -35.17
N VAL B 210 13.74 -0.25 -34.30
CA VAL B 210 12.52 0.51 -34.05
C VAL B 210 12.79 1.97 -34.36
N ILE B 211 11.94 2.58 -35.18
CA ILE B 211 12.15 3.93 -35.68
C ILE B 211 10.96 4.79 -35.30
N VAL B 212 11.23 5.90 -34.61
CA VAL B 212 10.20 6.84 -34.19
C VAL B 212 10.50 8.19 -34.82
N PRO B 213 9.75 8.60 -35.86
CA PRO B 213 10.09 9.86 -36.55
C PRO B 213 10.06 11.11 -35.67
N LYS B 214 9.14 11.21 -34.70
CA LYS B 214 9.06 12.37 -33.82
C LYS B 214 8.88 11.93 -32.38
N VAL B 215 9.67 12.52 -31.49
CA VAL B 215 9.57 12.25 -30.05
C VAL B 215 9.64 13.59 -29.31
N GLN B 216 9.13 13.60 -28.09
CA GLN B 216 9.26 14.72 -27.18
C GLN B 216 9.72 14.20 -25.82
N ILE B 217 10.76 14.83 -25.26
CA ILE B 217 11.29 14.43 -23.97
C ILE B 217 10.53 15.16 -22.88
N THR B 218 9.71 14.42 -22.12
CA THR B 218 8.84 15.02 -21.11
C THR B 218 9.42 14.95 -19.71
N SER B 219 10.62 14.42 -19.54
CA SER B 219 11.23 14.33 -18.23
C SER B 219 12.10 15.57 -17.97
N GLY B 220 12.83 15.54 -16.85
CA GLY B 220 13.73 16.62 -16.51
C GLY B 220 15.02 16.07 -15.92
N LEU B 221 15.93 16.99 -15.63
CA LEU B 221 17.22 16.61 -15.06
C LEU B 221 17.04 16.15 -13.62
N ASN B 222 17.54 14.94 -13.33
CA ASN B 222 17.42 14.33 -12.01
C ASN B 222 18.80 13.84 -11.60
N LEU B 223 19.38 14.46 -10.58
CA LEU B 223 20.70 14.10 -10.07
C LEU B 223 20.59 13.84 -8.57
N ALA B 224 20.96 12.63 -8.15
CA ALA B 224 20.90 12.22 -6.75
C ALA B 224 22.29 11.75 -6.33
N PHE B 225 22.80 12.31 -5.24
CA PHE B 225 24.14 12.01 -4.76
C PHE B 225 24.07 11.04 -3.59
N GLY B 226 24.97 10.07 -3.58
CA GLY B 226 25.02 9.10 -2.50
C GLY B 226 26.20 8.19 -2.68
N ALA B 227 26.56 7.54 -1.57
CA ALA B 227 27.71 6.62 -1.55
C ALA B 227 27.30 5.16 -1.74
N THR B 228 26.02 4.88 -1.97
CA THR B 228 25.58 3.50 -2.07
C THR B 228 25.78 2.94 -3.48
N ASP B 229 25.27 3.65 -4.49
CA ASP B 229 25.33 3.18 -5.87
C ASP B 229 25.52 4.36 -6.80
N TYR B 230 25.79 4.05 -8.07
CA TYR B 230 26.04 5.07 -9.07
C TYR B 230 24.78 5.84 -9.39
N ALA B 231 24.92 7.16 -9.57
CA ALA B 231 23.80 8.01 -9.93
C ALA B 231 23.43 7.83 -11.40
N ASN B 232 22.14 7.95 -11.68
CA ASN B 232 21.63 7.79 -13.04
C ASN B 232 20.50 8.77 -13.29
N ILE B 233 20.20 8.99 -14.57
CA ILE B 233 19.15 9.92 -15.00
C ILE B 233 18.01 9.10 -15.60
N ALA B 234 16.80 9.32 -15.11
CA ALA B 234 15.61 8.67 -15.65
C ALA B 234 15.10 9.44 -16.85
N TYR B 235 14.88 8.74 -17.95
CA TYR B 235 14.45 9.34 -19.21
C TYR B 235 13.01 8.95 -19.48
N GLN B 236 12.28 9.84 -20.15
CA GLN B 236 10.92 9.54 -20.60
C GLN B 236 10.65 10.30 -21.89
N MET B 237 10.10 9.61 -22.88
CA MET B 237 9.80 10.18 -24.19
C MET B 237 8.41 9.75 -24.62
N LYS B 238 7.80 10.56 -25.48
CA LYS B 238 6.49 10.24 -26.04
C LYS B 238 6.53 10.49 -27.54
N ALA B 239 5.85 9.63 -28.29
CA ALA B 239 5.78 9.75 -29.74
C ALA B 239 4.58 10.59 -30.15
N MET B 240 4.76 11.38 -31.21
CA MET B 240 3.73 12.29 -31.66
C MET B 240 3.54 12.15 -33.16
N ALA B 241 2.39 12.61 -33.64
CA ALA B 241 2.09 12.55 -35.06
C ALA B 241 2.61 13.80 -35.78
N LEU B 242 3.17 13.59 -36.97
CA LEU B 242 3.75 14.66 -37.75
C LEU B 242 2.69 15.45 -38.49
N THR B 243 3.01 16.70 -38.80
CA THR B 243 2.14 17.59 -39.55
C THR B 243 2.78 17.93 -40.89
N ARG B 244 2.09 18.77 -41.67
CA ARG B 244 2.56 19.13 -43.01
C ARG B 244 3.90 19.86 -42.96
N LYS B 245 4.04 20.79 -42.00
CA LYS B 245 5.25 21.60 -41.91
C LYS B 245 6.41 20.84 -41.29
N ASP B 246 6.15 19.74 -40.59
CA ASP B 246 7.21 18.99 -39.92
C ASP B 246 8.08 18.26 -40.93
N ALA B 247 9.38 18.24 -40.65
CA ALA B 247 10.31 17.49 -41.50
C ALA B 247 10.07 15.99 -41.34
N GLY B 248 10.24 15.25 -42.44
CA GLY B 248 9.96 13.84 -42.43
C GLY B 248 8.51 13.46 -42.62
N TYR B 249 7.66 14.40 -43.06
CA TYR B 249 6.26 14.09 -43.27
C TYR B 249 6.07 13.07 -44.37
N ASP B 250 6.96 13.06 -45.36
CA ASP B 250 6.86 12.08 -46.44
C ASP B 250 7.03 10.67 -45.93
N LEU B 251 7.98 10.46 -45.02
CA LEU B 251 8.14 9.15 -44.39
C LEU B 251 6.93 8.77 -43.54
N TYR B 252 6.29 9.76 -42.92
CA TYR B 252 5.14 9.50 -42.07
C TYR B 252 3.97 8.96 -42.87
N VAL B 253 3.63 9.62 -43.97
CA VAL B 253 2.48 9.19 -44.77
C VAL B 253 2.80 7.97 -45.64
N GLN B 254 4.08 7.71 -45.91
CA GLN B 254 4.43 6.55 -46.72
C GLN B 254 4.15 5.26 -45.96
N HIS B 255 4.32 5.28 -44.64
CA HIS B 255 4.12 4.10 -43.81
C HIS B 255 2.75 4.10 -43.13
N GLY B 256 1.73 4.61 -43.81
CA GLY B 256 0.39 4.55 -43.29
C GLY B 256 0.12 5.43 -42.08
N LYS B 257 0.83 6.55 -41.96
CA LYS B 257 0.67 7.48 -40.84
C LYS B 257 0.89 6.78 -39.50
N SER B 258 1.97 6.01 -39.41
CA SER B 258 2.32 5.28 -38.20
C SER B 258 3.31 6.08 -37.37
N LYS B 259 3.03 6.17 -36.06
CA LYS B 259 3.96 6.81 -35.15
C LYS B 259 5.24 5.99 -34.98
N VAL B 260 5.10 4.67 -34.94
CA VAL B 260 6.21 3.76 -34.74
C VAL B 260 6.06 2.58 -35.71
N PHE B 261 7.14 2.24 -36.39
CA PHE B 261 7.15 1.04 -37.22
C PHE B 261 8.42 0.24 -36.93
N LEU B 262 8.31 -1.08 -37.04
CA LEU B 262 9.36 -2.00 -36.62
C LEU B 262 9.90 -2.74 -37.83
N LEU B 263 11.16 -3.15 -37.76
CA LEU B 263 11.80 -3.99 -38.77
C LEU B 263 12.39 -5.22 -38.07
N THR B 264 11.58 -6.25 -37.93
CA THR B 264 12.03 -7.48 -37.26
C THR B 264 12.17 -8.63 -38.26
N MET C 1 30.03 -14.26 -31.87
CA MET C 1 29.19 -13.43 -32.79
C MET C 1 28.24 -12.55 -31.96
N GLN C 2 28.29 -12.67 -30.62
CA GLN C 2 27.38 -11.90 -29.75
C GLN C 2 27.73 -10.42 -29.81
N GLN C 3 26.73 -9.55 -29.82
CA GLN C 3 26.99 -8.10 -29.94
C GLN C 3 26.44 -7.41 -28.70
N ASN C 4 27.12 -6.37 -28.22
CA ASN C 4 26.71 -5.69 -26.98
C ASN C 4 25.98 -4.39 -27.34
N PHE C 5 24.84 -4.13 -26.69
CA PHE C 5 24.02 -2.95 -27.03
C PHE C 5 23.91 -2.04 -25.81
N GLY C 6 23.86 -0.73 -26.02
CA GLY C 6 23.79 0.23 -24.94
C GLY C 6 25.06 0.32 -24.14
N THR C 7 26.20 0.38 -24.83
CA THR C 7 27.50 0.45 -24.20
C THR C 7 27.90 1.91 -23.95
N ALA C 8 28.89 2.07 -23.08
CA ALA C 8 29.32 3.41 -22.67
C ALA C 8 30.17 4.08 -23.74
N LEU C 9 30.12 5.41 -23.82
CA LEU C 9 30.89 6.16 -24.85
C LEU C 9 31.90 7.06 -24.17
N GLY C 10 31.87 7.17 -22.84
CA GLY C 10 32.82 8.02 -22.09
C GLY C 10 33.07 7.48 -20.70
N ASP C 11 33.60 8.31 -19.79
CA ASP C 11 33.89 7.88 -18.41
C ASP C 11 33.26 8.82 -17.37
N GLY C 12 32.26 9.60 -17.74
CA GLY C 12 31.70 10.57 -16.79
C GLY C 12 30.63 9.94 -15.93
N PHE C 13 31.03 9.20 -14.90
CA PHE C 13 30.06 8.54 -14.01
C PHE C 13 30.15 9.23 -12.65
N VAL C 14 29.10 9.23 -11.83
CA VAL C 14 29.14 9.98 -10.55
C VAL C 14 28.84 9.06 -9.37
N LEU C 15 29.80 8.85 -8.47
CA LEU C 15 29.57 8.15 -7.21
C LEU C 15 30.27 8.93 -6.11
N ASN C 16 29.55 9.84 -5.47
CA ASN C 16 30.12 10.72 -4.46
C ASN C 16 28.98 11.45 -3.78
N GLU C 17 29.35 12.25 -2.78
CA GLU C 17 28.43 13.16 -2.10
C GLU C 17 28.68 14.59 -2.57
N ALA C 18 27.79 15.48 -2.18
CA ALA C 18 27.85 16.87 -2.60
C ALA C 18 27.78 17.79 -1.39
N THR C 19 28.36 18.98 -1.55
CA THR C 19 28.40 20.00 -0.52
C THR C 19 27.39 21.09 -0.88
N LEU C 20 26.55 21.47 0.07
CA LEU C 20 25.54 22.49 -0.13
C LEU C 20 25.90 23.74 0.66
N MET C 21 25.98 24.87 -0.03
CA MET C 21 26.32 26.15 0.57
C MET C 21 25.15 27.11 0.40
N ILE C 22 24.75 27.76 1.49
CA ILE C 22 23.67 28.74 1.48
C ILE C 22 24.21 30.06 2.01
N GLY C 23 23.96 31.14 1.27
CA GLY C 23 24.47 32.44 1.63
C GLY C 23 23.47 33.54 1.31
N ALA C 24 23.93 34.77 1.39
CA ALA C 24 23.07 35.92 1.17
C ALA C 24 22.70 36.05 -0.31
N LEU C 25 21.59 36.73 -0.56
CA LEU C 25 21.11 36.94 -1.92
C LEU C 25 22.07 37.87 -2.66
N GLY C 26 22.46 37.47 -3.87
CA GLY C 26 23.34 38.25 -4.71
C GLY C 26 24.76 37.73 -4.79
N SER C 27 25.17 36.85 -3.89
CA SER C 27 26.54 36.33 -3.86
C SER C 27 26.57 34.83 -4.10
N ALA C 28 25.83 34.36 -5.10
CA ALA C 28 25.75 32.93 -5.38
C ALA C 28 27.07 32.34 -5.86
N LEU C 29 27.89 33.11 -6.56
CA LEU C 29 29.13 32.61 -7.13
C LEU C 29 30.31 32.70 -6.18
N ASP C 30 30.17 33.40 -5.06
CA ASP C 30 31.29 33.65 -4.15
C ASP C 30 31.05 33.01 -2.79
N LEU C 31 30.41 31.86 -2.76
CA LEU C 31 30.18 31.15 -1.51
C LEU C 31 31.37 30.26 -1.17
N THR C 32 31.77 30.28 0.10
CA THR C 32 32.95 29.49 0.57
C THR C 32 32.47 28.47 1.59
N GLU C 33 33.11 27.33 1.70
CA GLU C 33 32.64 26.24 2.61
C GLU C 33 32.70 26.68 4.06
N GLU C 34 33.77 27.30 4.51
CA GLU C 34 33.90 27.62 5.95
C GLU C 34 32.76 28.54 6.40
N GLU C 35 32.45 29.56 5.61
CA GLU C 35 31.47 30.58 6.07
C GLU C 35 30.05 30.23 5.69
N HIS C 36 29.83 29.50 4.59
CA HIS C 36 28.43 29.29 4.14
C HIS C 36 27.97 27.84 4.11
N SER C 37 28.81 26.85 4.41
CA SER C 37 28.36 25.44 4.28
C SER C 37 27.42 25.05 5.39
N VAL C 38 26.64 24.00 5.18
CA VAL C 38 25.72 23.52 6.20
C VAL C 38 26.42 22.57 7.18
N GLY C 39 27.25 21.67 6.66
CA GLY C 39 27.93 20.70 7.51
C GLY C 39 27.85 19.30 6.95
N LEU C 40 27.62 18.33 7.82
CA LEU C 40 27.48 16.93 7.39
C LEU C 40 26.14 16.78 6.68
N PHE C 41 26.18 16.67 5.35
CA PHE C 41 24.99 16.58 4.52
C PHE C 41 25.01 15.27 3.75
N LYS C 42 23.88 14.56 3.76
CA LYS C 42 23.78 13.26 3.14
C LYS C 42 22.55 13.20 2.23
N ASN C 43 22.69 12.45 1.14
CA ASN C 43 21.60 12.17 0.20
C ASN C 43 21.04 13.46 -0.40
N LEU C 44 21.92 14.23 -1.03
CA LEU C 44 21.50 15.44 -1.72
C LEU C 44 20.91 15.06 -3.09
N ALA C 45 19.71 15.56 -3.37
CA ALA C 45 19.01 15.22 -4.60
C ALA C 45 18.47 16.50 -5.24
N ILE C 46 18.54 16.55 -6.57
CA ILE C 46 17.99 17.66 -7.35
C ILE C 46 16.93 17.10 -8.27
N ALA C 47 15.75 17.71 -8.29
CA ALA C 47 14.62 17.21 -9.06
C ALA C 47 14.06 18.32 -9.94
N ASN C 48 13.67 17.96 -11.16
CA ASN C 48 13.03 18.88 -12.10
C ASN C 48 11.73 18.27 -12.59
N ASP C 49 10.66 19.06 -12.54
CA ASP C 49 9.35 18.63 -13.02
C ASP C 49 8.81 19.69 -13.97
N LYS C 50 8.44 19.26 -15.18
CA LYS C 50 7.95 20.16 -16.21
C LYS C 50 6.52 19.79 -16.59
N THR C 51 5.71 20.80 -16.88
CA THR C 51 4.32 20.63 -17.24
C THR C 51 4.05 21.27 -18.60
N PHE C 52 3.27 20.59 -19.43
CA PHE C 52 2.95 21.05 -20.77
C PHE C 52 1.45 21.10 -20.98
N GLN C 53 1.03 21.98 -21.89
CA GLN C 53 -0.36 22.11 -22.29
C GLN C 53 -0.46 21.85 -23.78
N ASP C 54 -1.30 20.89 -24.16
CA ASP C 54 -1.38 20.40 -25.53
C ASP C 54 -2.72 20.76 -26.16
N LEU C 55 -2.68 21.13 -27.44
CA LEU C 55 -3.88 21.32 -28.24
C LEU C 55 -4.02 20.15 -29.20
N ASN C 56 -5.19 19.52 -29.19
CA ASN C 56 -5.42 18.29 -29.93
C ASN C 56 -6.54 18.46 -30.93
N GLN C 57 -6.48 17.71 -32.02
CA GLN C 57 -7.51 17.72 -33.05
C GLN C 57 -7.82 16.30 -33.48
N GLY C 58 -9.04 16.09 -33.96
CA GLY C 58 -9.45 14.81 -34.49
C GLY C 58 -9.93 13.86 -33.42
N VAL C 59 -10.44 12.71 -33.88
CA VAL C 59 -10.91 11.68 -32.95
C VAL C 59 -9.73 11.05 -32.20
N THR C 60 -8.61 10.86 -32.89
CA THR C 60 -7.43 10.25 -32.29
C THR C 60 -6.58 11.24 -31.49
N GLN C 61 -6.97 12.52 -31.47
CA GLN C 61 -6.30 13.54 -30.67
C GLN C 61 -4.84 13.71 -31.07
N ASP C 62 -4.59 14.15 -32.29
CA ASP C 62 -3.24 14.46 -32.77
C ASP C 62 -2.84 15.84 -32.25
N THR C 63 -1.72 15.91 -31.54
CA THR C 63 -1.26 17.17 -30.99
C THR C 63 -0.74 18.08 -32.09
N VAL C 64 -1.20 19.34 -32.10
CA VAL C 64 -0.75 20.32 -33.08
C VAL C 64 0.20 21.29 -32.44
N HIS C 65 0.06 21.52 -31.13
CA HIS C 65 0.92 22.45 -30.41
C HIS C 65 1.06 22.00 -28.97
N SER C 66 2.21 22.34 -28.37
CA SER C 66 2.48 22.04 -26.98
C SER C 66 3.21 23.23 -26.36
N GLN C 67 2.72 23.69 -25.22
CA GLN C 67 3.26 24.88 -24.56
C GLN C 67 3.65 24.54 -23.14
N LYS C 68 4.88 24.90 -22.76
CA LYS C 68 5.31 24.70 -21.38
C LYS C 68 4.60 25.67 -20.46
N THR C 69 4.14 25.16 -19.32
CA THR C 69 3.41 25.96 -18.35
C THR C 69 4.16 26.13 -17.04
N GLY C 70 5.30 25.46 -16.86
CA GLY C 70 6.10 25.66 -15.67
C GLY C 70 7.11 24.58 -15.41
N ASP C 71 8.31 24.96 -14.96
CA ASP C 71 9.32 24.02 -14.50
C ASP C 71 9.71 24.35 -13.06
N ASN C 72 9.96 23.31 -12.26
CA ASN C 72 10.19 23.47 -10.84
C ASN C 72 11.44 22.72 -10.45
N TRP C 73 12.26 23.34 -9.59
CA TRP C 73 13.49 22.75 -9.08
C TRP C 73 13.38 22.58 -7.58
N THR C 74 13.79 21.42 -7.08
CA THR C 74 13.69 21.10 -5.66
C THR C 74 14.99 20.47 -5.18
N ILE C 75 15.46 20.89 -4.01
CA ILE C 75 16.70 20.40 -3.42
C ILE C 75 16.37 19.85 -2.04
N SER C 76 16.84 18.63 -1.75
CA SER C 76 16.56 17.97 -0.49
C SER C 76 17.79 17.23 0.00
N GLY C 77 17.81 16.95 1.30
CA GLY C 77 18.93 16.24 1.90
C GLY C 77 18.69 16.05 3.38
N ASN C 78 19.71 15.48 4.04
CA ASN C 78 19.68 15.20 5.47
C ASN C 78 20.92 15.80 6.12
N GLY C 79 20.72 16.55 7.21
CA GLY C 79 21.82 17.17 7.94
C GLY C 79 21.94 16.56 9.33
N TYR C 80 23.18 16.28 9.72
CA TYR C 80 23.49 15.55 10.95
C TYR C 80 24.24 16.42 11.95
N GLU C 81 23.85 17.69 12.08
CA GLU C 81 24.53 18.60 12.98
C GLU C 81 23.51 19.57 13.57
N TYR C 82 23.52 19.70 14.90
CA TYR C 82 22.59 20.57 15.62
C TYR C 82 23.38 21.68 16.30
N ASN C 83 23.55 22.79 15.60
CA ASN C 83 24.22 23.98 16.12
C ASN C 83 23.36 25.19 15.73
N PRO C 84 23.64 26.39 16.26
CA PRO C 84 22.79 27.54 15.91
C PRO C 84 22.67 27.79 14.42
N ARG C 85 23.76 27.59 13.65
CA ARG C 85 23.69 27.86 12.21
C ARG C 85 22.71 26.94 11.51
N THR C 86 22.80 25.63 11.78
CA THR C 86 21.92 24.68 11.11
C THR C 86 20.47 24.83 11.56
N ILE C 87 20.25 25.12 12.85
CA ILE C 87 18.88 25.35 13.31
C ILE C 87 18.29 26.59 12.66
N MET C 88 19.08 27.67 12.56
CA MET C 88 18.60 28.87 11.89
C MET C 88 18.31 28.60 10.41
N TYR C 89 19.15 27.80 9.76
CA TYR C 89 18.88 27.43 8.37
C TYR C 89 17.58 26.65 8.25
N ALA C 90 17.36 25.68 9.14
CA ALA C 90 16.15 24.88 9.11
C ALA C 90 14.90 25.70 9.41
N LEU C 91 15.02 26.75 10.21
CA LEU C 91 13.89 27.60 10.53
C LEU C 91 13.60 28.65 9.46
N GLY C 92 14.41 28.71 8.40
CA GLY C 92 14.20 29.71 7.38
C GLY C 92 14.79 31.06 7.68
N GLN C 93 15.81 31.11 8.53
CA GLN C 93 16.46 32.36 8.91
C GLN C 93 17.91 32.36 8.43
N ALA C 94 18.53 33.54 8.52
CA ALA C 94 19.89 33.73 8.04
C ALA C 94 20.85 33.06 9.01
N GLY C 95 21.19 31.80 8.71
CA GLY C 95 22.07 31.02 9.56
C GLY C 95 23.55 31.24 9.36
N PHE C 96 23.95 31.95 8.32
CA PHE C 96 25.38 32.16 8.08
C PHE C 96 25.97 33.19 9.02
N THR C 97 25.12 33.92 9.76
CA THR C 97 25.65 34.89 10.72
C THR C 97 26.27 34.19 11.93
N ALA C 98 25.72 33.03 12.31
CA ALA C 98 26.24 32.28 13.45
C ALA C 98 27.45 31.44 13.03
N ASP C 99 28.05 30.76 14.00
CA ASP C 99 29.22 29.94 13.77
C ASP C 99 29.04 28.57 14.38
N PRO C 100 29.46 27.51 13.69
CA PRO C 100 29.32 26.15 14.25
C PRO C 100 30.44 25.74 15.18
N THR C 101 31.59 26.43 15.16
CA THR C 101 32.74 26.07 15.97
C THR C 101 32.93 27.00 17.16
N ALA C 102 31.85 27.63 17.64
CA ALA C 102 31.94 28.52 18.78
C ALA C 102 32.20 27.71 20.06
N ALA C 103 32.65 28.41 21.09
CA ALA C 103 32.96 27.79 22.37
C ALA C 103 31.83 27.98 23.35
N ARG C 104 31.80 27.15 24.42
CA ARG C 104 30.81 27.31 25.53
C ARG C 104 31.62 27.60 26.80
N THR C 105 31.36 28.68 27.54
CA THR C 105 32.24 29.11 28.66
C THR C 105 32.40 28.18 29.88
N ARG C 106 31.33 27.63 30.46
CA ARG C 106 31.44 26.81 31.72
C ARG C 106 32.12 27.52 32.90
N ALA C 107 31.40 28.30 33.72
CA ALA C 107 31.92 28.98 34.93
C ALA C 107 31.71 28.04 36.12
N VAL C 108 32.41 28.25 37.24
CA VAL C 108 32.36 27.36 38.39
C VAL C 108 31.82 28.14 39.58
N VAL C 109 30.87 27.53 40.30
CA VAL C 109 30.25 28.16 41.45
C VAL C 109 31.13 27.95 42.68
N SER C 110 31.41 29.02 43.41
CA SER C 110 32.28 28.97 44.58
C SER C 110 31.54 29.22 45.88
N ALA C 111 30.21 29.35 45.84
CA ALA C 111 29.44 29.60 47.05
C ALA C 111 28.05 29.00 46.88
N PRO C 112 27.56 28.24 47.87
CA PRO C 112 26.23 27.62 47.73
C PRO C 112 25.12 28.66 47.72
N ALA C 113 24.06 28.35 46.98
CA ALA C 113 22.88 29.19 46.89
C ALA C 113 21.64 28.38 47.24
N ALA C 114 20.75 28.99 48.01
CA ALA C 114 19.54 28.33 48.47
C ALA C 114 18.37 28.71 47.56
N VAL C 115 17.22 28.08 47.83
CA VAL C 115 16.02 28.38 47.05
C VAL C 115 15.48 29.75 47.46
N GLY C 116 15.11 30.56 46.47
CA GLY C 116 14.55 31.87 46.72
C GLY C 116 15.50 33.03 46.47
N VAL C 117 16.78 32.77 46.26
CA VAL C 117 17.76 33.82 45.97
C VAL C 117 17.85 34.00 44.46
N SER C 118 18.38 35.15 44.05
CA SER C 118 18.56 35.44 42.63
C SER C 118 19.98 35.95 42.35
N GLU C 119 20.92 35.63 43.24
CA GLU C 119 22.31 36.03 43.08
C GLU C 119 23.19 34.81 43.29
N ILE C 120 24.30 34.74 42.55
CA ILE C 120 25.21 33.62 42.62
C ILE C 120 26.64 34.13 42.51
N SER C 121 27.57 33.40 43.11
CA SER C 121 28.98 33.75 43.13
C SER C 121 29.76 32.72 42.33
N VAL C 122 30.57 33.19 41.39
CA VAL C 122 31.33 32.33 40.49
C VAL C 122 32.81 32.59 40.69
N GLN C 123 33.63 31.70 40.11
CA GLN C 123 35.08 31.85 40.21
C GLN C 123 35.57 33.06 39.46
N SER C 124 35.13 33.22 38.20
CA SER C 124 35.57 34.34 37.38
C SER C 124 34.55 34.55 36.27
N ALA C 125 34.16 35.81 36.07
CA ALA C 125 33.17 36.18 35.06
C ALA C 125 33.83 36.52 33.72
N THR C 126 34.64 35.60 33.20
CA THR C 126 35.31 35.81 31.92
C THR C 126 34.53 35.07 30.83
N GLY C 127 34.13 35.81 29.79
CA GLY C 127 33.33 35.28 28.72
C GLY C 127 31.84 35.44 28.91
N LEU C 128 31.40 35.84 30.10
CA LEU C 128 29.99 36.05 30.39
C LEU C 128 29.71 37.55 30.44
N ALA C 129 28.67 37.98 29.75
CA ALA C 129 28.28 39.39 29.70
C ALA C 129 26.82 39.54 30.08
N VAL C 130 26.39 40.79 30.20
CA VAL C 130 25.00 41.08 30.53
C VAL C 130 24.11 40.69 29.36
N GLY C 131 23.00 40.02 29.67
CA GLY C 131 22.07 39.57 28.66
C GLY C 131 22.33 38.18 28.12
N ASP C 132 23.36 37.50 28.60
CA ASP C 132 23.66 36.15 28.14
C ASP C 132 22.73 35.15 28.81
N TRP C 133 22.63 33.97 28.21
CA TRP C 133 21.83 32.87 28.74
C TRP C 133 22.75 31.76 29.22
N VAL C 134 22.46 31.22 30.40
CA VAL C 134 23.26 30.17 31.01
C VAL C 134 22.33 29.05 31.45
N ILE C 135 22.79 27.81 31.31
CA ILE C 135 22.05 26.64 31.76
C ILE C 135 22.79 26.02 32.94
N LEU C 136 22.09 25.86 34.06
CA LEU C 136 22.69 25.33 35.27
C LEU C 136 22.98 23.84 35.11
N TYR C 137 24.19 23.43 35.47
CA TYR C 137 24.62 22.04 35.42
C TYR C 137 24.95 21.58 36.84
N ASN C 138 24.20 20.59 37.32
CA ASN C 138 24.37 20.07 38.67
C ASN C 138 25.09 18.72 38.61
N LYS C 139 26.13 18.56 39.43
CA LYS C 139 26.89 17.31 39.42
C LYS C 139 26.05 16.15 39.95
N LEU C 140 25.28 16.38 40.99
CA LEU C 140 24.46 15.35 41.61
C LEU C 140 23.00 15.77 41.57
N GLY C 141 22.12 14.82 41.28
CA GLY C 141 20.69 15.06 41.20
C GLY C 141 20.19 14.99 39.77
N ASP C 142 18.87 15.08 39.65
CA ASP C 142 18.23 15.03 38.35
C ASP C 142 18.47 16.31 37.57
N ASN C 143 18.40 16.20 36.24
CA ASN C 143 18.62 17.33 35.35
C ASN C 143 17.26 17.93 34.99
N ASN C 144 16.94 19.07 35.61
CA ASN C 144 15.69 19.77 35.33
C ASN C 144 15.79 20.73 34.16
N GLY C 145 16.99 20.96 33.64
CA GLY C 145 17.17 21.87 32.51
C GLY C 145 16.69 23.28 32.78
N LEU C 146 17.36 23.98 33.69
CA LEU C 146 16.97 25.33 34.09
C LEU C 146 17.89 26.34 33.42
N ALA C 147 17.29 27.32 32.74
CA ALA C 147 18.02 28.35 32.03
C ALA C 147 17.72 29.72 32.63
N TYR C 148 18.76 30.53 32.77
CA TYR C 148 18.64 31.85 33.38
C TYR C 148 19.33 32.89 32.49
N LYS C 149 18.83 34.11 32.56
CA LYS C 149 19.41 35.24 31.83
C LYS C 149 20.16 36.13 32.80
N ILE C 150 21.40 36.49 32.45
CA ILE C 150 22.22 37.34 33.30
C ILE C 150 21.73 38.77 33.19
N ASP C 151 21.42 39.38 34.33
CA ASP C 151 20.92 40.76 34.37
C ASP C 151 22.00 41.78 34.72
N ALA C 152 22.88 41.47 35.66
CA ALA C 152 23.95 42.38 36.04
C ALA C 152 25.11 41.59 36.61
N ILE C 153 26.32 41.99 36.26
CA ILE C 153 27.55 41.37 36.75
C ILE C 153 28.33 42.41 37.53
N ALA C 154 28.49 42.19 38.84
CA ALA C 154 29.30 43.03 39.70
C ALA C 154 30.31 42.15 40.42
N THR C 155 31.59 42.46 40.25
CA THR C 155 32.68 41.65 40.79
C THR C 155 32.50 40.20 40.38
N ASN C 156 32.37 39.30 41.35
CA ASN C 156 32.16 37.88 41.09
C ASN C 156 30.71 37.45 41.32
N THR C 157 29.80 38.41 41.48
CA THR C 157 28.40 38.12 41.78
C THR C 157 27.57 38.30 40.52
N ILE C 158 26.79 37.28 40.16
CA ILE C 158 25.92 37.30 38.99
C ILE C 158 24.47 37.32 39.46
N THR C 159 23.69 38.26 38.96
CA THR C 159 22.28 38.39 39.31
C THR C 159 21.46 37.81 38.16
N LEU C 160 20.69 36.76 38.46
CA LEU C 160 19.85 36.12 37.46
C LEU C 160 18.50 36.83 37.36
N ASP C 161 17.79 36.56 36.26
CA ASP C 161 16.52 37.29 35.99
C ASP C 161 15.42 36.89 36.97
N ARG C 162 15.40 35.63 37.41
CA ARG C 162 14.29 35.18 38.28
C ARG C 162 14.84 34.36 39.43
N ASP C 163 14.04 34.23 40.49
CA ASP C 163 14.49 33.50 41.71
C ASP C 163 14.71 32.02 41.41
N LEU C 164 15.58 31.38 42.17
CA LEU C 164 15.90 29.96 42.04
C LEU C 164 14.78 29.09 42.59
N VAL C 165 14.56 27.95 41.94
CA VAL C 165 13.62 26.94 42.41
C VAL C 165 14.31 25.68 42.87
N ALA C 166 15.59 25.52 42.58
CA ALA C 166 16.39 24.40 43.04
C ALA C 166 17.72 24.93 43.58
N PRO C 167 18.25 24.33 44.64
CA PRO C 167 19.50 24.81 45.21
C PRO C 167 20.70 24.51 44.33
N VAL C 168 21.69 25.40 44.37
CA VAL C 168 22.96 25.23 43.68
C VAL C 168 24.05 25.06 44.72
N ALA C 169 24.78 23.97 44.64
CA ALA C 169 25.85 23.67 45.58
C ALA C 169 27.19 24.14 45.02
N VAL C 170 28.26 23.86 45.76
CA VAL C 170 29.61 24.24 45.34
C VAL C 170 30.13 23.17 44.39
N GLY C 171 30.67 23.62 43.25
CA GLY C 171 31.13 22.74 42.21
C GLY C 171 30.23 22.67 41.00
N ASP C 172 29.03 23.24 41.08
CA ASP C 172 28.14 23.29 39.93
C ASP C 172 28.67 24.26 38.88
N GLU C 173 28.20 24.10 37.65
CA GLU C 173 28.68 24.87 36.53
C GLU C 173 27.53 25.59 35.84
N LEU C 174 27.85 26.74 35.25
CA LEU C 174 26.91 27.52 34.44
C LEU C 174 27.39 27.47 33.00
N VAL C 175 26.68 26.73 32.16
CA VAL C 175 27.07 26.52 30.77
C VAL C 175 26.40 27.58 29.92
N LYS C 176 27.20 28.33 29.16
CA LYS C 176 26.67 29.37 28.28
C LYS C 176 25.89 28.73 27.13
N SER C 177 24.84 29.42 26.70
CA SER C 177 23.97 28.93 25.64
C SER C 177 23.52 30.09 24.76
N THR C 178 22.88 29.74 23.65
CA THR C 178 22.38 30.70 22.67
C THR C 178 20.87 30.52 22.54
N LEU C 179 20.15 31.64 22.50
CA LEU C 179 18.69 31.62 22.42
C LEU C 179 18.27 31.74 20.96
N ILE C 180 17.43 30.81 20.50
CA ILE C 180 16.92 30.80 19.14
C ILE C 180 15.40 30.91 19.22
N ASN C 181 14.84 31.92 18.55
CA ASN C 181 13.40 32.11 18.52
C ASN C 181 12.85 31.67 17.17
N THR C 182 11.79 30.87 17.21
CA THR C 182 11.23 30.29 16.00
C THR C 182 10.48 31.29 15.14
N ASN C 183 10.12 32.44 15.69
CA ASN C 183 9.38 33.46 14.96
C ASN C 183 10.27 34.69 14.77
N ASN C 184 10.41 35.12 13.52
CA ASN C 184 11.17 36.33 13.23
C ASN C 184 10.21 37.51 13.15
N PRO C 185 10.32 38.50 14.06
CA PRO C 185 9.37 39.61 14.05
C PRO C 185 9.71 40.72 13.07
N ASN C 186 10.89 40.71 12.46
CA ASN C 186 11.29 41.72 11.51
C ASN C 186 10.93 41.37 10.07
N SER C 187 10.30 40.22 9.85
CA SER C 187 9.86 39.80 8.52
C SER C 187 8.36 40.01 8.42
N CYS C 188 7.94 40.88 7.51
CA CYS C 188 6.52 41.18 7.37
C CYS C 188 5.74 39.97 6.88
N SER C 189 6.30 39.22 5.92
CA SER C 189 5.61 38.09 5.31
C SER C 189 5.99 36.76 5.93
N GLY C 190 7.25 36.59 6.36
CA GLY C 190 7.73 35.33 6.88
C GLY C 190 8.52 34.50 5.89
N ALA C 191 8.73 34.99 4.68
CA ALA C 191 9.50 34.29 3.66
C ALA C 191 10.79 35.06 3.41
N GLU C 192 11.92 34.37 3.54
CA GLU C 192 13.24 34.96 3.32
C GLU C 192 13.98 34.16 2.25
N TYR C 193 14.69 34.87 1.39
CA TYR C 193 15.32 34.27 0.21
C TYR C 193 16.84 34.31 0.34
N PHE C 194 17.48 33.28 -0.20
CA PHE C 194 18.92 33.12 -0.13
C PHE C 194 19.46 32.67 -1.48
N SER C 195 20.77 32.47 -1.53
CA SER C 195 21.45 31.88 -2.67
C SER C 195 22.06 30.55 -2.28
N ALA C 196 22.25 29.68 -3.27
CA ALA C 196 22.74 28.34 -3.02
C ALA C 196 23.81 27.96 -4.03
N LYS C 197 24.65 27.00 -3.65
CA LYS C 197 25.70 26.47 -4.51
C LYS C 197 25.94 25.02 -4.12
N ILE C 198 26.13 24.16 -5.12
CA ILE C 198 26.35 22.73 -4.91
C ILE C 198 27.64 22.34 -5.62
N VAL C 199 28.53 21.64 -4.92
CA VAL C 199 29.83 21.26 -5.43
C VAL C 199 29.98 19.74 -5.31
N SER C 200 30.44 19.10 -6.38
CA SER C 200 30.71 17.67 -6.39
C SER C 200 31.82 17.40 -7.39
N ALA C 201 32.03 16.11 -7.69
CA ALA C 201 33.06 15.71 -8.63
C ALA C 201 32.70 14.36 -9.25
N ASP C 202 33.31 14.09 -10.40
CA ASP C 202 33.13 12.82 -11.08
C ASP C 202 34.05 11.75 -10.49
N VAL C 203 34.07 10.59 -11.14
CA VAL C 203 34.99 9.54 -10.72
C VAL C 203 36.42 9.91 -11.06
N ASN C 204 36.63 10.66 -12.15
CA ASN C 204 37.95 11.11 -12.56
C ASN C 204 38.33 12.46 -11.95
N CYS C 205 37.68 12.85 -10.85
CA CYS C 205 37.96 14.09 -10.14
C CYS C 205 37.77 15.31 -11.05
N ASN C 206 36.65 15.31 -11.77
CA ASN C 206 36.23 16.46 -12.57
C ASN C 206 35.14 17.21 -11.85
N PRO C 207 35.38 18.47 -11.47
CA PRO C 207 34.42 19.18 -10.60
C PRO C 207 33.08 19.41 -11.28
N ILE C 208 32.04 19.42 -10.46
CA ILE C 208 30.67 19.74 -10.88
C ILE C 208 30.19 20.86 -9.97
N VAL C 209 29.71 21.96 -10.56
CA VAL C 209 29.22 23.11 -9.80
C VAL C 209 27.81 23.44 -10.28
N VAL C 210 26.88 23.55 -9.34
CA VAL C 210 25.50 23.93 -9.62
C VAL C 210 25.20 25.19 -8.82
N ILE C 211 24.67 26.21 -9.49
CA ILE C 211 24.47 27.53 -8.89
C ILE C 211 22.99 27.90 -9.01
N VAL C 212 22.38 28.20 -7.87
CA VAL C 212 20.97 28.60 -7.81
C VAL C 212 20.89 30.01 -7.23
N PRO C 213 20.64 31.04 -8.05
CA PRO C 213 20.65 32.41 -7.53
C PRO C 213 19.65 32.69 -6.41
N LYS C 214 18.46 32.09 -6.45
CA LYS C 214 17.45 32.32 -5.42
C LYS C 214 16.82 31.00 -5.01
N VAL C 215 16.73 30.77 -3.70
CA VAL C 215 16.08 29.59 -3.14
C VAL C 215 15.18 30.02 -1.99
N GLN C 216 14.19 29.19 -1.67
CA GLN C 216 13.35 29.35 -0.50
C GLN C 216 13.29 28.03 0.25
N ILE C 217 13.51 28.07 1.56
CA ILE C 217 13.48 26.87 2.38
C ILE C 217 12.05 26.64 2.86
N THR C 218 11.41 25.60 2.33
CA THR C 218 10.01 25.33 2.60
C THR C 218 9.79 24.30 3.69
N SER C 219 10.86 23.77 4.29
CA SER C 219 10.74 22.78 5.34
C SER C 219 10.71 23.46 6.71
N GLY C 220 10.74 22.66 7.77
CA GLY C 220 10.77 23.17 9.12
C GLY C 220 11.70 22.36 9.99
N LEU C 221 11.83 22.79 11.24
CA LEU C 221 12.70 22.10 12.18
C LEU C 221 12.09 20.76 12.58
N ASN C 222 12.86 19.69 12.41
CA ASN C 222 12.42 18.33 12.71
C ASN C 222 13.49 17.67 13.58
N LEU C 223 13.14 17.39 14.83
CA LEU C 223 14.06 16.76 15.77
C LEU C 223 13.38 15.53 16.36
N ALA C 224 14.00 14.37 16.17
CA ALA C 224 13.47 13.10 16.66
C ALA C 224 14.53 12.45 17.54
N PHE C 225 14.14 12.07 18.76
CA PHE C 225 15.06 11.49 19.74
C PHE C 225 14.87 9.99 19.80
N GLY C 226 15.99 9.28 19.87
CA GLY C 226 15.94 7.82 19.96
C GLY C 226 17.33 7.26 20.15
N ALA C 227 17.37 6.02 20.63
CA ALA C 227 18.63 5.34 20.90
C ALA C 227 19.07 4.43 19.76
N THR C 228 18.35 4.41 18.64
CA THR C 228 18.68 3.50 17.56
C THR C 228 19.75 4.08 16.65
N ASP C 229 19.55 5.30 16.16
CA ASP C 229 20.46 5.92 15.21
C ASP C 229 20.52 7.42 15.47
N TYR C 230 21.47 8.07 14.79
CA TYR C 230 21.68 9.51 14.98
C TYR C 230 20.53 10.31 14.39
N ALA C 231 20.14 11.37 15.10
CA ALA C 231 19.08 12.25 14.63
C ALA C 231 19.58 13.15 13.52
N ASN C 232 18.69 13.46 12.58
CA ASN C 232 19.03 14.30 11.43
C ASN C 232 17.85 15.21 11.08
N ILE C 233 18.14 16.27 10.33
CA ILE C 233 17.14 17.23 9.90
C ILE C 233 16.94 17.09 8.40
N ALA C 234 15.68 16.93 7.98
CA ALA C 234 15.35 16.85 6.57
C ALA C 234 15.19 18.26 6.01
N TYR C 235 15.87 18.53 4.90
CA TYR C 235 15.87 19.84 4.27
C TYR C 235 15.09 19.79 2.96
N GLN C 236 14.46 20.90 2.60
CA GLN C 236 13.79 21.03 1.31
C GLN C 236 13.86 22.48 0.86
N MET C 237 14.24 22.68 -0.40
CA MET C 237 14.37 24.01 -0.97
C MET C 237 13.72 24.03 -2.35
N LYS C 238 13.31 25.22 -2.78
CA LYS C 238 12.74 25.41 -4.10
C LYS C 238 13.38 26.63 -4.75
N ALA C 239 13.61 26.55 -6.06
CA ALA C 239 14.20 27.65 -6.81
C ALA C 239 13.11 28.55 -7.36
N MET C 240 13.39 29.85 -7.38
CA MET C 240 12.43 30.85 -7.81
C MET C 240 13.08 31.80 -8.80
N ALA C 241 12.23 32.48 -9.57
CA ALA C 241 12.71 33.44 -10.57
C ALA C 241 12.89 34.81 -9.93
N LEU C 242 13.96 35.49 -10.31
CA LEU C 242 14.31 36.79 -9.76
C LEU C 242 13.49 37.89 -10.43
N THR C 243 13.33 39.00 -9.71
CA THR C 243 12.62 40.18 -10.21
C THR C 243 13.60 41.35 -10.33
N ARG C 244 13.07 42.49 -10.74
CA ARG C 244 13.91 43.68 -10.95
C ARG C 244 14.56 44.14 -9.65
N LYS C 245 13.79 44.14 -8.56
CA LYS C 245 14.30 44.63 -7.28
C LYS C 245 15.21 43.63 -6.59
N ASP C 246 15.18 42.36 -6.99
CA ASP C 246 15.99 41.35 -6.33
C ASP C 246 17.46 41.52 -6.68
N ALA C 247 18.33 41.28 -5.70
CA ALA C 247 19.76 41.32 -5.93
C ALA C 247 20.17 40.14 -6.81
N GLY C 248 21.16 40.38 -7.68
CA GLY C 248 21.59 39.37 -8.62
C GLY C 248 20.75 39.26 -9.87
N TYR C 249 19.91 40.25 -10.16
CA TYR C 249 19.08 40.19 -11.36
C TYR C 249 19.93 40.23 -12.62
N ASP C 250 21.08 40.91 -12.57
CA ASP C 250 21.96 40.97 -13.72
C ASP C 250 22.49 39.59 -14.09
N LEU C 251 22.85 38.79 -13.10
CA LEU C 251 23.28 37.42 -13.36
C LEU C 251 22.12 36.58 -13.91
N TYR C 252 20.89 36.86 -13.47
CA TYR C 252 19.74 36.09 -13.91
C TYR C 252 19.48 36.28 -15.40
N VAL C 253 19.45 37.54 -15.85
CA VAL C 253 19.17 37.81 -17.26
C VAL C 253 20.37 37.54 -18.16
N GLN C 254 21.58 37.53 -17.60
CA GLN C 254 22.75 37.25 -18.42
C GLN C 254 22.78 35.80 -18.89
N HIS C 255 22.26 34.89 -18.07
CA HIS C 255 22.23 33.46 -18.39
C HIS C 255 20.87 33.02 -18.92
N GLY C 256 20.20 33.87 -19.69
CA GLY C 256 18.96 33.49 -20.32
C GLY C 256 17.79 33.28 -19.38
N LYS C 257 17.76 33.98 -18.26
CA LYS C 257 16.68 33.87 -17.27
C LYS C 257 16.52 32.43 -16.79
N SER C 258 17.64 31.80 -16.44
CA SER C 258 17.64 30.43 -15.97
C SER C 258 17.64 30.40 -14.44
N LYS C 259 16.77 29.56 -13.89
CA LYS C 259 16.74 29.36 -12.44
C LYS C 259 17.99 28.63 -11.96
N VAL C 260 18.46 27.66 -12.73
CA VAL C 260 19.62 26.85 -12.39
C VAL C 260 20.49 26.69 -13.62
N PHE C 261 21.79 26.91 -13.47
CA PHE C 261 22.74 26.63 -14.53
C PHE C 261 23.91 25.83 -13.97
N LEU C 262 24.47 24.96 -14.80
CA LEU C 262 25.48 24.00 -14.40
C LEU C 262 26.80 24.31 -15.08
N LEU C 263 27.90 23.93 -14.42
CA LEU C 263 29.24 24.03 -14.99
C LEU C 263 29.91 22.66 -14.89
N THR C 264 29.70 21.83 -15.91
CA THR C 264 30.26 20.48 -15.92
C THR C 264 31.37 20.34 -16.95
N MET D 1 30.48 10.86 32.75
CA MET D 1 29.78 12.17 32.73
C MET D 1 28.49 12.04 31.93
N GLN D 2 28.21 10.86 31.39
CA GLN D 2 27.00 10.65 30.54
C GLN D 2 25.76 10.75 31.42
N GLN D 3 24.69 11.37 30.90
CA GLN D 3 23.47 11.56 31.71
C GLN D 3 22.31 10.86 31.00
N ASN D 4 21.39 10.27 31.77
CA ASN D 4 20.29 9.50 31.16
C ASN D 4 19.02 10.34 31.18
N PHE D 5 18.29 10.38 30.07
CA PHE D 5 17.10 11.25 29.96
C PHE D 5 15.87 10.37 29.71
N GLY D 6 14.71 10.78 30.23
CA GLY D 6 13.49 10.02 30.09
C GLY D 6 13.49 8.72 30.87
N THR D 7 13.95 8.76 32.11
CA THR D 7 14.03 7.59 32.98
C THR D 7 12.74 7.41 33.75
N ALA D 8 12.56 6.20 34.29
CA ALA D 8 11.33 5.84 34.97
C ALA D 8 11.27 6.44 36.36
N LEU D 9 10.05 6.73 36.84
CA LEU D 9 9.88 7.36 38.18
C LEU D 9 9.11 6.41 39.10
N GLY D 10 8.59 5.29 38.56
CA GLY D 10 7.84 4.32 39.36
C GLY D 10 7.99 2.91 38.81
N ASP D 11 7.09 2.00 39.19
CA ASP D 11 7.15 0.60 38.71
C ASP D 11 5.81 0.15 38.11
N GLY D 12 4.93 1.06 37.72
CA GLY D 12 3.62 0.65 37.22
C GLY D 12 3.66 0.34 35.75
N PHE D 13 4.12 -0.85 35.39
CA PHE D 13 4.21 -1.25 33.96
C PHE D 13 3.19 -2.36 33.75
N VAL D 14 2.68 -2.57 32.54
CA VAL D 14 1.61 -3.58 32.33
C VAL D 14 2.01 -4.59 31.26
N LEU D 15 2.21 -5.86 31.62
CA LEU D 15 2.40 -6.93 30.66
C LEU D 15 1.54 -8.11 31.09
N ASN D 16 0.32 -8.18 30.55
CA ASN D 16 -0.64 -9.20 30.96
C ASN D 16 -1.82 -9.13 30.00
N GLU D 17 -2.76 -10.06 30.19
CA GLU D 17 -4.03 -10.06 29.49
C GLU D 17 -5.13 -9.57 30.41
N ALA D 18 -6.31 -9.35 29.84
CA ALA D 18 -7.44 -8.82 30.58
C ALA D 18 -8.67 -9.68 30.38
N THR D 19 -9.55 -9.65 31.36
CA THR D 19 -10.80 -10.41 31.36
C THR D 19 -11.95 -9.46 31.06
N LEU D 20 -12.81 -9.82 30.11
CA LEU D 20 -13.94 -9.00 29.73
C LEU D 20 -15.23 -9.68 30.18
N MET D 21 -16.04 -8.96 30.95
CA MET D 21 -17.31 -9.45 31.45
C MET D 21 -18.43 -8.60 30.90
N ILE D 22 -19.47 -9.25 30.36
CA ILE D 22 -20.65 -8.57 29.83
C ILE D 22 -21.88 -9.11 30.55
N GLY D 23 -22.71 -8.19 31.05
CA GLY D 23 -23.88 -8.56 31.81
C GLY D 23 -25.05 -7.64 31.50
N ALA D 24 -26.08 -7.75 32.33
CA ALA D 24 -27.29 -6.97 32.12
C ALA D 24 -27.07 -5.50 32.46
N LEU D 25 -27.91 -4.65 31.88
CA LEU D 25 -27.81 -3.21 32.11
C LEU D 25 -28.19 -2.90 33.56
N GLY D 26 -27.36 -2.11 34.23
CA GLY D 26 -27.59 -1.69 35.59
C GLY D 26 -26.73 -2.39 36.63
N SER D 27 -26.07 -3.49 36.27
CA SER D 27 -25.25 -4.25 37.21
C SER D 27 -23.79 -4.28 36.78
N ALA D 28 -23.26 -3.13 36.38
CA ALA D 28 -21.88 -3.05 35.91
C ALA D 28 -20.84 -3.36 36.98
N LEU D 29 -21.14 -3.05 38.24
CA LEU D 29 -20.18 -3.23 39.33
C LEU D 29 -20.24 -4.61 39.95
N ASP D 30 -21.26 -5.40 39.65
CA ASP D 30 -21.47 -6.69 40.30
C ASP D 30 -21.36 -7.85 39.31
N LEU D 31 -20.47 -7.73 38.34
CA LEU D 31 -20.26 -8.80 37.37
C LEU D 31 -19.24 -9.79 37.90
N THR D 32 -19.52 -11.08 37.73
CA THR D 32 -18.65 -12.16 38.23
C THR D 32 -18.14 -12.97 37.03
N GLU D 33 -16.94 -13.55 37.11
CA GLU D 33 -16.35 -14.25 35.94
C GLU D 33 -17.18 -15.48 35.55
N GLU D 34 -17.60 -16.29 36.51
CA GLU D 34 -18.30 -17.55 36.15
C GLU D 34 -19.57 -17.25 35.36
N GLU D 35 -20.35 -16.27 35.79
CA GLU D 35 -21.68 -16.05 35.17
C GLU D 35 -21.61 -15.07 34.00
N HIS D 36 -20.67 -14.13 34.00
CA HIS D 36 -20.71 -13.10 32.93
C HIS D 36 -19.48 -13.06 32.02
N SER D 37 -18.46 -13.87 32.23
CA SER D 37 -17.24 -13.74 31.40
C SER D 37 -17.47 -14.31 30.01
N VAL D 38 -16.64 -13.89 29.06
CA VAL D 38 -16.74 -14.40 27.70
C VAL D 38 -15.99 -15.72 27.53
N GLY D 39 -14.79 -15.82 28.10
CA GLY D 39 -13.99 -17.01 27.97
C GLY D 39 -12.55 -16.70 27.61
N LEU D 40 -11.97 -17.47 26.69
CA LEU D 40 -10.60 -17.24 26.24
C LEU D 40 -10.59 -16.00 25.35
N PHE D 41 -10.08 -14.89 25.88
CA PHE D 41 -10.07 -13.61 25.20
C PHE D 41 -8.62 -13.16 25.03
N LYS D 42 -8.28 -12.71 23.82
CA LYS D 42 -6.91 -12.31 23.51
C LYS D 42 -6.91 -10.95 22.84
N ASN D 43 -5.85 -10.18 23.11
CA ASN D 43 -5.60 -8.89 22.48
C ASN D 43 -6.75 -7.91 22.74
N LEU D 44 -7.04 -7.68 24.02
CA LEU D 44 -8.05 -6.70 24.39
C LEU D 44 -7.45 -5.29 24.32
N ALA D 45 -8.13 -4.40 23.61
CA ALA D 45 -7.63 -3.04 23.40
C ALA D 45 -8.75 -2.04 23.68
N ILE D 46 -8.39 -0.92 24.30
CA ILE D 46 -9.30 0.18 24.57
C ILE D 46 -8.78 1.41 23.85
N ALA D 47 -9.66 2.08 23.09
CA ALA D 47 -9.26 3.22 22.29
C ALA D 47 -10.16 4.41 22.57
N ASN D 48 -9.56 5.60 22.62
CA ASN D 48 -10.29 6.85 22.80
C ASN D 48 -9.92 7.82 21.70
N ASP D 49 -10.94 8.41 21.07
CA ASP D 49 -10.75 9.39 20.01
C ASP D 49 -11.56 10.63 20.33
N LYS D 50 -10.91 11.79 20.36
CA LYS D 50 -11.55 13.05 20.70
C LYS D 50 -11.46 14.01 19.53
N THR D 51 -12.52 14.80 19.34
CA THR D 51 -12.61 15.77 18.26
C THR D 51 -12.86 17.15 18.84
N PHE D 52 -12.20 18.15 18.26
CA PHE D 52 -12.28 19.53 18.71
C PHE D 52 -12.68 20.45 17.56
N GLN D 53 -13.32 21.56 17.91
CA GLN D 53 -13.69 22.60 16.96
C GLN D 53 -13.01 23.90 17.38
N ASP D 54 -12.22 24.49 16.48
CA ASP D 54 -11.40 25.64 16.80
C ASP D 54 -11.89 26.89 16.06
N LEU D 55 -11.83 28.02 16.74
CA LEU D 55 -12.08 29.32 16.14
C LEU D 55 -10.75 30.05 15.98
N ASN D 56 -10.47 30.51 14.77
CA ASN D 56 -9.18 31.08 14.43
C ASN D 56 -9.34 32.53 13.96
N GLN D 57 -8.30 33.32 14.17
CA GLN D 57 -8.28 34.71 13.73
C GLN D 57 -6.92 35.02 13.12
N GLY D 58 -6.91 36.00 12.22
CA GLY D 58 -5.67 36.47 11.62
C GLY D 58 -5.24 35.63 10.42
N VAL D 59 -4.19 36.10 9.75
CA VAL D 59 -3.65 35.39 8.61
C VAL D 59 -3.00 34.09 9.06
N THR D 60 -2.31 34.11 10.20
CA THR D 60 -1.63 32.92 10.71
C THR D 60 -2.56 31.98 11.47
N GLN D 61 -3.84 32.32 11.61
CA GLN D 61 -4.84 31.45 12.22
C GLN D 61 -4.49 31.11 13.67
N ASP D 62 -4.47 32.12 14.54
CA ASP D 62 -4.26 31.92 15.97
C ASP D 62 -5.57 31.49 16.61
N THR D 63 -5.56 30.34 17.28
CA THR D 63 -6.76 29.83 17.91
C THR D 63 -7.13 30.65 19.13
N VAL D 64 -8.40 31.06 19.21
CA VAL D 64 -8.89 31.84 20.34
C VAL D 64 -9.73 30.96 21.26
N HIS D 65 -10.36 29.93 20.68
CA HIS D 65 -11.21 29.05 21.45
C HIS D 65 -11.18 27.66 20.82
N SER D 66 -11.38 26.65 21.66
CA SER D 66 -11.46 25.26 21.21
C SER D 66 -12.54 24.55 22.01
N GLN D 67 -13.44 23.86 21.31
CA GLN D 67 -14.59 23.22 21.93
C GLN D 67 -14.61 21.75 21.55
N LYS D 68 -14.72 20.88 22.56
CA LYS D 68 -14.85 19.45 22.29
C LYS D 68 -16.20 19.14 21.67
N THR D 69 -16.19 18.31 20.63
CA THR D 69 -17.41 17.94 19.93
C THR D 69 -17.76 16.46 20.09
N GLY D 70 -16.90 15.66 20.72
CA GLY D 70 -17.24 14.28 20.98
C GLY D 70 -16.06 13.41 21.32
N ASP D 71 -16.24 12.49 22.27
CA ASP D 71 -15.24 11.47 22.58
C ASP D 71 -15.89 10.09 22.44
N ASN D 72 -15.11 9.13 21.95
CA ASN D 72 -15.62 7.80 21.62
C ASN D 72 -14.73 6.75 22.24
N TRP D 73 -15.34 5.71 22.79
CA TRP D 73 -14.63 4.60 23.40
C TRP D 73 -14.96 3.32 22.64
N THR D 74 -13.94 2.52 22.34
CA THR D 74 -14.09 1.30 21.57
C THR D 74 -13.32 0.17 22.22
N ILE D 75 -13.94 -1.01 22.30
CA ILE D 75 -13.34 -2.19 22.91
C ILE D 75 -13.34 -3.30 21.87
N SER D 76 -12.18 -3.95 21.69
CA SER D 76 -12.02 -5.00 20.69
C SER D 76 -11.17 -6.13 21.26
N GLY D 77 -11.30 -7.30 20.64
CA GLY D 77 -10.55 -8.46 21.08
C GLY D 77 -10.88 -9.66 20.20
N ASN D 78 -10.28 -10.79 20.57
CA ASN D 78 -10.47 -12.06 19.86
C ASN D 78 -10.89 -13.13 20.86
N GLY D 79 -11.95 -13.86 20.52
CA GLY D 79 -12.45 -14.94 21.36
C GLY D 79 -12.29 -16.29 20.68
N TYR D 80 -11.82 -17.27 21.46
CA TYR D 80 -11.44 -18.57 20.95
C TYR D 80 -12.35 -19.67 21.49
N GLU D 81 -13.65 -19.42 21.59
CA GLU D 81 -14.59 -20.40 22.12
C GLU D 81 -15.91 -20.27 21.39
N TYR D 82 -16.44 -21.40 20.91
CA TYR D 82 -17.69 -21.44 20.16
C TYR D 82 -18.71 -22.25 20.95
N ASN D 83 -19.47 -21.56 21.80
CA ASN D 83 -20.54 -22.16 22.57
C ASN D 83 -21.76 -21.25 22.47
N PRO D 84 -22.94 -21.66 22.93
CA PRO D 84 -24.12 -20.77 22.79
C PRO D 84 -23.93 -19.39 23.40
N ARG D 85 -23.24 -19.28 24.54
CA ARG D 85 -23.06 -17.98 25.17
C ARG D 85 -22.26 -17.03 24.28
N THR D 86 -21.12 -17.50 23.77
CA THR D 86 -20.28 -16.63 22.95
C THR D 86 -20.93 -16.30 21.62
N ILE D 87 -21.64 -17.25 21.01
CA ILE D 87 -22.35 -16.96 19.77
C ILE D 87 -23.45 -15.93 19.99
N MET D 88 -24.19 -16.07 21.10
CA MET D 88 -25.22 -15.08 21.42
C MET D 88 -24.61 -13.71 21.68
N TYR D 89 -23.45 -13.67 22.34
CA TYR D 89 -22.76 -12.40 22.55
C TYR D 89 -22.36 -11.77 21.22
N ALA D 90 -21.80 -12.58 20.32
CA ALA D 90 -21.36 -12.09 19.02
C ALA D 90 -22.52 -11.62 18.16
N LEU D 91 -23.71 -12.21 18.33
CA LEU D 91 -24.88 -11.81 17.56
C LEU D 91 -25.59 -10.61 18.15
N GLY D 92 -25.12 -10.06 19.27
CA GLY D 92 -25.78 -8.93 19.89
C GLY D 92 -26.95 -9.29 20.76
N GLN D 93 -27.00 -10.51 21.28
CA GLN D 93 -28.08 -10.97 22.14
C GLN D 93 -27.57 -11.25 23.54
N ALA D 94 -28.50 -11.47 24.46
CA ALA D 94 -28.19 -11.69 25.87
C ALA D 94 -27.60 -13.08 26.03
N GLY D 95 -26.27 -13.17 25.96
CA GLY D 95 -25.58 -14.44 26.06
C GLY D 95 -25.35 -14.96 27.45
N PHE D 96 -25.57 -14.15 28.48
CA PHE D 96 -25.32 -14.60 29.85
C PHE D 96 -26.40 -15.55 30.34
N THR D 97 -27.51 -15.67 29.61
CA THR D 97 -28.56 -16.61 30.00
C THR D 97 -28.12 -18.05 29.78
N ALA D 98 -27.31 -18.30 28.74
CA ALA D 98 -26.83 -19.64 28.43
C ALA D 98 -25.62 -19.98 29.29
N ASP D 99 -25.14 -21.21 29.15
CA ASP D 99 -24.00 -21.69 29.93
C ASP D 99 -22.98 -22.35 29.02
N PRO D 100 -21.68 -22.10 29.26
CA PRO D 100 -20.65 -22.71 28.40
C PRO D 100 -20.25 -24.11 28.82
N THR D 101 -20.58 -24.54 30.04
CA THR D 101 -20.19 -25.86 30.53
C THR D 101 -21.35 -26.84 30.55
N ALA D 102 -22.36 -26.64 29.70
CA ALA D 102 -23.49 -27.55 29.63
C ALA D 102 -23.08 -28.88 29.03
N ALA D 103 -23.91 -29.90 29.25
CA ALA D 103 -23.64 -31.24 28.76
C ALA D 103 -24.41 -31.52 27.48
N ARG D 104 -23.98 -32.53 26.71
CA ARG D 104 -24.71 -32.99 25.50
C ARG D 104 -25.15 -34.45 25.77
N THR D 105 -26.43 -34.80 25.64
CA THR D 105 -26.93 -36.13 26.09
C THR D 105 -26.41 -37.38 25.39
N ARG D 106 -26.35 -37.46 24.05
CA ARG D 106 -25.95 -38.71 23.32
C ARG D 106 -26.78 -39.96 23.69
N ALA D 107 -27.93 -40.20 23.03
CA ALA D 107 -28.79 -41.40 23.22
C ALA D 107 -28.34 -42.46 22.21
N VAL D 108 -28.68 -43.73 22.42
CA VAL D 108 -28.23 -44.83 21.58
C VAL D 108 -29.44 -45.48 20.93
N VAL D 109 -29.34 -45.73 19.63
CA VAL D 109 -30.44 -46.34 18.88
C VAL D 109 -30.37 -47.86 19.03
N SER D 110 -31.51 -48.46 19.37
CA SER D 110 -31.58 -49.90 19.61
C SER D 110 -32.40 -50.63 18.55
N ALA D 111 -32.85 -49.93 17.50
CA ALA D 111 -33.65 -50.57 16.46
C ALA D 111 -33.41 -49.83 15.14
N PRO D 112 -33.14 -50.56 14.05
CA PRO D 112 -32.88 -49.89 12.78
C PRO D 112 -34.12 -49.18 12.25
N ALA D 113 -33.89 -48.09 11.53
CA ALA D 113 -34.93 -47.31 10.90
C ALA D 113 -34.62 -47.13 9.43
N ALA D 114 -35.64 -47.27 8.59
CA ALA D 114 -35.49 -47.17 7.14
C ALA D 114 -35.88 -45.77 6.68
N VAL D 115 -35.68 -45.54 5.38
CA VAL D 115 -36.03 -44.24 4.80
C VAL D 115 -37.55 -44.13 4.69
N GLY D 116 -38.09 -42.99 5.09
CA GLY D 116 -39.52 -42.74 5.00
C GLY D 116 -40.25 -42.82 6.32
N VAL D 117 -39.62 -43.29 7.39
CA VAL D 117 -40.24 -43.36 8.71
C VAL D 117 -39.93 -42.08 9.46
N SER D 118 -40.71 -41.80 10.50
CA SER D 118 -40.51 -40.64 11.34
C SER D 118 -40.53 -41.01 12.81
N GLU D 119 -40.26 -42.28 13.12
CA GLU D 119 -40.20 -42.76 14.51
C GLU D 119 -38.92 -43.54 14.70
N ILE D 120 -38.36 -43.45 15.90
CA ILE D 120 -37.10 -44.10 16.22
C ILE D 120 -37.17 -44.64 17.65
N SER D 121 -36.43 -45.71 17.90
CA SER D 121 -36.40 -46.36 19.21
C SER D 121 -35.00 -46.19 19.81
N VAL D 122 -34.95 -45.70 21.04
CA VAL D 122 -33.68 -45.43 21.71
C VAL D 122 -33.59 -46.28 22.97
N GLN D 123 -32.40 -46.30 23.56
CA GLN D 123 -32.18 -47.07 24.78
C GLN D 123 -32.95 -46.47 25.96
N SER D 124 -32.82 -45.17 26.15
CA SER D 124 -33.49 -44.50 27.26
C SER D 124 -33.62 -43.01 26.95
N ALA D 125 -34.81 -42.47 27.16
CA ALA D 125 -35.10 -41.06 26.89
C ALA D 125 -34.84 -40.19 28.11
N THR D 126 -33.63 -40.25 28.65
CA THR D 126 -33.25 -39.45 29.81
C THR D 126 -32.46 -38.24 29.33
N GLY D 127 -32.92 -37.05 29.69
CA GLY D 127 -32.32 -35.81 29.27
C GLY D 127 -32.92 -35.23 28.00
N LEU D 128 -33.76 -35.97 27.31
CA LEU D 128 -34.42 -35.52 26.09
C LEU D 128 -35.87 -35.21 26.38
N ALA D 129 -36.33 -34.05 25.95
CA ALA D 129 -37.70 -33.61 26.17
C ALA D 129 -38.34 -33.20 24.85
N VAL D 130 -39.64 -32.92 24.91
CA VAL D 130 -40.37 -32.48 23.73
C VAL D 130 -39.89 -31.10 23.30
N GLY D 131 -39.66 -30.94 22.00
CA GLY D 131 -39.19 -29.68 21.48
C GLY D 131 -37.68 -29.54 21.40
N ASP D 132 -36.93 -30.55 21.81
CA ASP D 132 -35.47 -30.49 21.74
C ASP D 132 -34.99 -30.77 20.32
N TRP D 133 -33.76 -30.37 20.04
CA TRP D 133 -33.12 -30.61 18.76
C TRP D 133 -32.00 -31.62 18.92
N VAL D 134 -31.95 -32.58 18.01
CA VAL D 134 -30.95 -33.64 18.02
C VAL D 134 -30.30 -33.75 16.65
N ILE D 135 -29.01 -34.02 16.64
CA ILE D 135 -28.25 -34.23 15.40
C ILE D 135 -27.86 -35.69 15.31
N LEU D 136 -28.22 -36.34 14.21
CA LEU D 136 -27.94 -37.75 14.03
C LEU D 136 -26.46 -37.97 13.78
N TYR D 137 -25.88 -38.93 14.50
CA TYR D 137 -24.47 -39.29 14.36
C TYR D 137 -24.39 -40.74 13.89
N ASN D 138 -23.83 -40.94 12.70
CA ASN D 138 -23.71 -42.27 12.11
C ASN D 138 -22.27 -42.75 12.23
N LYS D 139 -22.09 -43.98 12.70
CA LYS D 139 -20.75 -44.53 12.87
C LYS D 139 -20.06 -44.75 11.54
N LEU D 140 -20.79 -45.25 10.54
CA LEU D 140 -20.24 -45.53 9.23
C LEU D 140 -21.00 -44.73 8.17
N GLY D 141 -20.27 -44.18 7.21
CA GLY D 141 -20.84 -43.40 6.15
C GLY D 141 -20.46 -41.93 6.27
N ASP D 142 -20.87 -41.18 5.26
CA ASP D 142 -20.59 -39.75 5.23
C ASP D 142 -21.47 -39.01 6.23
N ASN D 143 -20.99 -37.84 6.66
CA ASN D 143 -21.70 -37.02 7.63
C ASN D 143 -22.49 -35.97 6.87
N ASN D 144 -23.81 -36.17 6.77
CA ASN D 144 -24.69 -35.23 6.09
C ASN D 144 -25.19 -34.12 7.01
N GLY D 145 -24.94 -34.22 8.31
CA GLY D 145 -25.38 -33.21 9.25
C GLY D 145 -26.88 -33.00 9.26
N LEU D 146 -27.62 -34.00 9.72
CA LEU D 146 -29.08 -33.97 9.73
C LEU D 146 -29.58 -33.69 11.14
N ALA D 147 -30.43 -32.67 11.27
CA ALA D 147 -30.96 -32.26 12.56
C ALA D 147 -32.47 -32.43 12.57
N TYR D 148 -33.00 -32.94 13.68
CA TYR D 148 -34.41 -33.22 13.83
C TYR D 148 -34.92 -32.63 15.15
N LYS D 149 -36.20 -32.27 15.16
CA LYS D 149 -36.86 -31.76 16.36
C LYS D 149 -37.78 -32.83 16.93
N ILE D 150 -37.66 -33.06 18.23
CA ILE D 150 -38.49 -34.08 18.88
C ILE D 150 -39.90 -33.54 19.05
N ASP D 151 -40.88 -34.28 18.56
CA ASP D 151 -42.28 -33.88 18.63
C ASP D 151 -43.04 -34.55 19.77
N ALA D 152 -42.81 -35.84 20.01
CA ALA D 152 -43.49 -36.55 21.08
C ALA D 152 -42.63 -37.72 21.52
N ILE D 153 -42.58 -37.94 22.84
CA ILE D 153 -41.85 -39.05 23.43
C ILE D 153 -42.83 -39.95 24.15
N ALA D 154 -42.96 -41.18 23.67
CA ALA D 154 -43.79 -42.19 24.31
C ALA D 154 -42.94 -43.44 24.53
N THR D 155 -42.85 -43.88 25.78
CA THR D 155 -41.98 -44.97 26.17
C THR D 155 -40.56 -44.74 25.66
N ASN D 156 -40.06 -45.66 24.82
CA ASN D 156 -38.74 -45.53 24.22
C ASN D 156 -38.80 -45.10 22.77
N THR D 157 -39.96 -44.65 22.29
CA THR D 157 -40.15 -44.27 20.89
C THR D 157 -40.16 -42.75 20.78
N ILE D 158 -39.31 -42.22 19.89
CA ILE D 158 -39.20 -40.79 19.66
C ILE D 158 -39.73 -40.49 18.25
N THR D 159 -40.66 -39.55 18.16
CA THR D 159 -41.25 -39.14 16.89
C THR D 159 -40.59 -37.84 16.45
N LEU D 160 -39.91 -37.87 15.30
CA LEU D 160 -39.25 -36.70 14.76
C LEU D 160 -40.21 -35.85 13.94
N ASP D 161 -39.82 -34.60 13.70
CA ASP D 161 -40.73 -33.66 13.01
C ASP D 161 -40.96 -34.01 11.55
N ARG D 162 -39.95 -34.58 10.88
CA ARG D 162 -40.08 -34.84 9.43
C ARG D 162 -39.53 -36.23 9.11
N ASP D 163 -39.93 -36.78 7.98
CA ASP D 163 -39.51 -38.14 7.59
C ASP D 163 -38.01 -38.21 7.35
N LEU D 164 -37.43 -39.39 7.52
CA LEU D 164 -36.01 -39.63 7.32
C LEU D 164 -35.66 -39.69 5.83
N VAL D 165 -34.48 -39.18 5.49
CA VAL D 165 -33.94 -39.28 4.14
C VAL D 165 -32.74 -40.20 4.07
N ALA D 166 -32.18 -40.60 5.20
CA ALA D 166 -31.08 -41.54 5.26
C ALA D 166 -31.38 -42.57 6.35
N PRO D 167 -31.00 -43.82 6.13
CA PRO D 167 -31.30 -44.86 7.13
C PRO D 167 -30.44 -44.72 8.38
N VAL D 168 -31.01 -45.11 9.52
CA VAL D 168 -30.32 -45.15 10.79
C VAL D 168 -30.20 -46.61 11.22
N ALA D 169 -28.97 -47.04 11.47
CA ALA D 169 -28.70 -48.42 11.86
C ALA D 169 -28.62 -48.52 13.38
N VAL D 170 -28.31 -49.72 13.87
CA VAL D 170 -28.17 -49.95 15.31
C VAL D 170 -26.77 -49.53 15.74
N GLY D 171 -26.70 -48.75 16.82
CA GLY D 171 -25.46 -48.20 17.30
C GLY D 171 -25.27 -46.73 17.02
N ASP D 172 -26.13 -46.13 16.19
CA ASP D 172 -26.06 -44.71 15.92
C ASP D 172 -26.48 -43.93 17.15
N GLU D 173 -26.10 -42.66 17.20
CA GLU D 173 -26.34 -41.80 18.35
C GLU D 173 -27.09 -40.55 17.94
N LEU D 174 -27.90 -40.03 18.87
CA LEU D 174 -28.61 -38.77 18.70
C LEU D 174 -28.00 -37.76 19.67
N VAL D 175 -27.26 -36.80 19.13
CA VAL D 175 -26.55 -35.82 19.96
C VAL D 175 -27.44 -34.60 20.14
N LYS D 176 -27.69 -34.23 21.39
CA LYS D 176 -28.50 -33.06 21.68
C LYS D 176 -27.78 -31.78 21.27
N SER D 177 -28.56 -30.80 20.83
CA SER D 177 -28.02 -29.54 20.34
C SER D 177 -28.92 -28.40 20.75
N THR D 178 -28.44 -27.18 20.55
CA THR D 178 -29.16 -25.96 20.87
C THR D 178 -29.35 -25.13 19.60
N LEU D 179 -30.55 -24.59 19.44
CA LEU D 179 -30.89 -23.81 18.24
C LEU D 179 -30.67 -22.34 18.53
N ILE D 180 -29.90 -21.67 17.66
CA ILE D 180 -29.62 -20.24 17.78
C ILE D 180 -30.14 -19.56 16.52
N ASN D 181 -31.00 -18.57 16.71
CA ASN D 181 -31.55 -17.81 15.59
C ASN D 181 -30.89 -16.45 15.51
N THR D 182 -30.44 -16.09 14.31
CA THR D 182 -29.68 -14.86 14.12
C THR D 182 -30.54 -13.61 14.22
N ASN D 183 -31.86 -13.74 14.11
CA ASN D 183 -32.78 -12.61 14.17
C ASN D 183 -33.60 -12.68 15.44
N ASN D 184 -33.58 -11.62 16.23
CA ASN D 184 -34.40 -11.56 17.44
C ASN D 184 -35.72 -10.86 17.10
N PRO D 185 -36.86 -11.55 17.19
CA PRO D 185 -38.13 -10.92 16.82
C PRO D 185 -38.76 -10.07 17.90
N ASN D 186 -38.26 -10.12 19.14
CA ASN D 186 -38.80 -9.34 20.23
C ASN D 186 -38.14 -7.98 20.38
N SER D 187 -37.17 -7.65 19.53
CA SER D 187 -36.51 -6.36 19.55
C SER D 187 -37.06 -5.52 18.41
N CYS D 188 -37.70 -4.40 18.75
CA CYS D 188 -38.30 -3.54 17.73
C CYS D 188 -37.24 -2.92 16.83
N SER D 189 -36.13 -2.47 17.40
CA SER D 189 -35.08 -1.78 16.67
C SER D 189 -33.94 -2.69 16.23
N GLY D 190 -33.59 -3.69 17.05
CA GLY D 190 -32.47 -4.56 16.76
C GLY D 190 -31.21 -4.22 17.52
N ALA D 191 -31.23 -3.20 18.37
CA ALA D 191 -30.09 -2.79 19.18
C ALA D 191 -30.38 -3.09 20.63
N GLU D 192 -29.49 -3.84 21.28
CA GLU D 192 -29.62 -4.22 22.67
C GLU D 192 -28.38 -3.77 23.43
N TYR D 193 -28.57 -3.26 24.64
CA TYR D 193 -27.51 -2.63 25.42
C TYR D 193 -27.19 -3.46 26.66
N PHE D 194 -25.91 -3.47 27.03
CA PHE D 194 -25.41 -4.26 28.14
C PHE D 194 -24.46 -3.42 28.98
N SER D 195 -23.92 -4.04 30.02
CA SER D 195 -22.86 -3.46 30.83
C SER D 195 -21.59 -4.29 30.68
N ALA D 196 -20.45 -3.66 30.93
CA ALA D 196 -19.17 -4.31 30.73
C ALA D 196 -18.23 -4.01 31.90
N LYS D 197 -17.25 -4.88 32.09
CA LYS D 197 -16.23 -4.72 33.11
C LYS D 197 -14.95 -5.38 32.62
N ILE D 198 -13.81 -4.74 32.86
CA ILE D 198 -12.51 -5.24 32.44
C ILE D 198 -11.61 -5.30 33.66
N VAL D 199 -10.94 -6.45 33.85
CA VAL D 199 -10.10 -6.69 35.01
C VAL D 199 -8.71 -7.09 34.53
N SER D 200 -7.67 -6.47 35.11
CA SER D 200 -6.30 -6.82 34.81
C SER D 200 -5.44 -6.52 36.04
N ALA D 201 -4.12 -6.56 35.86
CA ALA D 201 -3.20 -6.31 36.95
C ALA D 201 -1.88 -5.79 36.40
N ASP D 202 -1.12 -5.13 37.27
CA ASP D 202 0.21 -4.63 36.93
C ASP D 202 1.24 -5.74 37.06
N VAL D 203 2.51 -5.37 36.91
CA VAL D 203 3.59 -6.33 37.12
C VAL D 203 3.73 -6.67 38.60
N ASN D 204 3.42 -5.73 39.49
CA ASN D 204 3.47 -5.95 40.92
C ASN D 204 2.15 -6.46 41.50
N CYS D 205 1.30 -7.04 40.65
CA CYS D 205 0.01 -7.60 41.06
C CYS D 205 -0.88 -6.55 41.71
N ASN D 206 -0.96 -5.38 41.08
CA ASN D 206 -1.87 -4.32 41.48
C ASN D 206 -3.07 -4.31 40.55
N PRO D 207 -4.27 -4.57 41.07
CA PRO D 207 -5.43 -4.76 40.18
C PRO D 207 -5.80 -3.48 39.42
N ILE D 208 -6.32 -3.68 38.21
CA ILE D 208 -6.85 -2.61 37.37
C ILE D 208 -8.28 -3.01 37.00
N VAL D 209 -9.22 -2.11 37.25
CA VAL D 209 -10.64 -2.35 36.97
C VAL D 209 -11.17 -1.21 36.11
N VAL D 210 -11.79 -1.55 34.98
CA VAL D 210 -12.42 -0.60 34.09
C VAL D 210 -13.89 -0.95 33.98
N ILE D 211 -14.77 0.03 34.19
CA ILE D 211 -16.21 -0.19 34.26
C ILE D 211 -16.89 0.67 33.21
N VAL D 212 -17.67 0.03 32.34
CA VAL D 212 -18.42 0.73 31.31
C VAL D 212 -19.91 0.47 31.52
N PRO D 213 -20.68 1.45 32.03
CA PRO D 213 -22.10 1.19 32.34
C PRO D 213 -22.94 0.75 31.14
N LYS D 214 -22.69 1.28 29.95
CA LYS D 214 -23.47 0.91 28.77
C LYS D 214 -22.56 0.66 27.59
N VAL D 215 -22.76 -0.46 26.88
CA VAL D 215 -22.02 -0.80 25.68
C VAL D 215 -22.99 -1.29 24.62
N GLN D 216 -22.58 -1.20 23.37
CA GLN D 216 -23.30 -1.79 22.24
C GLN D 216 -22.33 -2.60 21.40
N ILE D 217 -22.70 -3.83 21.07
CA ILE D 217 -21.85 -4.69 20.26
C ILE D 217 -22.17 -4.45 18.80
N THR D 218 -21.22 -3.82 18.09
CA THR D 218 -21.42 -3.43 16.70
C THR D 218 -20.85 -4.42 15.69
N SER D 219 -20.28 -5.52 16.15
CA SER D 219 -19.72 -6.52 15.24
C SER D 219 -20.76 -7.59 14.93
N GLY D 220 -20.33 -8.63 14.22
CA GLY D 220 -21.21 -9.73 13.89
C GLY D 220 -20.48 -11.06 14.01
N LEU D 221 -21.22 -12.13 13.78
CA LEU D 221 -20.64 -13.46 13.87
C LEU D 221 -19.69 -13.71 12.70
N ASN D 222 -18.46 -14.09 13.02
CA ASN D 222 -17.41 -14.34 12.02
C ASN D 222 -16.80 -15.69 12.31
N LEU D 223 -17.00 -16.65 11.41
CA LEU D 223 -16.46 -18.00 11.55
C LEU D 223 -15.69 -18.36 10.30
N ALA D 224 -14.41 -18.67 10.46
CA ALA D 224 -13.53 -19.02 9.35
C ALA D 224 -12.91 -20.38 9.63
N PHE D 225 -13.04 -21.30 8.68
CA PHE D 225 -12.58 -22.67 8.83
C PHE D 225 -11.25 -22.86 8.09
N GLY D 226 -10.33 -23.56 8.73
CA GLY D 226 -9.04 -23.82 8.12
C GLY D 226 -8.22 -24.74 8.99
N ALA D 227 -7.21 -25.36 8.37
CA ALA D 227 -6.33 -26.30 9.05
C ALA D 227 -5.04 -25.66 9.55
N THR D 228 -4.88 -24.35 9.40
CA THR D 228 -3.63 -23.71 9.78
C THR D 228 -3.62 -23.36 11.26
N ASP D 229 -4.65 -22.65 11.74
CA ASP D 229 -4.68 -22.19 13.12
C ASP D 229 -6.13 -22.23 13.62
N TYR D 230 -6.28 -22.01 14.92
CA TYR D 230 -7.59 -22.06 15.56
C TYR D 230 -8.45 -20.88 15.13
N ALA D 231 -9.73 -21.15 14.91
CA ALA D 231 -10.68 -20.11 14.54
C ALA D 231 -11.03 -19.25 15.76
N ASN D 232 -11.27 -17.96 15.51
CA ASN D 232 -11.61 -17.02 16.56
C ASN D 232 -12.64 -16.02 16.06
N ILE D 233 -13.31 -15.35 17.00
CA ILE D 233 -14.32 -14.36 16.69
C ILE D 233 -13.80 -12.99 17.08
N ALA D 234 -13.85 -12.04 16.14
CA ALA D 234 -13.44 -10.67 16.41
C ALA D 234 -14.60 -9.90 17.02
N TYR D 235 -14.35 -9.24 18.15
CA TYR D 235 -15.36 -8.50 18.89
C TYR D 235 -15.12 -7.01 18.74
N GLN D 236 -16.19 -6.23 18.78
CA GLN D 236 -16.10 -4.77 18.78
C GLN D 236 -17.27 -4.20 19.57
N MET D 237 -16.98 -3.27 20.46
CA MET D 237 -17.99 -2.64 21.31
C MET D 237 -17.76 -1.15 21.33
N LYS D 238 -18.83 -0.40 21.60
CA LYS D 238 -18.76 1.05 21.74
C LYS D 238 -19.52 1.47 22.98
N ALA D 239 -18.99 2.48 23.67
CA ALA D 239 -19.61 3.00 24.89
C ALA D 239 -20.56 4.14 24.54
N MET D 240 -21.68 4.21 25.26
CA MET D 240 -22.72 5.19 25.00
C MET D 240 -23.12 5.87 26.30
N ALA D 241 -23.73 7.05 26.16
CA ALA D 241 -24.19 7.81 27.31
C ALA D 241 -25.59 7.37 27.71
N LEU D 242 -25.82 7.27 29.02
CA LEU D 242 -27.09 6.82 29.56
C LEU D 242 -28.11 7.96 29.56
N THR D 243 -29.38 7.58 29.55
CA THR D 243 -30.50 8.52 29.60
C THR D 243 -31.28 8.32 30.89
N ARG D 244 -32.35 9.09 31.05
CA ARG D 244 -33.16 9.04 32.26
C ARG D 244 -33.80 7.67 32.45
N LYS D 245 -34.32 7.10 31.37
CA LYS D 245 -35.02 5.83 31.46
C LYS D 245 -34.08 4.64 31.57
N ASP D 246 -32.81 4.82 31.23
CA ASP D 246 -31.86 3.72 31.27
C ASP D 246 -31.53 3.33 32.70
N ALA D 247 -31.38 2.02 32.93
CA ALA D 247 -30.96 1.54 34.24
C ALA D 247 -29.52 1.93 34.51
N GLY D 248 -29.22 2.23 35.77
CA GLY D 248 -27.90 2.68 36.14
C GLY D 248 -27.64 4.15 35.90
N TYR D 249 -28.68 4.96 35.69
CA TYR D 249 -28.48 6.39 35.46
C TYR D 249 -27.92 7.07 36.70
N ASP D 250 -28.26 6.56 37.89
CA ASP D 250 -27.74 7.14 39.11
C ASP D 250 -26.22 7.01 39.20
N LEU D 251 -25.69 5.85 38.79
CA LEU D 251 -24.24 5.68 38.74
C LEU D 251 -23.61 6.58 37.69
N TYR D 252 -24.32 6.84 36.59
CA TYR D 252 -23.78 7.68 35.52
C TYR D 252 -23.58 9.11 35.99
N VAL D 253 -24.60 9.70 36.61
CA VAL D 253 -24.50 11.09 37.05
C VAL D 253 -23.67 11.24 38.31
N GLN D 254 -23.51 10.18 39.09
CA GLN D 254 -22.69 10.27 40.31
C GLN D 254 -21.22 10.46 39.97
N HIS D 255 -20.76 9.87 38.87
CA HIS D 255 -19.37 9.95 38.45
C HIS D 255 -19.16 11.00 37.37
N GLY D 256 -19.89 12.10 37.44
CA GLY D 256 -19.67 13.21 36.51
C GLY D 256 -20.06 12.94 35.08
N LYS D 257 -21.06 12.08 34.86
CA LYS D 257 -21.53 11.74 33.52
C LYS D 257 -20.40 11.19 32.65
N SER D 258 -19.63 10.26 33.21
CA SER D 258 -18.51 9.63 32.51
C SER D 258 -18.94 8.32 31.88
N LYS D 259 -18.57 8.14 30.61
CA LYS D 259 -18.83 6.88 29.92
C LYS D 259 -17.98 5.75 30.51
N VAL D 260 -16.74 6.04 30.85
CA VAL D 260 -15.79 5.07 31.39
C VAL D 260 -15.04 5.70 32.55
N PHE D 261 -14.95 4.95 33.66
CA PHE D 261 -14.13 5.39 34.77
C PHE D 261 -13.27 4.21 35.24
N LEU D 262 -12.07 4.54 35.72
CA LEU D 262 -11.05 3.56 36.03
C LEU D 262 -10.79 3.54 37.53
N LEU D 263 -10.35 2.40 38.04
CA LEU D 263 -9.91 2.26 39.42
C LEU D 263 -8.51 1.65 39.43
N THR D 264 -7.50 2.49 39.36
CA THR D 264 -6.12 2.03 39.34
C THR D 264 -5.39 2.39 40.64
N MET E 1 -11.90 -41.45 16.18
CA MET E 1 -13.28 -40.89 16.09
C MET E 1 -13.25 -39.60 15.29
N GLN E 2 -12.07 -39.16 14.84
CA GLN E 2 -11.95 -37.88 14.09
C GLN E 2 -12.62 -38.02 12.73
N GLN E 3 -13.31 -36.98 12.28
CA GLN E 3 -14.05 -37.04 11.00
C GLN E 3 -13.49 -35.99 10.06
N ASN E 4 -13.42 -36.28 8.77
CA ASN E 4 -12.82 -35.34 7.80
C ASN E 4 -13.94 -34.61 7.05
N PHE E 5 -13.83 -33.30 6.90
CA PHE E 5 -14.89 -32.50 6.27
C PHE E 5 -14.34 -31.82 5.03
N GLY E 6 -15.16 -31.65 4.00
CA GLY E 6 -14.74 -31.04 2.75
C GLY E 6 -13.78 -31.91 1.96
N THR E 7 -14.09 -33.19 1.86
CA THR E 7 -13.25 -34.14 1.14
C THR E 7 -13.65 -34.20 -0.33
N ALA E 8 -12.75 -34.77 -1.13
CA ALA E 8 -12.94 -34.81 -2.58
C ALA E 8 -13.94 -35.89 -2.97
N LEU E 9 -14.67 -35.68 -4.07
CA LEU E 9 -15.68 -36.66 -4.54
C LEU E 9 -15.28 -37.20 -5.90
N GLY E 10 -14.24 -36.66 -6.52
CA GLY E 10 -13.77 -37.13 -7.85
C GLY E 10 -12.29 -36.94 -8.02
N ASP E 11 -11.80 -36.96 -9.26
CA ASP E 11 -10.35 -36.77 -9.54
C ASP E 11 -10.10 -35.68 -10.58
N GLY E 12 -11.05 -34.77 -10.80
CA GLY E 12 -10.87 -33.77 -11.86
C GLY E 12 -10.14 -32.56 -11.35
N PHE E 13 -8.81 -32.65 -11.25
CA PHE E 13 -7.99 -31.53 -10.75
C PHE E 13 -7.18 -31.01 -11.93
N VAL E 14 -6.76 -29.74 -11.93
CA VAL E 14 -6.04 -29.20 -13.12
C VAL E 14 -4.69 -28.62 -12.72
N LEU E 15 -3.59 -29.20 -13.17
CA LEU E 15 -2.26 -28.62 -13.02
C LEU E 15 -1.53 -28.74 -14.34
N ASN E 16 -1.62 -27.71 -15.17
CA ASN E 16 -1.06 -27.73 -16.52
C ASN E 16 -1.14 -26.33 -17.10
N GLU E 17 -0.59 -26.17 -18.29
CA GLU E 17 -0.71 -24.95 -19.07
C GLU E 17 -1.73 -25.14 -20.18
N ALA E 18 -2.07 -24.04 -20.85
CA ALA E 18 -3.07 -24.06 -21.89
C ALA E 18 -2.53 -23.41 -23.16
N THR E 19 -3.08 -23.84 -24.29
CA THR E 19 -2.71 -23.34 -25.62
C THR E 19 -3.80 -22.39 -26.10
N LEU E 20 -3.40 -21.20 -26.56
CA LEU E 20 -4.33 -20.21 -27.05
C LEU E 20 -4.18 -20.07 -28.56
N MET E 21 -5.28 -20.23 -29.28
CA MET E 21 -5.31 -20.13 -30.74
C MET E 21 -6.23 -18.97 -31.13
N ILE E 22 -5.73 -18.10 -32.02
CA ILE E 22 -6.50 -16.98 -32.54
C ILE E 22 -6.55 -17.08 -34.05
N GLY E 23 -7.76 -16.98 -34.61
CA GLY E 23 -7.96 -17.11 -36.03
C GLY E 23 -9.02 -16.15 -36.54
N ALA E 24 -9.42 -16.38 -37.78
CA ALA E 24 -10.39 -15.50 -38.43
C ALA E 24 -11.78 -15.69 -37.83
N LEU E 25 -12.61 -14.66 -37.98
CA LEU E 25 -13.98 -14.69 -37.47
C LEU E 25 -14.80 -15.71 -38.25
N GLY E 26 -15.50 -16.58 -37.52
CA GLY E 26 -16.36 -17.59 -38.12
C GLY E 26 -15.81 -19.00 -38.08
N SER E 27 -14.52 -19.17 -37.81
CA SER E 27 -13.89 -20.48 -37.79
C SER E 27 -13.35 -20.83 -36.39
N ALA E 28 -14.14 -20.58 -35.36
CA ALA E 28 -13.71 -20.82 -34.00
C ALA E 28 -13.49 -22.29 -33.69
N LEU E 29 -14.23 -23.19 -34.32
CA LEU E 29 -14.15 -24.62 -34.03
C LEU E 29 -13.08 -25.34 -34.84
N ASP E 30 -12.53 -24.69 -35.86
CA ASP E 30 -11.59 -25.34 -36.78
C ASP E 30 -10.20 -24.72 -36.71
N LEU E 31 -9.78 -24.28 -35.53
CA LEU E 31 -8.46 -23.71 -35.36
C LEU E 31 -7.45 -24.81 -35.09
N THR E 32 -6.28 -24.71 -35.74
CA THR E 32 -5.21 -25.72 -35.61
C THR E 32 -3.99 -25.04 -35.00
N GLU E 33 -3.17 -25.77 -34.25
CA GLU E 33 -2.02 -25.15 -33.54
C GLU E 33 -0.99 -24.60 -34.53
N GLU E 34 -0.63 -25.33 -35.56
CA GLU E 34 0.45 -24.87 -36.46
C GLU E 34 0.07 -23.54 -37.10
N GLU E 35 -1.15 -23.38 -37.56
CA GLU E 35 -1.52 -22.17 -38.34
C GLU E 35 -2.05 -21.05 -37.45
N HIS E 36 -2.67 -21.38 -36.31
CA HIS E 36 -3.30 -20.29 -35.53
C HIS E 36 -2.74 -20.09 -34.12
N SER E 37 -1.80 -20.88 -33.65
CA SER E 37 -1.34 -20.73 -32.24
C SER E 37 -0.47 -19.51 -32.07
N VAL E 38 -0.34 -19.03 -30.85
CA VAL E 38 0.51 -17.87 -30.56
C VAL E 38 1.95 -18.30 -30.35
N GLY E 39 2.19 -19.38 -29.62
CA GLY E 39 3.53 -19.82 -29.33
C GLY E 39 3.73 -20.17 -27.88
N LEU E 40 4.86 -19.77 -27.31
CA LEU E 40 5.14 -20.01 -25.90
C LEU E 40 4.28 -19.07 -25.07
N PHE E 41 3.23 -19.61 -24.45
CA PHE E 41 2.27 -18.84 -23.69
C PHE E 41 2.28 -19.34 -22.24
N LYS E 42 2.32 -18.40 -21.29
CA LYS E 42 2.40 -18.72 -19.88
C LYS E 42 1.37 -17.95 -19.09
N ASN E 43 0.85 -18.58 -18.04
CA ASN E 43 -0.09 -17.97 -17.10
C ASN E 43 -1.36 -17.49 -17.79
N LEU E 44 -2.03 -18.43 -18.48
CA LEU E 44 -3.31 -18.12 -19.11
C LEU E 44 -4.41 -18.14 -18.06
N ALA E 45 -5.20 -17.08 -18.00
CA ALA E 45 -6.26 -16.94 -17.00
C ALA E 45 -7.54 -16.49 -17.67
N ILE E 46 -8.67 -17.04 -17.21
CA ILE E 46 -10.00 -16.67 -17.68
C ILE E 46 -10.78 -16.12 -16.49
N ALA E 47 -11.39 -14.94 -16.67
CA ALA E 47 -12.09 -14.28 -15.58
C ALA E 47 -13.50 -13.92 -16.02
N ASN E 48 -14.45 -14.07 -15.09
CA ASN E 48 -15.84 -13.70 -15.31
C ASN E 48 -16.30 -12.77 -14.19
N ASP E 49 -16.93 -11.66 -14.57
CA ASP E 49 -17.45 -10.69 -13.61
C ASP E 49 -18.89 -10.40 -13.98
N LYS E 50 -19.80 -10.57 -13.01
CA LYS E 50 -21.22 -10.37 -13.21
C LYS E 50 -21.73 -9.26 -12.31
N THR E 51 -22.68 -8.48 -12.82
CA THR E 51 -23.25 -7.35 -12.11
C THR E 51 -24.77 -7.53 -12.03
N PHE E 52 -25.34 -7.21 -10.87
CA PHE E 52 -26.77 -7.35 -10.63
C PHE E 52 -27.36 -6.04 -10.14
N GLN E 53 -28.65 -5.87 -10.40
CA GLN E 53 -29.41 -4.72 -9.93
C GLN E 53 -30.55 -5.22 -9.06
N ASP E 54 -30.62 -4.74 -7.83
CA ASP E 54 -31.56 -5.24 -6.83
C ASP E 54 -32.61 -4.19 -6.49
N LEU E 55 -33.84 -4.64 -6.29
CA LEU E 55 -34.92 -3.82 -5.77
C LEU E 55 -35.18 -4.21 -4.33
N ASN E 56 -35.18 -3.23 -3.44
CA ASN E 56 -35.26 -3.48 -2.00
C ASN E 56 -36.49 -2.79 -1.41
N GLN E 57 -37.00 -3.37 -0.33
CA GLN E 57 -38.14 -2.79 0.38
C GLN E 57 -37.89 -2.88 1.87
N GLY E 58 -38.52 -1.97 2.61
CA GLY E 58 -38.44 -1.97 4.06
C GLY E 58 -37.21 -1.28 4.60
N VAL E 59 -37.17 -1.14 5.93
CA VAL E 59 -36.02 -0.52 6.58
C VAL E 59 -34.79 -1.41 6.45
N THR E 60 -34.98 -2.72 6.57
CA THR E 60 -33.87 -3.67 6.50
C THR E 60 -33.47 -4.01 5.06
N GLN E 61 -34.15 -3.46 4.06
CA GLN E 61 -33.81 -3.64 2.66
C GLN E 61 -33.84 -5.09 2.23
N ASP E 62 -35.02 -5.71 2.27
CA ASP E 62 -35.21 -7.07 1.79
C ASP E 62 -35.34 -7.05 0.27
N THR E 63 -34.49 -7.81 -0.41
CA THR E 63 -34.52 -7.84 -1.87
C THR E 63 -35.76 -8.59 -2.36
N VAL E 64 -36.48 -7.99 -3.30
CA VAL E 64 -37.66 -8.62 -3.88
C VAL E 64 -37.34 -9.11 -5.28
N HIS E 65 -36.40 -8.46 -5.95
CA HIS E 65 -36.03 -8.86 -7.31
C HIS E 65 -34.57 -8.52 -7.55
N SER E 66 -33.93 -9.30 -8.43
CA SER E 66 -32.56 -9.08 -8.82
C SER E 66 -32.42 -9.34 -10.32
N GLN E 67 -31.82 -8.41 -11.04
CA GLN E 67 -31.72 -8.48 -12.49
C GLN E 67 -30.25 -8.36 -12.90
N LYS E 68 -29.78 -9.29 -13.72
CA LYS E 68 -28.43 -9.21 -14.24
C LYS E 68 -28.31 -8.07 -15.23
N THR E 69 -27.23 -7.30 -15.11
CA THR E 69 -27.00 -6.16 -15.99
C THR E 69 -25.78 -6.34 -16.89
N GLY E 70 -25.03 -7.41 -16.73
CA GLY E 70 -23.91 -7.67 -17.63
C GLY E 70 -22.90 -8.66 -17.10
N ASP E 71 -22.41 -9.54 -17.97
CA ASP E 71 -21.30 -10.43 -17.65
C ASP E 71 -20.16 -10.20 -18.64
N ASN E 72 -18.93 -10.29 -18.15
CA ASN E 72 -17.75 -9.95 -18.92
C ASN E 72 -16.73 -11.07 -18.83
N TRP E 73 -16.10 -11.40 -19.95
CA TRP E 73 -15.08 -12.43 -20.01
C TRP E 73 -13.77 -11.80 -20.46
N THR E 74 -12.68 -12.16 -19.77
CA THR E 74 -11.37 -11.58 -20.04
C THR E 74 -10.33 -12.70 -20.08
N ILE E 75 -9.43 -12.64 -21.07
CA ILE E 75 -8.37 -13.62 -21.26
C ILE E 75 -7.04 -12.89 -21.24
N SER E 76 -6.09 -13.39 -20.44
CA SER E 76 -4.79 -12.76 -20.29
C SER E 76 -3.69 -13.81 -20.23
N GLY E 77 -2.47 -13.40 -20.52
CA GLY E 77 -1.33 -14.30 -20.50
C GLY E 77 -0.06 -13.57 -20.86
N ASN E 78 1.02 -14.34 -20.94
CA ASN E 78 2.34 -13.82 -21.27
C ASN E 78 2.92 -14.63 -22.43
N GLY E 79 3.42 -13.94 -23.45
CA GLY E 79 4.02 -14.57 -24.61
C GLY E 79 5.51 -14.26 -24.69
N TYR E 80 6.29 -15.29 -24.98
CA TYR E 80 7.75 -15.23 -24.94
C TYR E 80 8.36 -15.42 -26.33
N GLU E 81 7.75 -14.83 -27.36
CA GLU E 81 8.24 -14.98 -28.73
C GLU E 81 8.00 -13.69 -29.49
N TYR E 82 9.05 -13.18 -30.14
CA TYR E 82 8.98 -11.94 -30.90
C TYR E 82 9.22 -12.26 -32.37
N ASN E 83 8.14 -12.50 -33.10
CA ASN E 83 8.18 -12.76 -34.54
C ASN E 83 7.04 -11.94 -35.16
N PRO E 84 6.98 -11.81 -36.49
CA PRO E 84 5.90 -11.00 -37.09
C PRO E 84 4.50 -11.41 -36.67
N ARG E 85 4.24 -12.72 -36.51
CA ARG E 85 2.90 -13.15 -36.14
C ARG E 85 2.50 -12.65 -34.76
N THR E 86 3.38 -12.82 -33.77
CA THR E 86 3.06 -12.40 -32.41
C THR E 86 2.98 -10.88 -32.29
N ILE E 87 3.85 -10.16 -32.99
CA ILE E 87 3.79 -8.69 -32.97
C ILE E 87 2.48 -8.22 -33.60
N MET E 88 2.08 -8.82 -34.72
CA MET E 88 0.81 -8.46 -35.35
C MET E 88 -0.36 -8.77 -34.43
N TYR E 89 -0.31 -9.90 -33.73
CA TYR E 89 -1.35 -10.23 -32.75
C TYR E 89 -1.42 -9.19 -31.64
N ALA E 90 -0.26 -8.80 -31.11
CA ALA E 90 -0.22 -7.82 -30.04
C ALA E 90 -0.69 -6.44 -30.49
N LEU E 91 -0.49 -6.11 -31.76
CA LEU E 91 -0.93 -4.82 -32.28
C LEU E 91 -2.41 -4.80 -32.67
N GLY E 92 -3.12 -5.92 -32.52
CA GLY E 92 -4.51 -5.97 -32.91
C GLY E 92 -4.77 -6.21 -34.38
N GLN E 93 -3.81 -6.81 -35.08
CA GLN E 93 -3.92 -7.08 -36.51
C GLN E 93 -3.95 -8.59 -36.74
N ALA E 94 -4.28 -8.96 -37.98
CA ALA E 94 -4.42 -10.37 -38.37
C ALA E 94 -3.03 -10.98 -38.46
N GLY E 95 -2.59 -11.59 -37.37
CA GLY E 95 -1.27 -12.19 -37.30
C GLY E 95 -1.15 -13.58 -37.86
N PHE E 96 -2.27 -14.24 -38.16
CA PHE E 96 -2.20 -15.61 -38.68
C PHE E 96 -1.75 -15.65 -40.13
N THR E 97 -1.71 -14.49 -40.81
CA THR E 97 -1.24 -14.46 -42.18
C THR E 97 0.27 -14.69 -42.27
N ALA E 98 1.01 -14.23 -41.26
CA ALA E 98 2.45 -14.39 -41.23
C ALA E 98 2.82 -15.77 -40.70
N ASP E 99 4.12 -16.06 -40.69
CA ASP E 99 4.63 -17.35 -40.23
C ASP E 99 5.77 -17.15 -39.24
N PRO E 100 5.81 -17.95 -38.17
CA PRO E 100 6.89 -17.80 -37.19
C PRO E 100 8.16 -18.56 -37.55
N THR E 101 8.10 -19.51 -38.48
CA THR E 101 9.26 -20.32 -38.85
C THR E 101 9.86 -19.92 -40.19
N ALA E 102 9.67 -18.67 -40.60
CA ALA E 102 10.22 -18.19 -41.86
C ALA E 102 11.74 -18.06 -41.75
N ALA E 103 12.38 -18.00 -42.92
CA ALA E 103 13.83 -17.90 -42.99
C ALA E 103 14.27 -16.47 -43.22
N ARG E 104 15.55 -16.17 -42.93
CA ARG E 104 16.15 -14.82 -43.22
C ARG E 104 17.28 -15.06 -44.22
N THR E 105 17.30 -14.38 -45.38
CA THR E 105 18.26 -14.71 -46.47
C THR E 105 19.77 -14.55 -46.21
N ARG E 106 20.25 -13.43 -45.65
CA ARG E 106 21.72 -13.19 -45.48
C ARG E 106 22.54 -13.27 -46.79
N ALA E 107 22.66 -12.19 -47.58
CA ALA E 107 23.48 -12.11 -48.81
C ALA E 107 24.87 -11.62 -48.41
N VAL E 108 25.88 -11.82 -49.25
CA VAL E 108 27.27 -11.47 -48.94
C VAL E 108 27.74 -10.42 -49.93
N VAL E 109 28.39 -9.38 -49.42
CA VAL E 109 28.89 -8.29 -50.24
C VAL E 109 30.25 -8.66 -50.82
N SER E 110 30.41 -8.50 -52.13
CA SER E 110 31.64 -8.87 -52.82
C SER E 110 32.41 -7.67 -53.35
N ALA E 111 31.97 -6.45 -53.04
CA ALA E 111 32.66 -5.26 -53.51
C ALA E 111 32.45 -4.13 -52.51
N PRO E 112 33.51 -3.42 -52.11
CA PRO E 112 33.34 -2.35 -51.12
C PRO E 112 32.54 -1.19 -51.68
N ALA E 113 31.81 -0.53 -50.78
CA ALA E 113 31.01 0.63 -51.12
C ALA E 113 31.37 1.79 -50.20
N ALA E 114 31.49 2.97 -50.75
CA ALA E 114 31.87 4.16 -50.01
C ALA E 114 30.63 4.96 -49.61
N VAL E 115 30.85 6.02 -48.84
CA VAL E 115 29.75 6.88 -48.42
C VAL E 115 29.29 7.72 -49.60
N GLY E 116 27.97 7.82 -49.78
CA GLY E 116 27.40 8.60 -50.85
C GLY E 116 26.88 7.81 -52.04
N VAL E 117 27.16 6.52 -52.12
CA VAL E 117 26.67 5.68 -53.19
C VAL E 117 25.35 5.07 -52.76
N SER E 118 24.58 4.59 -53.74
CA SER E 118 23.31 3.93 -53.48
C SER E 118 23.19 2.61 -54.23
N GLU E 119 24.33 2.03 -54.60
CA GLU E 119 24.38 0.74 -55.29
C GLU E 119 25.38 -0.16 -54.60
N ILE E 120 25.07 -1.46 -54.57
CA ILE E 120 25.90 -2.44 -53.90
C ILE E 120 25.94 -3.72 -54.73
N SER E 121 27.04 -4.44 -54.63
CA SER E 121 27.26 -5.68 -55.37
C SER E 121 27.28 -6.85 -54.38
N VAL E 122 26.48 -7.87 -54.66
CA VAL E 122 26.36 -9.01 -53.77
C VAL E 122 26.78 -10.27 -54.52
N GLN E 123 26.94 -11.37 -53.77
CA GLN E 123 27.33 -12.63 -54.37
C GLN E 123 26.23 -13.19 -55.26
N SER E 124 25.00 -13.23 -54.76
CA SER E 124 23.88 -13.77 -55.53
C SER E 124 22.58 -13.22 -54.95
N ALA E 125 21.71 -12.75 -55.83
CA ALA E 125 20.43 -12.16 -55.44
C ALA E 125 19.32 -13.21 -55.40
N THR E 126 19.54 -14.28 -54.63
CA THR E 126 18.55 -15.34 -54.49
C THR E 126 17.79 -15.14 -53.18
N GLY E 127 16.47 -15.05 -53.28
CA GLY E 127 15.61 -14.80 -52.15
C GLY E 127 15.31 -13.33 -51.91
N LEU E 128 15.99 -12.43 -52.61
CA LEU E 128 15.76 -11.00 -52.49
C LEU E 128 15.01 -10.50 -53.72
N ALA E 129 13.95 -9.74 -53.49
CA ALA E 129 13.12 -9.20 -54.56
C ALA E 129 12.98 -7.69 -54.40
N VAL E 130 12.37 -7.07 -55.41
CA VAL E 130 12.14 -5.63 -55.38
C VAL E 130 11.13 -5.30 -54.30
N GLY E 131 11.41 -4.26 -53.51
CA GLY E 131 10.55 -3.86 -52.43
C GLY E 131 10.84 -4.51 -51.10
N ASP E 132 11.83 -5.37 -51.01
CA ASP E 132 12.18 -6.01 -49.75
C ASP E 132 12.99 -5.06 -48.87
N TRP E 133 13.02 -5.36 -47.58
CA TRP E 133 13.79 -4.59 -46.61
C TRP E 133 14.97 -5.42 -46.12
N VAL E 134 16.14 -4.79 -46.05
CA VAL E 134 17.37 -5.45 -45.62
C VAL E 134 18.05 -4.60 -44.57
N ILE E 135 18.64 -5.25 -43.58
CA ILE E 135 19.39 -4.58 -42.52
C ILE E 135 20.87 -4.91 -42.69
N LEU E 136 21.70 -3.88 -42.79
CA LEU E 136 23.12 -4.06 -43.02
C LEU E 136 23.79 -4.59 -41.75
N TYR E 137 24.60 -5.63 -41.91
CA TYR E 137 25.34 -6.25 -40.82
C TYR E 137 26.83 -6.09 -41.09
N ASN E 138 27.52 -5.37 -40.22
CA ASN E 138 28.95 -5.11 -40.36
C ASN E 138 29.73 -5.98 -39.39
N LYS E 139 30.76 -6.65 -39.90
CA LYS E 139 31.56 -7.53 -39.04
C LYS E 139 32.35 -6.74 -38.01
N LEU E 140 32.90 -5.61 -38.39
CA LEU E 140 33.71 -4.78 -37.51
C LEU E 140 33.10 -3.40 -37.41
N GLY E 141 33.08 -2.84 -36.22
CA GLY E 141 32.52 -1.52 -35.96
C GLY E 141 31.24 -1.60 -35.16
N ASP E 142 30.75 -0.42 -34.80
CA ASP E 142 29.52 -0.32 -34.02
C ASP E 142 28.31 -0.64 -34.90
N ASN E 143 27.24 -1.08 -34.24
CA ASN E 143 25.99 -1.46 -34.92
C ASN E 143 25.06 -0.26 -34.89
N ASN E 144 24.93 0.43 -36.01
CA ASN E 144 24.04 1.58 -36.13
C ASN E 144 22.62 1.19 -36.52
N GLY E 145 22.38 -0.07 -36.87
CA GLY E 145 21.06 -0.52 -37.24
C GLY E 145 20.48 0.23 -38.42
N LEU E 146 21.06 0.05 -39.61
CA LEU E 146 20.65 0.75 -40.81
C LEU E 146 19.84 -0.18 -41.69
N ALA E 147 18.64 0.26 -42.08
CA ALA E 147 17.74 -0.53 -42.90
C ALA E 147 17.50 0.17 -44.23
N TYR E 148 17.49 -0.62 -45.30
CA TYR E 148 17.33 -0.10 -46.66
C TYR E 148 16.27 -0.90 -47.39
N LYS E 149 15.61 -0.24 -48.33
CA LYS E 149 14.60 -0.87 -49.17
C LYS E 149 15.17 -1.07 -50.57
N ILE E 150 15.03 -2.29 -51.10
CA ILE E 150 15.54 -2.60 -52.43
C ILE E 150 14.63 -1.99 -53.48
N ASP E 151 15.21 -1.19 -54.38
CA ASP E 151 14.45 -0.51 -55.43
C ASP E 151 14.52 -1.23 -56.77
N ALA E 152 15.68 -1.73 -57.15
CA ALA E 152 15.85 -2.43 -58.42
C ALA E 152 17.01 -3.40 -58.31
N ILE E 153 16.84 -4.59 -58.89
CA ILE E 153 17.87 -5.62 -58.92
C ILE E 153 18.21 -5.89 -60.37
N ALA E 154 19.46 -5.59 -60.75
CA ALA E 154 19.97 -5.89 -62.07
C ALA E 154 21.27 -6.67 -61.91
N THR E 155 21.31 -7.86 -62.51
CA THR E 155 22.44 -8.78 -62.34
C THR E 155 22.76 -9.00 -60.87
N ASN E 156 23.97 -8.65 -60.45
CA ASN E 156 24.38 -8.75 -59.05
C ASN E 156 24.40 -7.40 -58.36
N THR E 157 23.84 -6.36 -58.96
CA THR E 157 23.86 -5.01 -58.40
C THR E 157 22.49 -4.69 -57.80
N ILE E 158 22.50 -4.26 -56.54
CA ILE E 158 21.28 -3.89 -55.84
C ILE E 158 21.29 -2.39 -55.59
N THR E 159 20.21 -1.72 -55.98
CA THR E 159 20.07 -0.28 -55.80
C THR E 159 19.18 -0.03 -54.59
N LEU E 160 19.73 0.63 -53.57
CA LEU E 160 18.99 0.93 -52.36
C LEU E 160 18.21 2.24 -52.52
N ASP E 161 17.24 2.44 -51.63
CA ASP E 161 16.34 3.61 -51.77
C ASP E 161 17.05 4.93 -51.48
N ARG E 162 18.02 4.93 -50.58
CA ARG E 162 18.67 6.20 -50.20
C ARG E 162 20.18 6.01 -50.12
N ASP E 163 20.93 7.11 -50.20
CA ASP E 163 22.41 7.04 -50.20
C ASP E 163 22.94 6.51 -48.87
N LEU E 164 24.12 5.91 -48.89
CA LEU E 164 24.77 5.35 -47.71
C LEU E 164 25.35 6.47 -46.84
N VAL E 165 25.30 6.26 -45.53
CA VAL E 165 25.94 7.15 -44.57
C VAL E 165 27.12 6.49 -43.87
N ALA E 166 27.29 5.19 -44.01
CA ALA E 166 28.42 4.46 -43.47
C ALA E 166 28.95 3.53 -44.54
N PRO E 167 30.27 3.35 -44.61
CA PRO E 167 30.84 2.48 -45.64
C PRO E 167 30.56 1.01 -45.38
N VAL E 168 30.44 0.25 -46.47
CA VAL E 168 30.26 -1.19 -46.41
C VAL E 168 31.50 -1.83 -47.03
N ALA E 169 32.16 -2.71 -46.27
CA ALA E 169 33.37 -3.37 -46.71
C ALA E 169 33.02 -4.74 -47.30
N VAL E 170 34.05 -5.49 -47.69
CA VAL E 170 33.87 -6.82 -48.24
C VAL E 170 33.72 -7.81 -47.10
N GLY E 171 32.70 -8.66 -47.18
CA GLY E 171 32.37 -9.60 -46.14
C GLY E 171 31.16 -9.24 -45.32
N ASP E 172 30.64 -8.02 -45.48
CA ASP E 172 29.42 -7.62 -44.79
C ASP E 172 28.21 -8.36 -45.35
N GLU E 173 27.15 -8.39 -44.57
CA GLU E 173 25.95 -9.16 -44.93
C GLU E 173 24.73 -8.25 -44.93
N LEU E 174 23.77 -8.59 -45.78
CA LEU E 174 22.48 -7.91 -45.84
C LEU E 174 21.42 -8.89 -45.36
N VAL E 175 20.89 -8.66 -44.16
CA VAL E 175 19.93 -9.57 -43.54
C VAL E 175 18.52 -9.12 -43.90
N LYS E 176 17.74 -10.02 -44.48
CA LYS E 176 16.37 -9.70 -44.85
C LYS E 176 15.51 -9.51 -43.61
N SER E 177 14.54 -8.62 -43.71
CA SER E 177 13.67 -8.28 -42.60
C SER E 177 12.26 -8.02 -43.10
N THR E 178 11.33 -7.90 -42.15
CA THR E 178 9.93 -7.65 -42.45
C THR E 178 9.50 -6.35 -41.78
N LEU E 179 8.74 -5.53 -42.50
CA LEU E 179 8.30 -4.24 -42.02
C LEU E 179 6.91 -4.37 -41.41
N ILE E 180 6.76 -3.91 -40.17
CA ILE E 180 5.50 -3.94 -39.45
C ILE E 180 5.12 -2.50 -39.11
N ASN E 181 3.92 -2.09 -39.55
CA ASN E 181 3.43 -0.76 -39.27
C ASN E 181 2.37 -0.81 -38.18
N THR E 182 2.51 0.05 -37.18
CA THR E 182 1.64 0.04 -36.02
C THR E 182 0.24 0.56 -36.31
N ASN E 183 0.05 1.26 -37.42
CA ASN E 183 -1.25 1.82 -37.78
C ASN E 183 -1.77 1.11 -39.02
N ASN E 184 -2.98 0.57 -38.94
CA ASN E 184 -3.62 -0.05 -40.08
C ASN E 184 -4.50 0.97 -40.79
N PRO E 185 -4.19 1.36 -42.03
CA PRO E 185 -4.98 2.38 -42.72
C PRO E 185 -6.26 1.87 -43.37
N ASN E 186 -6.45 0.56 -43.47
CA ASN E 186 -7.63 -0.02 -44.08
C ASN E 186 -8.76 -0.27 -43.08
N SER E 187 -8.55 0.05 -41.81
CA SER E 187 -9.57 -0.10 -40.78
C SER E 187 -10.14 1.27 -40.46
N CYS E 188 -11.44 1.45 -40.72
CA CYS E 188 -12.07 2.75 -40.50
C CYS E 188 -12.10 3.10 -39.02
N SER E 189 -12.39 2.12 -38.16
CA SER E 189 -12.53 2.36 -36.72
C SER E 189 -11.27 2.05 -35.93
N GLY E 190 -10.50 1.03 -36.34
CA GLY E 190 -9.33 0.60 -35.61
C GLY E 190 -9.54 -0.62 -34.74
N ALA E 191 -10.74 -1.18 -34.72
CA ALA E 191 -11.05 -2.37 -33.94
C ALA E 191 -11.30 -3.53 -34.89
N GLU E 192 -10.57 -4.63 -34.69
CA GLU E 192 -10.68 -5.83 -35.51
C GLU E 192 -11.00 -7.02 -34.61
N TYR E 193 -11.88 -7.89 -35.07
CA TYR E 193 -12.41 -8.98 -34.27
C TYR E 193 -11.94 -10.32 -34.82
N PHE E 194 -11.71 -11.27 -33.90
CA PHE E 194 -11.19 -12.58 -34.23
C PHE E 194 -11.97 -13.64 -33.45
N SER E 195 -11.58 -14.89 -33.66
CA SER E 195 -12.07 -16.02 -32.89
C SER E 195 -10.93 -16.64 -32.08
N ALA E 196 -11.29 -17.31 -30.99
CA ALA E 196 -10.30 -17.86 -30.09
C ALA E 196 -10.69 -19.27 -29.67
N LYS E 197 -9.68 -20.04 -29.25
CA LYS E 197 -9.88 -21.38 -28.75
C LYS E 197 -8.79 -21.69 -27.73
N ILE E 198 -9.15 -22.36 -26.64
CA ILE E 198 -8.23 -22.69 -25.56
C ILE E 198 -8.30 -24.19 -25.33
N VAL E 199 -7.14 -24.83 -25.28
CA VAL E 199 -7.04 -26.29 -25.13
C VAL E 199 -6.17 -26.60 -23.92
N SER E 200 -6.64 -27.51 -23.07
CA SER E 200 -5.87 -27.97 -21.91
C SER E 200 -6.29 -29.40 -21.60
N ALA E 201 -5.87 -29.89 -20.44
CA ALA E 201 -6.19 -31.25 -20.02
C ALA E 201 -6.15 -31.33 -18.50
N ASP E 202 -6.81 -32.37 -17.97
CA ASP E 202 -6.83 -32.63 -16.55
C ASP E 202 -5.57 -33.41 -16.15
N VAL E 203 -5.54 -33.85 -14.89
CA VAL E 203 -4.44 -34.69 -14.43
C VAL E 203 -4.54 -36.08 -15.04
N ASN E 204 -5.75 -36.56 -15.32
CA ASN E 204 -5.97 -37.85 -15.94
C ASN E 204 -6.01 -37.78 -17.46
N CYS E 205 -5.46 -36.72 -18.04
CA CYS E 205 -5.39 -36.53 -19.49
C CYS E 205 -6.80 -36.52 -20.11
N ASN E 206 -7.69 -35.76 -19.49
CA ASN E 206 -9.02 -35.51 -20.01
C ASN E 206 -9.07 -34.13 -20.64
N PRO E 207 -9.30 -34.02 -21.95
CA PRO E 207 -9.16 -32.72 -22.62
C PRO E 207 -10.18 -31.70 -22.15
N ILE E 208 -9.78 -30.44 -22.16
CA ILE E 208 -10.65 -29.29 -21.88
C ILE E 208 -10.55 -28.35 -23.06
N VAL E 209 -11.70 -27.98 -23.62
CA VAL E 209 -11.76 -27.08 -24.77
C VAL E 209 -12.69 -25.92 -24.44
N VAL E 210 -12.20 -24.69 -24.63
CA VAL E 210 -12.96 -23.47 -24.44
C VAL E 210 -12.99 -22.72 -25.75
N ILE E 211 -14.18 -22.34 -26.21
CA ILE E 211 -14.37 -21.74 -27.52
C ILE E 211 -15.02 -20.37 -27.35
N VAL E 212 -14.39 -19.33 -27.88
CA VAL E 212 -14.90 -17.97 -27.83
C VAL E 212 -15.12 -17.48 -29.26
N PRO E 213 -16.37 -17.40 -29.73
CA PRO E 213 -16.59 -17.01 -31.15
C PRO E 213 -16.05 -15.64 -31.53
N LYS E 214 -16.11 -14.65 -30.65
CA LYS E 214 -15.61 -13.31 -30.95
C LYS E 214 -14.79 -12.77 -29.79
N VAL E 215 -13.62 -12.23 -30.10
CA VAL E 215 -12.75 -11.61 -29.11
C VAL E 215 -12.22 -10.29 -29.68
N GLN E 216 -11.82 -9.39 -28.79
CA GLN E 216 -11.13 -8.16 -29.15
C GLN E 216 -9.89 -8.02 -28.29
N ILE E 217 -8.76 -7.74 -28.94
CA ILE E 217 -7.50 -7.58 -28.22
C ILE E 217 -7.36 -6.12 -27.79
N THR E 218 -7.47 -5.88 -26.48
CA THR E 218 -7.47 -4.53 -25.94
C THR E 218 -6.11 -4.08 -25.42
N SER E 219 -5.09 -4.91 -25.53
CA SER E 219 -3.76 -4.55 -25.06
C SER E 219 -2.96 -3.92 -26.20
N GLY E 220 -1.67 -3.67 -25.94
CA GLY E 220 -0.78 -3.13 -26.94
C GLY E 220 0.58 -3.78 -26.87
N LEU E 221 1.45 -3.37 -27.80
CA LEU E 221 2.80 -3.92 -27.84
C LEU E 221 3.61 -3.41 -26.67
N ASN E 222 4.19 -4.34 -25.91
CA ASN E 222 4.99 -4.02 -24.73
C ASN E 222 6.31 -4.77 -24.83
N LEU E 223 7.40 -4.04 -24.99
CA LEU E 223 8.74 -4.62 -25.10
C LEU E 223 9.64 -3.96 -24.08
N ALA E 224 10.22 -4.77 -23.19
CA ALA E 224 11.10 -4.28 -22.12
C ALA E 224 12.42 -5.02 -22.23
N PHE E 225 13.52 -4.27 -22.29
CA PHE E 225 14.85 -4.83 -22.48
C PHE E 225 15.59 -4.86 -21.15
N GLY E 226 16.29 -5.96 -20.89
CA GLY E 226 17.05 -6.09 -19.66
C GLY E 226 17.84 -7.38 -19.68
N ALA E 227 18.86 -7.42 -18.81
CA ALA E 227 19.74 -8.57 -18.70
C ALA E 227 19.34 -9.53 -17.58
N THR E 228 18.22 -9.29 -16.90
CA THR E 228 17.85 -10.13 -15.77
C THR E 228 17.08 -11.37 -16.23
N ASP E 229 16.03 -11.17 -17.03
CA ASP E 229 15.18 -12.27 -17.46
C ASP E 229 14.68 -12.01 -18.88
N TYR E 230 14.05 -13.04 -19.45
CA TYR E 230 13.57 -12.95 -20.82
C TYR E 230 12.39 -12.00 -20.93
N ALA E 231 12.36 -11.22 -22.01
CA ALA E 231 11.27 -10.30 -22.27
C ALA E 231 10.03 -11.05 -22.74
N ASN E 232 8.86 -10.54 -22.36
CA ASN E 232 7.59 -11.14 -22.72
C ASN E 232 6.56 -10.06 -23.00
N ILE E 233 5.49 -10.45 -23.69
CA ILE E 233 4.40 -9.55 -24.05
C ILE E 233 3.16 -9.94 -23.26
N ALA E 234 2.56 -8.97 -22.58
CA ALA E 234 1.34 -9.20 -21.84
C ALA E 234 0.14 -9.05 -22.77
N TYR E 235 -0.74 -10.05 -22.76
CA TYR E 235 -1.90 -10.09 -23.65
C TYR E 235 -3.16 -9.87 -22.83
N GLN E 236 -4.17 -9.26 -23.45
CA GLN E 236 -5.48 -9.10 -22.84
C GLN E 236 -6.54 -9.12 -23.93
N MET E 237 -7.60 -9.91 -23.70
CA MET E 237 -8.68 -10.05 -24.66
C MET E 237 -10.01 -9.96 -23.92
N LYS E 238 -11.05 -9.57 -24.64
CA LYS E 238 -12.40 -9.52 -24.10
C LYS E 238 -13.37 -10.16 -25.08
N ALA E 239 -14.36 -10.87 -24.56
CA ALA E 239 -15.36 -11.52 -25.38
C ALA E 239 -16.55 -10.60 -25.61
N MET E 240 -17.11 -10.68 -26.81
CA MET E 240 -18.21 -9.80 -27.19
C MET E 240 -19.33 -10.63 -27.80
N ALA E 241 -20.53 -10.04 -27.82
CA ALA E 241 -21.69 -10.71 -28.40
C ALA E 241 -21.78 -10.43 -29.90
N LEU E 242 -22.14 -11.46 -30.65
CA LEU E 242 -22.23 -11.38 -32.10
C LEU E 242 -23.53 -10.73 -32.53
N THR E 243 -23.52 -10.15 -33.73
CA THR E 243 -24.68 -9.52 -34.33
C THR E 243 -25.08 -10.29 -35.59
N ARG E 244 -26.12 -9.78 -36.25
CA ARG E 244 -26.65 -10.46 -37.45
C ARG E 244 -25.63 -10.50 -38.56
N LYS E 245 -24.91 -9.40 -38.77
CA LYS E 245 -23.95 -9.32 -39.87
C LYS E 245 -22.65 -10.04 -39.56
N ASP E 246 -22.38 -10.35 -38.30
CA ASP E 246 -21.12 -10.99 -37.93
C ASP E 246 -21.11 -12.45 -38.37
N ALA E 247 -19.96 -12.91 -38.83
CA ALA E 247 -19.80 -14.31 -39.20
C ALA E 247 -19.85 -15.19 -37.96
N GLY E 248 -20.44 -16.37 -38.11
CA GLY E 248 -20.62 -17.27 -36.99
C GLY E 248 -21.83 -16.97 -36.13
N TYR E 249 -22.77 -16.16 -36.61
CA TYR E 249 -23.96 -15.86 -35.83
C TYR E 249 -24.81 -17.10 -35.60
N ASP E 250 -24.80 -18.03 -36.56
CA ASP E 250 -25.57 -19.26 -36.40
C ASP E 250 -25.07 -20.09 -35.22
N LEU E 251 -23.75 -20.17 -35.05
CA LEU E 251 -23.20 -20.85 -33.88
C LEU E 251 -23.55 -20.12 -32.59
N TYR E 252 -23.65 -18.79 -32.64
CA TYR E 252 -23.93 -18.01 -31.45
C TYR E 252 -25.34 -18.29 -30.93
N VAL E 253 -26.33 -18.26 -31.82
CA VAL E 253 -27.72 -18.47 -31.40
C VAL E 253 -28.03 -19.95 -31.16
N GLN E 254 -27.24 -20.86 -31.74
CA GLN E 254 -27.48 -22.28 -31.52
C GLN E 254 -27.17 -22.68 -30.09
N HIS E 255 -26.18 -22.04 -29.48
CA HIS E 255 -25.76 -22.34 -28.12
C HIS E 255 -26.34 -21.36 -27.11
N GLY E 256 -27.57 -20.90 -27.33
CA GLY E 256 -28.24 -20.06 -26.37
C GLY E 256 -27.66 -18.67 -26.21
N LYS E 257 -27.07 -18.12 -27.27
CA LYS E 257 -26.47 -16.78 -27.24
C LYS E 257 -25.41 -16.66 -26.15
N SER E 258 -24.52 -17.64 -26.09
CA SER E 258 -23.46 -17.68 -25.10
C SER E 258 -22.17 -17.11 -25.69
N LYS E 259 -21.53 -16.23 -24.92
CA LYS E 259 -20.24 -15.70 -25.33
C LYS E 259 -19.15 -16.77 -25.28
N VAL E 260 -19.20 -17.63 -24.26
CA VAL E 260 -18.22 -18.68 -24.06
C VAL E 260 -18.95 -19.97 -23.68
N PHE E 261 -18.59 -21.07 -24.32
CA PHE E 261 -19.09 -22.37 -23.93
C PHE E 261 -17.94 -23.36 -23.83
N LEU E 262 -18.07 -24.31 -22.91
CA LEU E 262 -16.99 -25.22 -22.54
C LEU E 262 -17.36 -26.64 -22.93
N LEU E 263 -16.36 -27.45 -23.21
CA LEU E 263 -16.52 -28.89 -23.46
C LEU E 263 -15.61 -29.65 -22.52
N THR E 264 -16.10 -29.96 -21.33
CA THR E 264 -15.31 -30.68 -20.34
C THR E 264 -15.83 -32.10 -20.13
N MET F 1 44.31 11.59 -4.80
CA MET F 1 43.75 12.83 -5.39
C MET F 1 42.25 12.89 -5.11
N GLN F 2 41.71 11.88 -4.44
CA GLN F 2 40.24 11.83 -4.16
C GLN F 2 39.88 12.92 -3.16
N GLN F 3 38.72 13.58 -3.36
CA GLN F 3 38.32 14.70 -2.48
C GLN F 3 37.00 14.33 -1.81
N ASN F 4 36.82 14.73 -0.55
CA ASN F 4 35.60 14.35 0.19
C ASN F 4 34.65 15.54 0.23
N PHE F 5 33.37 15.29 -0.04
CA PHE F 5 32.38 16.40 -0.13
C PHE F 5 31.31 16.18 0.93
N GLY F 6 30.77 17.28 1.48
CA GLY F 6 29.76 17.20 2.52
C GLY F 6 30.30 16.69 3.84
N THR F 7 31.47 17.18 4.24
CA THR F 7 32.11 16.78 5.48
C THR F 7 31.65 17.63 6.64
N ALA F 8 31.89 17.14 7.85
CA ALA F 8 31.41 17.80 9.07
C ALA F 8 32.27 19.01 9.41
N LEU F 9 31.67 20.01 10.04
CA LEU F 9 32.40 21.26 10.40
C LEU F 9 32.44 21.41 11.92
N GLY F 10 31.72 20.56 12.66
CA GLY F 10 31.69 20.63 14.14
C GLY F 10 31.47 19.26 14.75
N ASP F 11 31.06 19.22 16.02
CA ASP F 11 30.81 17.93 16.72
C ASP F 11 29.42 17.90 17.36
N GLY F 12 28.48 18.72 16.92
CA GLY F 12 27.17 18.76 17.58
C GLY F 12 26.24 17.74 17.00
N PHE F 13 26.37 16.48 17.41
CA PHE F 13 25.51 15.40 16.90
C PHE F 13 24.62 14.95 18.05
N VAL F 14 23.44 14.38 17.79
CA VAL F 14 22.51 14.02 18.90
C VAL F 14 22.13 12.55 18.84
N LEU F 15 22.54 11.75 19.82
CA LEU F 15 22.07 10.37 19.97
C LEU F 15 21.72 10.15 21.44
N ASN F 16 20.46 10.36 21.78
CA ASN F 16 20.01 10.28 23.17
C ASN F 16 18.49 10.35 23.19
N GLU F 17 17.93 10.21 24.38
CA GLU F 17 16.51 10.40 24.61
C GLU F 17 16.27 11.74 25.29
N ALA F 18 15.00 12.13 25.40
CA ALA F 18 14.64 13.41 25.96
C ALA F 18 13.58 13.23 27.05
N THR F 19 13.56 14.19 27.98
CA THR F 19 12.63 14.20 29.10
C THR F 19 11.57 15.24 28.82
N LEU F 20 10.30 14.85 28.98
CA LEU F 20 9.17 15.75 28.75
C LEU F 20 8.52 16.08 30.08
N MET F 21 8.39 17.38 30.37
CA MET F 21 7.78 17.85 31.60
C MET F 21 6.54 18.68 31.25
N ILE F 22 5.43 18.39 31.91
CA ILE F 22 4.18 19.12 31.72
C ILE F 22 3.73 19.68 33.06
N GLY F 23 3.42 20.97 33.08
CA GLY F 23 3.03 21.65 34.31
C GLY F 23 1.95 22.67 34.05
N ALA F 24 1.70 23.50 35.07
CA ALA F 24 0.64 24.48 35.00
C ALA F 24 1.02 25.61 34.04
N LEU F 25 -0.02 26.29 33.54
CA LEU F 25 0.17 27.40 32.62
C LEU F 25 0.84 28.56 33.34
N GLY F 26 1.90 29.12 32.74
CA GLY F 26 2.62 30.25 33.29
C GLY F 26 3.95 29.91 33.92
N SER F 27 4.22 28.64 34.19
CA SER F 27 5.48 28.24 34.83
C SER F 27 6.29 27.33 33.92
N ALA F 28 6.42 27.70 32.64
CA ALA F 28 7.14 26.86 31.69
C ALA F 28 8.63 26.76 31.98
N LEU F 29 9.24 27.80 32.56
CA LEU F 29 10.68 27.82 32.81
C LEU F 29 11.07 27.19 34.13
N ASP F 30 10.11 26.92 35.01
CA ASP F 30 10.40 26.44 36.36
C ASP F 30 9.86 25.02 36.59
N LEU F 31 9.89 24.19 35.56
CA LEU F 31 9.42 22.82 35.70
C LEU F 31 10.57 21.93 36.18
N THR F 32 10.26 21.05 37.13
CA THR F 32 11.27 20.14 37.74
C THR F 32 10.87 18.70 37.42
N GLU F 33 11.83 17.79 37.29
CA GLU F 33 11.53 16.40 36.88
C GLU F 33 10.67 15.69 37.92
N GLU F 34 10.99 15.79 39.20
CA GLU F 34 10.25 15.02 40.22
C GLU F 34 8.78 15.39 40.20
N GLU F 35 8.44 16.67 40.12
CA GLU F 35 7.04 17.09 40.27
C GLU F 35 6.30 17.14 38.94
N HIS F 36 6.99 17.38 37.83
CA HIS F 36 6.25 17.57 36.56
C HIS F 36 6.57 16.56 35.46
N SER F 37 7.50 15.64 35.64
CA SER F 37 7.87 14.72 34.53
C SER F 37 6.80 13.69 34.29
N VAL F 38 6.79 13.10 33.11
CA VAL F 38 5.82 12.05 32.79
C VAL F 38 6.31 10.69 33.26
N GLY F 39 7.58 10.38 33.06
CA GLY F 39 8.12 9.09 33.43
C GLY F 39 8.97 8.48 32.33
N LEU F 40 8.82 7.18 32.11
CA LEU F 40 9.55 6.48 31.05
C LEU F 40 8.95 6.89 29.71
N PHE F 41 9.66 7.74 28.97
CA PHE F 41 9.20 8.28 27.71
C PHE F 41 10.17 7.88 26.61
N LYS F 42 9.63 7.38 25.50
CA LYS F 42 10.45 6.89 24.40
C LYS F 42 9.98 7.50 23.08
N ASN F 43 10.95 7.72 22.18
CA ASN F 43 10.70 8.20 20.83
C ASN F 43 9.98 9.55 20.82
N LEU F 44 10.60 10.52 21.48
CA LEU F 44 10.07 11.88 21.48
C LEU F 44 10.45 12.57 20.17
N ALA F 45 9.47 13.15 19.50
CA ALA F 45 9.67 13.79 18.21
C ALA F 45 9.00 15.15 18.18
N ILE F 46 9.67 16.12 17.57
CA ILE F 46 9.12 17.47 17.37
C ILE F 46 9.02 17.73 15.87
N ALA F 47 7.86 18.19 15.43
CA ALA F 47 7.60 18.40 14.01
C ALA F 47 7.09 19.81 13.77
N ASN F 48 7.55 20.41 12.67
CA ASN F 48 7.11 21.73 12.25
C ASN F 48 6.64 21.66 10.81
N ASP F 49 5.46 22.22 10.54
CA ASP F 49 4.88 22.26 9.21
C ASP F 49 4.46 23.70 8.91
N LYS F 50 4.95 24.23 7.80
CA LYS F 50 4.67 25.61 7.41
C LYS F 50 3.94 25.63 6.07
N THR F 51 3.02 26.57 5.92
CA THR F 51 2.22 26.73 4.71
C THR F 51 2.38 28.14 4.16
N PHE F 52 2.49 28.24 2.84
CA PHE F 52 2.70 29.52 2.17
C PHE F 52 1.63 29.73 1.11
N GLN F 53 1.36 31.00 0.82
CA GLN F 53 0.45 31.40 -0.25
C GLN F 53 1.20 32.25 -1.24
N ASP F 54 1.19 31.84 -2.51
CA ASP F 54 1.99 32.46 -3.54
C ASP F 54 1.13 33.17 -4.57
N LEU F 55 1.60 34.33 -5.03
CA LEU F 55 1.00 35.05 -6.14
C LEU F 55 1.88 34.87 -7.37
N ASN F 56 1.28 34.44 -8.47
CA ASN F 56 2.01 34.08 -9.67
C ASN F 56 1.57 34.94 -10.84
N GLN F 57 2.48 35.15 -11.80
CA GLN F 57 2.18 35.89 -13.01
C GLN F 57 2.80 35.19 -14.20
N GLY F 58 2.21 35.40 -15.36
CA GLY F 58 2.73 34.85 -16.60
C GLY F 58 2.29 33.43 -16.86
N VAL F 59 2.63 32.94 -18.05
CA VAL F 59 2.31 31.57 -18.41
C VAL F 59 3.11 30.58 -17.58
N THR F 60 4.38 30.90 -17.31
CA THR F 60 5.25 30.02 -16.54
C THR F 60 5.07 30.16 -15.04
N GLN F 61 4.18 31.06 -14.59
CA GLN F 61 3.85 31.22 -13.18
C GLN F 61 5.06 31.59 -12.34
N ASP F 62 5.63 32.76 -12.59
CA ASP F 62 6.73 33.28 -11.80
C ASP F 62 6.17 33.92 -10.52
N THR F 63 6.65 33.44 -9.37
CA THR F 63 6.15 33.96 -8.10
C THR F 63 6.67 35.37 -7.86
N VAL F 64 5.76 36.28 -7.49
CA VAL F 64 6.11 37.66 -7.20
C VAL F 64 6.09 37.89 -5.70
N HIS F 65 5.27 37.14 -4.99
CA HIS F 65 5.14 37.30 -3.54
C HIS F 65 4.77 35.96 -2.92
N SER F 66 5.18 35.77 -1.67
CA SER F 66 4.86 34.58 -0.90
C SER F 66 4.58 34.98 0.53
N GLN F 67 3.45 34.53 1.07
CA GLN F 67 3.01 34.91 2.40
C GLN F 67 2.77 33.66 3.24
N LYS F 68 3.35 33.63 4.43
CA LYS F 68 3.12 32.52 5.35
C LYS F 68 1.70 32.58 5.89
N THR F 69 1.03 31.43 5.92
CA THR F 69 -0.34 31.32 6.39
C THR F 69 -0.48 30.51 7.66
N GLY F 70 0.60 29.90 8.15
CA GLY F 70 0.54 29.20 9.42
C GLY F 70 1.67 28.22 9.64
N ASP F 71 2.18 28.16 10.86
CA ASP F 71 3.15 27.15 11.28
C ASP F 71 2.60 26.37 12.47
N ASN F 72 2.87 25.08 12.50
CA ASN F 72 2.29 24.19 13.50
C ASN F 72 3.39 23.36 14.14
N TRP F 73 3.32 23.18 15.45
CA TRP F 73 4.27 22.38 16.21
C TRP F 73 3.54 21.21 16.86
N THR F 74 4.13 20.03 16.78
CA THR F 74 3.52 18.81 17.28
C THR F 74 4.56 18.00 18.05
N ILE F 75 4.16 17.48 19.21
CA ILE F 75 5.03 16.70 20.08
C ILE F 75 4.37 15.34 20.30
N SER F 76 5.14 14.26 20.11
CA SER F 76 4.62 12.91 20.23
C SER F 76 5.65 12.02 20.91
N GLY F 77 5.17 10.91 21.46
CA GLY F 77 6.04 9.97 22.15
C GLY F 77 5.24 8.80 22.67
N ASN F 78 5.95 7.91 23.39
CA ASN F 78 5.37 6.72 23.98
C ASN F 78 5.72 6.67 25.46
N GLY F 79 4.72 6.44 26.30
CA GLY F 79 4.90 6.35 27.74
C GLY F 79 4.61 4.95 28.24
N TYR F 80 5.48 4.46 29.11
CA TYR F 80 5.46 3.07 29.58
C TYR F 80 5.15 2.98 31.08
N GLU F 81 4.22 3.81 31.56
CA GLU F 81 3.88 3.82 32.98
C GLU F 81 2.40 4.11 33.14
N TYR F 82 1.71 3.28 33.92
CA TYR F 82 0.28 3.41 34.15
C TYR F 82 0.05 3.71 35.63
N ASN F 83 0.01 5.00 35.96
CA ASN F 83 -0.27 5.47 37.31
C ASN F 83 -1.28 6.62 37.19
N PRO F 84 -1.85 7.10 38.30
CA PRO F 84 -2.84 8.18 38.17
C PRO F 84 -2.33 9.42 37.43
N ARG F 85 -1.06 9.80 37.63
CA ARG F 85 -0.55 10.99 36.97
C ARG F 85 -0.53 10.83 35.45
N THR F 86 0.00 9.71 34.96
CA THR F 86 0.08 9.51 33.52
C THR F 86 -1.30 9.33 32.88
N ILE F 87 -2.21 8.65 33.57
CA ILE F 87 -3.57 8.50 33.05
C ILE F 87 -4.26 9.85 32.97
N MET F 88 -4.10 10.68 34.02
CA MET F 88 -4.68 12.02 33.99
C MET F 88 -4.08 12.86 32.87
N TYR F 89 -2.77 12.74 32.64
CA TYR F 89 -2.13 13.44 31.54
C TYR F 89 -2.71 12.99 30.20
N ALA F 90 -2.86 11.68 30.01
CA ALA F 90 -3.40 11.15 28.76
C ALA F 90 -4.85 11.55 28.55
N LEU F 91 -5.62 11.73 29.62
CA LEU F 91 -7.01 12.14 29.49
C LEU F 91 -7.18 13.64 29.29
N GLY F 92 -6.10 14.41 29.30
CA GLY F 92 -6.21 15.84 29.14
C GLY F 92 -6.52 16.59 30.42
N GLN F 93 -6.18 16.02 31.57
CA GLN F 93 -6.44 16.63 32.86
C GLN F 93 -5.12 16.95 33.56
N ALA F 94 -5.22 17.71 34.65
CA ALA F 94 -4.05 18.16 35.40
C ALA F 94 -3.48 16.99 36.17
N GLY F 95 -2.52 16.30 35.57
CA GLY F 95 -1.92 15.13 36.18
C GLY F 95 -0.81 15.39 37.17
N PHE F 96 -0.32 16.63 37.25
CA PHE F 96 0.77 16.93 38.17
C PHE F 96 0.30 16.98 39.62
N THR F 97 -1.02 17.01 39.84
CA THR F 97 -1.53 17.02 41.22
C THR F 97 -1.33 15.67 41.89
N ALA F 98 -1.39 14.58 41.12
CA ALA F 98 -1.21 13.24 41.66
C ALA F 98 0.28 12.91 41.78
N ASP F 99 0.57 11.74 42.33
CA ASP F 99 1.94 11.30 42.55
C ASP F 99 2.12 9.88 42.02
N PRO F 100 3.25 9.60 41.35
CA PRO F 100 3.48 8.25 40.83
C PRO F 100 4.08 7.29 41.85
N THR F 101 4.65 7.78 42.95
CA THR F 101 5.28 6.93 43.95
C THR F 101 4.43 6.76 45.21
N ALA F 102 3.12 6.90 45.08
CA ALA F 102 2.23 6.72 46.23
C ALA F 102 2.18 5.25 46.65
N ALA F 103 1.71 5.03 47.86
CA ALA F 103 1.61 3.68 48.42
C ALA F 103 0.20 3.15 48.29
N ARG F 104 0.04 1.82 48.40
CA ARG F 104 -1.31 1.16 48.42
C ARG F 104 -1.44 0.47 49.79
N THR F 105 -2.48 0.73 50.58
CA THR F 105 -2.55 0.24 51.99
C THR F 105 -2.58 -1.27 52.24
N ARG F 106 -3.41 -2.07 51.56
CA ARG F 106 -3.57 -3.53 51.86
C ARG F 106 -3.94 -3.86 53.32
N ALA F 107 -5.23 -3.87 53.70
CA ALA F 107 -5.73 -4.23 55.04
C ALA F 107 -6.04 -5.73 55.03
N VAL F 108 -6.13 -6.37 56.20
CA VAL F 108 -6.32 -7.81 56.30
C VAL F 108 -7.65 -8.08 56.99
N VAL F 109 -8.43 -9.01 56.43
CA VAL F 109 -9.74 -9.34 56.97
C VAL F 109 -9.56 -10.37 58.08
N SER F 110 -10.19 -10.12 59.24
CA SER F 110 -10.07 -10.99 60.39
C SER F 110 -11.37 -11.71 60.73
N ALA F 111 -12.41 -11.56 59.91
CA ALA F 111 -13.68 -12.22 60.18
C ALA F 111 -14.37 -12.51 58.85
N PRO F 112 -14.87 -13.73 58.65
CA PRO F 112 -15.53 -14.05 57.38
C PRO F 112 -16.83 -13.28 57.19
N ALA F 113 -17.14 -12.98 55.94
CA ALA F 113 -18.36 -12.28 55.57
C ALA F 113 -19.09 -13.09 54.50
N ALA F 114 -20.41 -13.18 54.65
CA ALA F 114 -21.24 -13.95 53.74
C ALA F 114 -21.87 -13.03 52.70
N VAL F 115 -22.57 -13.64 51.74
CA VAL F 115 -23.24 -12.87 50.71
C VAL F 115 -24.46 -12.16 51.30
N GLY F 116 -24.63 -10.89 50.96
CA GLY F 116 -25.76 -10.11 51.43
C GLY F 116 -25.45 -9.13 52.55
N VAL F 117 -24.26 -9.19 53.13
CA VAL F 117 -23.86 -8.25 54.19
C VAL F 117 -23.16 -7.08 53.54
N SER F 118 -23.07 -5.97 54.27
CA SER F 118 -22.39 -4.77 53.81
C SER F 118 -21.41 -4.24 54.86
N GLU F 119 -20.99 -5.10 55.78
CA GLU F 119 -20.04 -4.73 56.82
C GLU F 119 -18.93 -5.76 56.86
N ILE F 120 -17.72 -5.31 57.16
CA ILE F 120 -16.55 -6.18 57.20
C ILE F 120 -15.65 -5.75 58.35
N SER F 121 -14.91 -6.73 58.89
CA SER F 121 -14.02 -6.50 60.02
C SER F 121 -12.58 -6.69 59.55
N VAL F 122 -11.74 -5.71 59.83
CA VAL F 122 -10.35 -5.72 59.40
C VAL F 122 -9.43 -5.70 60.61
N GLN F 123 -8.14 -5.94 60.37
CA GLN F 123 -7.17 -5.93 61.46
C GLN F 123 -6.98 -4.53 62.03
N SER F 124 -6.78 -3.54 61.17
CA SER F 124 -6.57 -2.17 61.60
C SER F 124 -6.90 -1.22 60.46
N ALA F 125 -7.66 -0.18 60.77
CA ALA F 125 -8.09 0.81 59.77
C ALA F 125 -7.11 1.97 59.69
N THR F 126 -5.83 1.67 59.45
CA THR F 126 -4.81 2.70 59.31
C THR F 126 -4.54 2.94 57.84
N GLY F 127 -4.67 4.21 57.42
CA GLY F 127 -4.52 4.59 56.03
C GLY F 127 -5.81 4.60 55.24
N LEU F 128 -6.89 4.07 55.81
CA LEU F 128 -8.19 4.04 55.15
C LEU F 128 -9.11 5.07 55.79
N ALA F 129 -9.75 5.88 54.96
CA ALA F 129 -10.64 6.92 55.43
C ALA F 129 -12.00 6.79 54.75
N VAL F 130 -12.95 7.61 55.20
CA VAL F 130 -14.28 7.62 54.62
C VAL F 130 -14.22 8.17 53.20
N GLY F 131 -14.91 7.48 52.29
CA GLY F 131 -14.92 7.89 50.89
C GLY F 131 -13.84 7.27 50.04
N ASP F 132 -12.98 6.44 50.60
CA ASP F 132 -11.93 5.78 49.83
C ASP F 132 -12.50 4.61 49.04
N TRP F 133 -11.75 4.20 48.03
CA TRP F 133 -12.11 3.05 47.20
C TRP F 133 -11.15 1.90 47.47
N VAL F 134 -11.70 0.70 47.62
CA VAL F 134 -10.90 -0.50 47.89
C VAL F 134 -11.32 -1.59 46.93
N ILE F 135 -10.35 -2.38 46.49
CA ILE F 135 -10.59 -3.53 45.61
C ILE F 135 -10.32 -4.80 46.40
N LEU F 136 -11.31 -5.69 46.45
CA LEU F 136 -11.19 -6.93 47.20
C LEU F 136 -10.23 -7.88 46.51
N TYR F 137 -9.31 -8.45 47.29
CA TYR F 137 -8.33 -9.41 46.79
C TYR F 137 -8.56 -10.73 47.51
N ASN F 138 -8.91 -11.77 46.75
CA ASN F 138 -9.19 -13.09 47.30
C ASN F 138 -8.01 -14.02 47.02
N LYS F 139 -7.55 -14.72 48.05
CA LYS F 139 -6.41 -15.63 47.88
C LYS F 139 -6.76 -16.81 46.99
N LEU F 140 -7.95 -17.37 47.16
CA LEU F 140 -8.40 -18.52 46.39
C LEU F 140 -9.68 -18.17 45.64
N GLY F 141 -9.77 -18.62 44.40
CA GLY F 141 -10.91 -18.37 43.55
C GLY F 141 -10.59 -17.43 42.42
N ASP F 142 -11.55 -17.25 41.54
CA ASP F 142 -11.40 -16.37 40.39
C ASP F 142 -11.42 -14.91 40.83
N ASN F 143 -10.79 -14.06 40.03
CA ASN F 143 -10.70 -12.63 40.30
C ASN F 143 -11.82 -11.93 39.53
N ASN F 144 -12.87 -11.54 40.26
CA ASN F 144 -13.99 -10.83 39.65
C ASN F 144 -13.79 -9.32 39.62
N GLY F 145 -12.74 -8.81 40.26
CA GLY F 145 -12.48 -7.38 40.26
C GLY F 145 -13.61 -6.55 40.84
N LEU F 146 -13.84 -6.69 42.14
CA LEU F 146 -14.94 -6.01 42.82
C LEU F 146 -14.40 -4.83 43.60
N ALA F 147 -14.95 -3.65 43.37
CA ALA F 147 -14.52 -2.43 44.03
C ALA F 147 -15.65 -1.87 44.88
N TYR F 148 -15.30 -1.40 46.08
CA TYR F 148 -16.27 -0.87 47.02
C TYR F 148 -15.81 0.48 47.56
N LYS F 149 -16.77 1.31 47.92
CA LYS F 149 -16.49 2.62 48.52
C LYS F 149 -16.79 2.57 50.01
N ILE F 150 -15.85 3.05 50.81
CA ILE F 150 -16.02 3.05 52.26
C ILE F 150 -16.98 4.16 52.65
N ASP F 151 -18.04 3.80 53.38
CA ASP F 151 -19.05 4.76 53.81
C ASP F 151 -18.87 5.23 55.25
N ALA F 152 -18.51 4.34 56.16
CA ALA F 152 -18.31 4.70 57.55
C ALA F 152 -17.35 3.72 58.20
N ILE F 153 -16.45 4.24 59.03
CA ILE F 153 -15.48 3.42 59.76
C ILE F 153 -15.74 3.61 61.24
N ALA F 154 -16.13 2.54 61.91
CA ALA F 154 -16.31 2.53 63.36
C ALA F 154 -15.51 1.38 63.93
N THR F 155 -14.60 1.70 64.86
CA THR F 155 -13.67 0.72 65.43
C THR F 155 -12.95 -0.03 64.31
N ASN F 156 -13.10 -1.36 64.26
CA ASN F 156 -12.51 -2.17 63.23
C ASN F 156 -13.52 -2.62 62.17
N THR F 157 -14.71 -2.03 62.17
CA THR F 157 -15.77 -2.42 61.25
C THR F 157 -15.88 -1.40 60.13
N ILE F 158 -15.84 -1.87 58.89
CA ILE F 158 -15.94 -1.02 57.71
C ILE F 158 -17.26 -1.32 57.00
N THR F 159 -18.04 -0.28 56.74
CA THR F 159 -19.32 -0.40 56.05
C THR F 159 -19.14 0.00 54.60
N LEU F 160 -19.39 -0.94 53.69
CA LEU F 160 -19.24 -0.69 52.27
C LEU F 160 -20.53 -0.10 51.70
N ASP F 161 -20.42 0.50 50.51
CA ASP F 161 -21.57 1.22 49.92
C ASP F 161 -22.69 0.27 49.51
N ARG F 162 -22.37 -0.93 49.06
CA ARG F 162 -23.40 -1.84 48.54
C ARG F 162 -23.18 -3.24 49.07
N ASP F 163 -24.23 -4.07 49.05
CA ASP F 163 -24.13 -5.45 49.60
C ASP F 163 -23.16 -6.30 48.80
N LEU F 164 -22.59 -7.31 49.43
CA LEU F 164 -21.64 -8.23 48.82
C LEU F 164 -22.36 -9.22 47.90
N VAL F 165 -21.70 -9.58 46.80
CA VAL F 165 -22.18 -10.61 45.89
C VAL F 165 -21.30 -11.84 45.92
N ALA F 166 -20.14 -11.77 46.53
CA ALA F 166 -19.25 -12.91 46.70
C ALA F 166 -18.74 -12.93 48.13
N PRO F 167 -18.58 -14.11 48.72
CA PRO F 167 -18.14 -14.18 50.11
C PRO F 167 -16.67 -13.81 50.27
N VAL F 168 -16.35 -13.23 51.41
CA VAL F 168 -14.98 -12.87 51.79
C VAL F 168 -14.58 -13.74 52.97
N ALA F 169 -13.49 -14.48 52.82
CA ALA F 169 -13.01 -15.37 53.86
C ALA F 169 -11.95 -14.66 54.70
N VAL F 170 -11.36 -15.39 55.65
CA VAL F 170 -10.31 -14.86 56.52
C VAL F 170 -8.98 -14.95 55.78
N GLY F 171 -8.24 -13.85 55.78
CA GLY F 171 -6.99 -13.77 55.06
C GLY F 171 -7.06 -12.95 53.78
N ASP F 172 -8.26 -12.58 53.34
CA ASP F 172 -8.40 -11.73 52.16
C ASP F 172 -7.94 -10.32 52.48
N GLU F 173 -7.64 -9.56 51.43
CA GLU F 173 -7.08 -8.23 51.56
C GLU F 173 -7.93 -7.21 50.82
N LEU F 174 -7.94 -5.98 51.34
CA LEU F 174 -8.61 -4.85 50.71
C LEU F 174 -7.54 -3.88 50.23
N VAL F 175 -7.34 -3.82 48.92
CA VAL F 175 -6.28 -3.00 48.33
C VAL F 175 -6.85 -1.63 48.01
N LYS F 176 -6.23 -0.58 48.53
CA LYS F 176 -6.67 0.78 48.26
C LYS F 176 -6.42 1.14 46.80
N SER F 177 -7.31 1.97 46.25
CA SER F 177 -7.24 2.36 44.85
C SER F 177 -7.68 3.81 44.71
N THR F 178 -7.47 4.35 43.51
CA THR F 178 -7.83 5.72 43.18
C THR F 178 -8.82 5.72 42.03
N LEU F 179 -9.84 6.55 42.12
CA LEU F 179 -10.88 6.63 41.11
C LEU F 179 -10.57 7.74 40.12
N ILE F 180 -10.57 7.40 38.83
CA ILE F 180 -10.30 8.36 37.77
C ILE F 180 -11.52 8.40 36.87
N ASN F 181 -12.08 9.61 36.68
CA ASN F 181 -13.23 9.79 35.82
C ASN F 181 -12.80 10.43 34.51
N THR F 182 -13.26 9.85 33.40
CA THR F 182 -12.84 10.29 32.08
C THR F 182 -13.45 11.62 31.67
N ASN F 183 -14.51 12.05 32.34
CA ASN F 183 -15.17 13.31 32.02
C ASN F 183 -14.97 14.30 33.15
N ASN F 184 -14.45 15.48 32.81
CA ASN F 184 -14.29 16.54 33.80
C ASN F 184 -15.50 17.45 33.77
N PRO F 185 -16.29 17.52 34.84
CA PRO F 185 -17.51 18.34 34.81
C PRO F 185 -17.29 19.81 35.10
N ASN F 186 -16.10 20.21 35.55
CA ASN F 186 -15.79 21.60 35.85
C ASN F 186 -15.23 22.35 34.66
N SER F 187 -15.06 21.70 33.51
CA SER F 187 -14.57 22.33 32.30
C SER F 187 -15.75 22.57 31.37
N CYS F 188 -16.03 23.84 31.08
CA CYS F 188 -17.17 24.18 30.22
C CYS F 188 -16.97 23.67 28.80
N SER F 189 -15.76 23.79 28.27
CA SER F 189 -15.47 23.43 26.89
C SER F 189 -14.88 22.03 26.75
N GLY F 190 -14.06 21.60 27.71
CA GLY F 190 -13.39 20.31 27.63
C GLY F 190 -11.94 20.39 27.19
N ALA F 191 -11.42 21.59 26.95
CA ALA F 191 -10.04 21.80 26.54
C ALA F 191 -9.29 22.50 27.66
N GLU F 192 -8.19 21.90 28.10
CA GLU F 192 -7.36 22.45 29.16
C GLU F 192 -5.94 22.61 28.66
N TYR F 193 -5.30 23.71 29.05
CA TYR F 193 -4.00 24.09 28.52
C TYR F 193 -2.93 24.02 29.59
N PHE F 194 -1.72 23.64 29.19
CA PHE F 194 -0.60 23.45 30.08
C PHE F 194 0.65 24.07 29.49
N SER F 195 1.75 23.94 30.21
CA SER F 195 3.08 24.31 29.73
C SER F 195 3.96 23.06 29.63
N ALA F 196 4.96 23.14 28.77
CA ALA F 196 5.82 21.99 28.51
C ALA F 196 7.28 22.41 28.46
N LYS F 197 8.15 21.44 28.71
CA LYS F 197 9.60 21.65 28.65
C LYS F 197 10.26 20.34 28.24
N ILE F 198 11.27 20.41 27.38
CA ILE F 198 11.97 19.25 26.87
C ILE F 198 13.46 19.44 27.14
N VAL F 199 14.10 18.43 27.72
CA VAL F 199 15.51 18.49 28.10
C VAL F 199 16.25 17.32 27.45
N SER F 200 17.38 17.61 26.84
CA SER F 200 18.24 16.59 26.25
C SER F 200 19.68 17.07 26.30
N ALA F 201 20.56 16.36 25.59
CA ALA F 201 21.97 16.71 25.56
C ALA F 201 22.60 16.19 24.27
N ASP F 202 23.74 16.78 23.91
CA ASP F 202 24.50 16.37 22.75
C ASP F 202 25.38 15.17 23.10
N VAL F 203 26.25 14.79 22.15
CA VAL F 203 27.21 13.72 22.42
C VAL F 203 28.29 14.21 23.38
N ASN F 204 28.62 15.50 23.33
CA ASN F 204 29.61 16.09 24.23
C ASN F 204 28.99 16.61 25.52
N CYS F 205 27.80 16.13 25.88
CA CYS F 205 27.11 16.53 27.10
C CYS F 205 26.86 18.05 27.15
N ASN F 206 26.35 18.56 26.03
CA ASN F 206 25.92 19.95 25.94
C ASN F 206 24.40 20.01 26.02
N PRO F 207 23.83 20.63 27.05
CA PRO F 207 22.38 20.55 27.26
C PRO F 207 21.58 21.21 26.15
N ILE F 208 20.40 20.66 25.89
CA ILE F 208 19.43 21.21 24.95
C ILE F 208 18.12 21.38 25.71
N VAL F 209 17.56 22.58 25.68
CA VAL F 209 16.31 22.89 26.37
C VAL F 209 15.33 23.49 25.36
N VAL F 210 14.12 22.91 25.30
CA VAL F 210 13.04 23.41 24.47
C VAL F 210 11.86 23.75 25.36
N ILE F 211 11.33 24.96 25.21
CA ILE F 211 10.29 25.48 26.09
C ILE F 211 9.07 25.85 25.26
N VAL F 212 7.92 25.29 25.62
CA VAL F 212 6.66 25.56 24.93
C VAL F 212 5.69 26.16 25.94
N PRO F 213 5.43 27.47 25.89
CA PRO F 213 4.56 28.09 26.92
C PRO F 213 3.15 27.53 27.00
N LYS F 214 2.54 27.15 25.88
CA LYS F 214 1.19 26.60 25.88
C LYS F 214 1.11 25.38 24.98
N VAL F 215 0.51 24.31 25.49
CA VAL F 215 0.28 23.08 24.73
C VAL F 215 -1.14 22.60 24.98
N GLN F 216 -1.65 21.80 24.05
CA GLN F 216 -2.92 21.11 24.21
C GLN F 216 -2.73 19.64 23.86
N ILE F 217 -3.20 18.76 24.73
CA ILE F 217 -3.08 17.32 24.50
C ILE F 217 -4.28 16.85 23.70
N THR F 218 -4.05 16.49 22.43
CA THR F 218 -5.12 16.12 21.51
C THR F 218 -5.33 14.62 21.40
N SER F 219 -4.58 13.82 22.14
CA SER F 219 -4.73 12.36 22.08
C SER F 219 -5.71 11.91 23.16
N GLY F 220 -5.83 10.59 23.31
CA GLY F 220 -6.69 10.01 24.32
C GLY F 220 -6.03 8.80 24.96
N LEU F 221 -6.73 8.24 25.95
CA LEU F 221 -6.21 7.07 26.65
C LEU F 221 -6.26 5.85 25.74
N ASN F 222 -5.12 5.19 25.59
CA ASN F 222 -4.98 4.02 24.74
C ASN F 222 -4.30 2.92 25.53
N LEU F 223 -5.02 1.85 25.83
CA LEU F 223 -4.50 0.72 26.59
C LEU F 223 -4.74 -0.56 25.80
N ALA F 224 -3.66 -1.27 25.49
CA ALA F 224 -3.72 -2.51 24.72
C ALA F 224 -3.05 -3.61 25.53
N PHE F 225 -3.76 -4.72 25.73
CA PHE F 225 -3.28 -5.82 26.54
C PHE F 225 -2.77 -6.95 25.64
N GLY F 226 -1.64 -7.53 26.03
CA GLY F 226 -1.06 -8.63 25.27
C GLY F 226 0.15 -9.19 25.99
N ALA F 227 0.51 -10.41 25.60
CA ALA F 227 1.63 -11.11 26.21
C ALA F 227 2.92 -10.97 25.41
N THR F 228 2.91 -10.19 24.33
CA THR F 228 4.10 -10.08 23.49
C THR F 228 5.09 -9.04 24.03
N ASP F 229 4.60 -7.82 24.27
CA ASP F 229 5.47 -6.74 24.71
C ASP F 229 4.72 -5.85 25.68
N TYR F 230 5.45 -4.92 26.30
CA TYR F 230 4.88 -4.04 27.31
C TYR F 230 3.94 -3.03 26.66
N ALA F 231 2.82 -2.76 27.35
CA ALA F 231 1.85 -1.79 26.87
C ALA F 231 2.37 -0.37 27.09
N ASN F 232 2.00 0.52 26.18
CA ASN F 232 2.42 1.92 26.23
C ASN F 232 1.30 2.82 25.76
N ILE F 233 1.41 4.10 26.11
CA ILE F 233 0.41 5.11 25.75
C ILE F 233 1.04 6.07 24.74
N ALA F 234 0.37 6.26 23.61
CA ALA F 234 0.83 7.20 22.60
C ALA F 234 0.34 8.60 22.94
N TYR F 235 1.27 9.56 22.96
CA TYR F 235 0.98 10.94 23.32
C TYR F 235 1.04 11.81 22.08
N GLN F 236 0.24 12.88 22.07
CA GLN F 236 0.29 13.89 21.01
C GLN F 236 -0.09 15.24 21.59
N MET F 237 0.70 16.25 21.28
CA MET F 237 0.49 17.61 21.78
C MET F 237 0.65 18.60 20.63
N LYS F 238 0.00 19.75 20.76
CA LYS F 238 0.13 20.82 19.79
C LYS F 238 0.36 22.13 20.52
N ALA F 239 1.20 22.98 19.93
CA ALA F 239 1.51 24.29 20.51
C ALA F 239 0.54 25.34 19.98
N MET F 240 0.18 26.28 20.86
CA MET F 240 -0.79 27.30 20.53
C MET F 240 -0.25 28.67 20.93
N ALA F 241 -0.82 29.71 20.33
CA ALA F 241 -0.43 31.07 20.63
C ALA F 241 -1.22 31.62 21.82
N LEU F 242 -0.53 32.35 22.69
CA LEU F 242 -1.13 32.89 23.89
C LEU F 242 -1.91 34.16 23.59
N THR F 243 -2.87 34.45 24.46
CA THR F 243 -3.71 35.65 24.37
C THR F 243 -3.42 36.55 25.57
N ARG F 244 -4.15 37.67 25.63
CA ARG F 244 -3.95 38.65 26.69
C ARG F 244 -4.29 38.06 28.05
N LYS F 245 -5.40 37.31 28.13
CA LYS F 245 -5.84 36.76 29.40
C LYS F 245 -5.03 35.55 29.84
N ASP F 246 -4.30 34.92 28.92
CA ASP F 246 -3.54 33.72 29.26
C ASP F 246 -2.34 34.06 30.14
N ALA F 247 -2.06 33.19 31.10
CA ALA F 247 -0.88 33.36 31.93
C ALA F 247 0.38 33.12 31.13
N GLY F 248 1.42 33.88 31.44
CA GLY F 248 2.66 33.81 30.68
C GLY F 248 2.68 34.62 29.40
N TYR F 249 1.73 35.54 29.22
CA TYR F 249 1.71 36.36 28.01
C TYR F 249 2.94 37.25 27.92
N ASP F 250 3.47 37.68 29.07
CA ASP F 250 4.66 38.52 29.06
C ASP F 250 5.86 37.78 28.47
N LEU F 251 6.02 36.50 28.82
CA LEU F 251 7.08 35.70 28.22
C LEU F 251 6.85 35.51 26.72
N TYR F 252 5.58 35.42 26.30
CA TYR F 252 5.27 35.20 24.89
C TYR F 252 5.70 36.37 24.03
N VAL F 253 5.34 37.60 24.45
CA VAL F 253 5.67 38.78 23.66
C VAL F 253 7.13 39.19 23.82
N GLN F 254 7.79 38.78 24.91
CA GLN F 254 9.18 39.13 25.10
C GLN F 254 10.08 38.42 24.09
N HIS F 255 9.70 37.20 23.69
CA HIS F 255 10.48 36.40 22.74
C HIS F 255 9.91 36.49 21.34
N GLY F 256 9.39 37.65 20.94
CA GLY F 256 8.93 37.83 19.58
C GLY F 256 7.69 37.05 19.20
N LYS F 257 6.81 36.76 20.16
CA LYS F 257 5.58 36.02 19.91
C LYS F 257 5.89 34.64 19.29
N SER F 258 6.84 33.94 19.87
CA SER F 258 7.24 32.62 19.40
C SER F 258 6.52 31.52 20.18
N LYS F 259 5.97 30.56 19.46
CA LYS F 259 5.35 29.40 20.11
C LYS F 259 6.38 28.53 20.79
N VAL F 260 7.55 28.36 20.17
CA VAL F 260 8.62 27.52 20.69
C VAL F 260 9.94 28.26 20.51
N PHE F 261 10.75 28.28 21.57
CA PHE F 261 12.10 28.81 21.47
C PHE F 261 13.07 27.84 22.12
N LEU F 262 14.28 27.79 21.57
CA LEU F 262 15.28 26.80 21.94
C LEU F 262 16.46 27.47 22.62
N LEU F 263 17.15 26.73 23.48
CA LEU F 263 18.39 27.17 24.11
C LEU F 263 19.46 26.11 23.87
N THR F 264 20.17 26.22 22.75
CA THR F 264 21.20 25.26 22.41
C THR F 264 22.59 25.88 22.50
#